data_6SQF
# 
_entry.id   6SQF 
# 
_audit_conform.dict_name       mmcif_pdbx.dic 
_audit_conform.dict_version    5.392 
_audit_conform.dict_location   http://mmcif.pdb.org/dictionaries/ascii/mmcif_pdbx.dic 
# 
loop_
_database_2.database_id 
_database_2.database_code 
_database_2.pdbx_database_accession 
_database_2.pdbx_DOI 
PDB   6SQF         pdb_00006sqf 10.2210/pdb6sqf/pdb 
WWPDB D_1292104151 ?            ?                   
# 
loop_
_pdbx_audit_revision_history.ordinal 
_pdbx_audit_revision_history.data_content_type 
_pdbx_audit_revision_history.major_revision 
_pdbx_audit_revision_history.minor_revision 
_pdbx_audit_revision_history.revision_date 
1 'Structure model' 1 0 2020-09-30 
2 'Structure model' 1 1 2024-05-15 
# 
_pdbx_audit_revision_details.ordinal             1 
_pdbx_audit_revision_details.revision_ordinal    1 
_pdbx_audit_revision_details.data_content_type   'Structure model' 
_pdbx_audit_revision_details.provider            repository 
_pdbx_audit_revision_details.type                'Initial release' 
_pdbx_audit_revision_details.description         ? 
_pdbx_audit_revision_details.details             ? 
# 
loop_
_pdbx_audit_revision_group.ordinal 
_pdbx_audit_revision_group.revision_ordinal 
_pdbx_audit_revision_group.data_content_type 
_pdbx_audit_revision_group.group 
1 2 'Structure model' 'Data collection'     
2 2 'Structure model' 'Database references' 
# 
loop_
_pdbx_audit_revision_category.ordinal 
_pdbx_audit_revision_category.revision_ordinal 
_pdbx_audit_revision_category.data_content_type 
_pdbx_audit_revision_category.category 
1 2 'Structure model' chem_comp_atom 
2 2 'Structure model' chem_comp_bond 
3 2 'Structure model' database_2     
# 
loop_
_pdbx_audit_revision_item.ordinal 
_pdbx_audit_revision_item.revision_ordinal 
_pdbx_audit_revision_item.data_content_type 
_pdbx_audit_revision_item.item 
1 2 'Structure model' '_database_2.pdbx_DOI'                
2 2 'Structure model' '_database_2.pdbx_database_accession' 
# 
_pdbx_database_status.status_code                     REL 
_pdbx_database_status.status_code_sf                  REL 
_pdbx_database_status.status_code_mr                  ? 
_pdbx_database_status.entry_id                        6SQF 
_pdbx_database_status.recvd_initial_deposition_date   2019-09-03 
_pdbx_database_status.SG_entry                        N 
_pdbx_database_status.deposit_site                    PDBE 
_pdbx_database_status.process_site                    PDBE 
_pdbx_database_status.status_code_cs                  ? 
_pdbx_database_status.methods_development_category    ? 
_pdbx_database_status.pdb_format_compatible           Y 
_pdbx_database_status.status_code_nmr_data            ? 
# 
loop_
_audit_author.name 
_audit_author.pdbx_ordinal 
_audit_author.identifier_ORCID 
'Bedi, R.K.'   1 ? 
'Laul, E.'     2 ? 
'Nevado, C.'   3 ? 
'Caflisch, A.' 4 ? 
# 
_citation.abstract                  ? 
_citation.abstract_id_CAS           ? 
_citation.book_id_ISBN              ? 
_citation.book_publisher            ? 
_citation.book_publisher_city       ? 
_citation.book_title                ? 
_citation.coordinate_linkage        ? 
_citation.country                   ? 
_citation.database_id_Medline       ? 
_citation.details                   ? 
_citation.id                        primary 
_citation.journal_abbrev            'To Be Published' 
_citation.journal_id_ASTM           ? 
_citation.journal_id_CSD            0353 
_citation.journal_id_ISSN           ? 
_citation.journal_full              ? 
_citation.journal_issue             ? 
_citation.journal_volume            ? 
_citation.language                  ? 
_citation.page_first                ? 
_citation.page_last                 ? 
_citation.title                     'Crystal structure of CREBBP bromodomain complexed with LB32A' 
_citation.year                      ? 
_citation.database_id_CSD           ? 
_citation.pdbx_database_id_DOI      ? 
_citation.pdbx_database_id_PubMed   ? 
_citation.unpublished_flag          ? 
# 
loop_
_citation_author.citation_id 
_citation_author.name 
_citation_author.ordinal 
_citation_author.identifier_ORCID 
primary 'Bedi, R.K.'   1 ? 
primary 'Laul, E.'     2 ? 
primary 'Nevado, C.'   3 ? 
primary 'Caflisch, A.' 4 ? 
# 
loop_
_entity.id 
_entity.type 
_entity.src_method 
_entity.pdbx_description 
_entity.formula_weight 
_entity.pdbx_number_of_molecules 
_entity.pdbx_ec 
_entity.pdbx_mutation 
_entity.pdbx_fragment 
_entity.details 
1 polymer     man 'CREB-binding protein' 14223.349 1   2.3.1.48 ? ? ? 
2 non-polymer syn 
;~{N}-[3-[[5-ethanoyl-2-[2-(2-oxa-6-azaspiro[3.3]heptan-6-yl)ethoxy]phenyl]carbamoyl]-5-(1-methylpyrazol-3-yl)phenyl]furan-2-carboxamide
;
569.608   1   ?        ? ? ? 
3 water       nat water 18.015    145 ?        ? ? ? 
# 
_entity_poly.entity_id                      1 
_entity_poly.type                           'polypeptide(L)' 
_entity_poly.nstd_linkage                   no 
_entity_poly.nstd_monomer                   no 
_entity_poly.pdbx_seq_one_letter_code       
;SMRKKIFKPEELRQALMPTLEALYRQDPESLPFRQPVDPQLLGIPDYFDIVKNPMDLSTIKRKLDTGQYQEPWQYVDDVW
LMFNNAWLYNRKTSRVYKFCSKLAEVFEQEIDPVMQSLG
;
_entity_poly.pdbx_seq_one_letter_code_can   
;SMRKKIFKPEELRQALMPTLEALYRQDPESLPFRQPVDPQLLGIPDYFDIVKNPMDLSTIKRKLDTGQYQEPWQYVDDVW
LMFNNAWLYNRKTSRVYKFCSKLAEVFEQEIDPVMQSLG
;
_entity_poly.pdbx_strand_id                 A 
_entity_poly.pdbx_target_identifier         ? 
# 
loop_
_pdbx_entity_nonpoly.entity_id 
_pdbx_entity_nonpoly.name 
_pdbx_entity_nonpoly.comp_id 
2 
;~{N}-[3-[[5-ethanoyl-2-[2-(2-oxa-6-azaspiro[3.3]heptan-6-yl)ethoxy]phenyl]carbamoyl]-5-(1-methylpyrazol-3-yl)phenyl]furan-2-carboxamide
;
LTW 
3 water HOH 
# 
loop_
_entity_poly_seq.entity_id 
_entity_poly_seq.num 
_entity_poly_seq.mon_id 
_entity_poly_seq.hetero 
1 1   SER n 
1 2   MET n 
1 3   ARG n 
1 4   LYS n 
1 5   LYS n 
1 6   ILE n 
1 7   PHE n 
1 8   LYS n 
1 9   PRO n 
1 10  GLU n 
1 11  GLU n 
1 12  LEU n 
1 13  ARG n 
1 14  GLN n 
1 15  ALA n 
1 16  LEU n 
1 17  MET n 
1 18  PRO n 
1 19  THR n 
1 20  LEU n 
1 21  GLU n 
1 22  ALA n 
1 23  LEU n 
1 24  TYR n 
1 25  ARG n 
1 26  GLN n 
1 27  ASP n 
1 28  PRO n 
1 29  GLU n 
1 30  SER n 
1 31  LEU n 
1 32  PRO n 
1 33  PHE n 
1 34  ARG n 
1 35  GLN n 
1 36  PRO n 
1 37  VAL n 
1 38  ASP n 
1 39  PRO n 
1 40  GLN n 
1 41  LEU n 
1 42  LEU n 
1 43  GLY n 
1 44  ILE n 
1 45  PRO n 
1 46  ASP n 
1 47  TYR n 
1 48  PHE n 
1 49  ASP n 
1 50  ILE n 
1 51  VAL n 
1 52  LYS n 
1 53  ASN n 
1 54  PRO n 
1 55  MET n 
1 56  ASP n 
1 57  LEU n 
1 58  SER n 
1 59  THR n 
1 60  ILE n 
1 61  LYS n 
1 62  ARG n 
1 63  LYS n 
1 64  LEU n 
1 65  ASP n 
1 66  THR n 
1 67  GLY n 
1 68  GLN n 
1 69  TYR n 
1 70  GLN n 
1 71  GLU n 
1 72  PRO n 
1 73  TRP n 
1 74  GLN n 
1 75  TYR n 
1 76  VAL n 
1 77  ASP n 
1 78  ASP n 
1 79  VAL n 
1 80  TRP n 
1 81  LEU n 
1 82  MET n 
1 83  PHE n 
1 84  ASN n 
1 85  ASN n 
1 86  ALA n 
1 87  TRP n 
1 88  LEU n 
1 89  TYR n 
1 90  ASN n 
1 91  ARG n 
1 92  LYS n 
1 93  THR n 
1 94  SER n 
1 95  ARG n 
1 96  VAL n 
1 97  TYR n 
1 98  LYS n 
1 99  PHE n 
1 100 CYS n 
1 101 SER n 
1 102 LYS n 
1 103 LEU n 
1 104 ALA n 
1 105 GLU n 
1 106 VAL n 
1 107 PHE n 
1 108 GLU n 
1 109 GLN n 
1 110 GLU n 
1 111 ILE n 
1 112 ASP n 
1 113 PRO n 
1 114 VAL n 
1 115 MET n 
1 116 GLN n 
1 117 SER n 
1 118 LEU n 
1 119 GLY n 
# 
_entity_src_gen.entity_id                          1 
_entity_src_gen.pdbx_src_id                        1 
_entity_src_gen.pdbx_alt_source_flag               sample 
_entity_src_gen.pdbx_seq_type                      'Biological sequence' 
_entity_src_gen.pdbx_beg_seq_num                   1 
_entity_src_gen.pdbx_end_seq_num                   119 
_entity_src_gen.gene_src_common_name               Human 
_entity_src_gen.gene_src_genus                     ? 
_entity_src_gen.pdbx_gene_src_gene                 'CREBBP, CBP' 
_entity_src_gen.gene_src_species                   ? 
_entity_src_gen.gene_src_strain                    ? 
_entity_src_gen.gene_src_tissue                    ? 
_entity_src_gen.gene_src_tissue_fraction           ? 
_entity_src_gen.gene_src_details                   ? 
_entity_src_gen.pdbx_gene_src_fragment             ? 
_entity_src_gen.pdbx_gene_src_scientific_name      'Homo sapiens' 
_entity_src_gen.pdbx_gene_src_ncbi_taxonomy_id     9606 
_entity_src_gen.pdbx_gene_src_variant              ? 
_entity_src_gen.pdbx_gene_src_cell_line            ? 
_entity_src_gen.pdbx_gene_src_atcc                 ? 
_entity_src_gen.pdbx_gene_src_organ                ? 
_entity_src_gen.pdbx_gene_src_organelle            ? 
_entity_src_gen.pdbx_gene_src_cell                 ? 
_entity_src_gen.pdbx_gene_src_cellular_location    ? 
_entity_src_gen.host_org_common_name               ? 
_entity_src_gen.pdbx_host_org_scientific_name      'Escherichia coli BL21(DE3)' 
_entity_src_gen.pdbx_host_org_ncbi_taxonomy_id     469008 
_entity_src_gen.host_org_genus                     ? 
_entity_src_gen.pdbx_host_org_gene                 ? 
_entity_src_gen.pdbx_host_org_organ                ? 
_entity_src_gen.host_org_species                   ? 
_entity_src_gen.pdbx_host_org_tissue               ? 
_entity_src_gen.pdbx_host_org_tissue_fraction      ? 
_entity_src_gen.pdbx_host_org_strain               ? 
_entity_src_gen.pdbx_host_org_variant              ? 
_entity_src_gen.pdbx_host_org_cell_line            ? 
_entity_src_gen.pdbx_host_org_atcc                 ? 
_entity_src_gen.pdbx_host_org_culture_collection   ? 
_entity_src_gen.pdbx_host_org_cell                 ? 
_entity_src_gen.pdbx_host_org_organelle            ? 
_entity_src_gen.pdbx_host_org_cellular_location    ? 
_entity_src_gen.pdbx_host_org_vector_type          ? 
_entity_src_gen.pdbx_host_org_vector               ? 
_entity_src_gen.host_org_details                   ? 
_entity_src_gen.expression_system_id               ? 
_entity_src_gen.plasmid_name                       ? 
_entity_src_gen.plasmid_details                    ? 
_entity_src_gen.pdbx_description                   ? 
# 
loop_
_chem_comp.id 
_chem_comp.type 
_chem_comp.mon_nstd_flag 
_chem_comp.name 
_chem_comp.pdbx_synonyms 
_chem_comp.formula 
_chem_comp.formula_weight 
ALA 'L-peptide linking' y ALANINE ? 'C3 H7 N O2'     89.093  
ARG 'L-peptide linking' y ARGININE ? 'C6 H15 N4 O2 1' 175.209 
ASN 'L-peptide linking' y ASPARAGINE ? 'C4 H8 N2 O3'    132.118 
ASP 'L-peptide linking' y 'ASPARTIC ACID' ? 'C4 H7 N O4'     133.103 
CYS 'L-peptide linking' y CYSTEINE ? 'C3 H7 N O2 S'   121.158 
GLN 'L-peptide linking' y GLUTAMINE ? 'C5 H10 N2 O3'   146.144 
GLU 'L-peptide linking' y 'GLUTAMIC ACID' ? 'C5 H9 N O4'     147.129 
GLY 'peptide linking'   y GLYCINE ? 'C2 H5 N O2'     75.067  
HOH non-polymer         . WATER ? 'H2 O'           18.015  
ILE 'L-peptide linking' y ISOLEUCINE ? 'C6 H13 N O2'    131.173 
LEU 'L-peptide linking' y LEUCINE ? 'C6 H13 N O2'    131.173 
LTW non-polymer         . 
;~{N}-[3-[[5-ethanoyl-2-[2-(2-oxa-6-azaspiro[3.3]heptan-6-yl)ethoxy]phenyl]carbamoyl]-5-(1-methylpyrazol-3-yl)phenyl]furan-2-carboxamide
;
? 'C31 H31 N5 O6'  569.608 
LYS 'L-peptide linking' y LYSINE ? 'C6 H15 N2 O2 1' 147.195 
MET 'L-peptide linking' y METHIONINE ? 'C5 H11 N O2 S'  149.211 
PHE 'L-peptide linking' y PHENYLALANINE ? 'C9 H11 N O2'    165.189 
PRO 'L-peptide linking' y PROLINE ? 'C5 H9 N O2'     115.130 
SER 'L-peptide linking' y SERINE ? 'C3 H7 N O3'     105.093 
THR 'L-peptide linking' y THREONINE ? 'C4 H9 N O3'     119.119 
TRP 'L-peptide linking' y TRYPTOPHAN ? 'C11 H12 N2 O2'  204.225 
TYR 'L-peptide linking' y TYROSINE ? 'C9 H11 N O3'    181.189 
VAL 'L-peptide linking' y VALINE ? 'C5 H11 N O2'    117.146 
# 
loop_
_pdbx_poly_seq_scheme.asym_id 
_pdbx_poly_seq_scheme.entity_id 
_pdbx_poly_seq_scheme.seq_id 
_pdbx_poly_seq_scheme.mon_id 
_pdbx_poly_seq_scheme.ndb_seq_num 
_pdbx_poly_seq_scheme.pdb_seq_num 
_pdbx_poly_seq_scheme.auth_seq_num 
_pdbx_poly_seq_scheme.pdb_mon_id 
_pdbx_poly_seq_scheme.auth_mon_id 
_pdbx_poly_seq_scheme.pdb_strand_id 
_pdbx_poly_seq_scheme.pdb_ins_code 
_pdbx_poly_seq_scheme.hetero 
A 1 1   SER 1   1079 ?    ?   ?   A . n 
A 1 2   MET 2   1080 ?    ?   ?   A . n 
A 1 3   ARG 3   1081 ?    ?   ?   A . n 
A 1 4   LYS 4   1082 1082 LYS LYS A . n 
A 1 5   LYS 5   1083 1083 LYS LYS A . n 
A 1 6   ILE 6   1084 1084 ILE ILE A . n 
A 1 7   PHE 7   1085 1085 PHE PHE A . n 
A 1 8   LYS 8   1086 1086 LYS LYS A . n 
A 1 9   PRO 9   1087 1087 PRO PRO A . n 
A 1 10  GLU 10  1088 1088 GLU GLU A . n 
A 1 11  GLU 11  1089 1089 GLU GLU A . n 
A 1 12  LEU 12  1090 1090 LEU LEU A . n 
A 1 13  ARG 13  1091 1091 ARG ARG A . n 
A 1 14  GLN 14  1092 1092 GLN GLN A . n 
A 1 15  ALA 15  1093 1093 ALA ALA A . n 
A 1 16  LEU 16  1094 1094 LEU LEU A . n 
A 1 17  MET 17  1095 1095 MET MET A . n 
A 1 18  PRO 18  1096 1096 PRO PRO A . n 
A 1 19  THR 19  1097 1097 THR THR A . n 
A 1 20  LEU 20  1098 1098 LEU LEU A . n 
A 1 21  GLU 21  1099 1099 GLU GLU A . n 
A 1 22  ALA 22  1100 1100 ALA ALA A . n 
A 1 23  LEU 23  1101 1101 LEU LEU A . n 
A 1 24  TYR 24  1102 1102 TYR TYR A . n 
A 1 25  ARG 25  1103 1103 ARG ARG A . n 
A 1 26  GLN 26  1104 1104 GLN GLN A . n 
A 1 27  ASP 27  1105 1105 ASP ASP A . n 
A 1 28  PRO 28  1106 1106 PRO PRO A . n 
A 1 29  GLU 29  1107 1107 GLU GLU A . n 
A 1 30  SER 30  1108 1108 SER SER A . n 
A 1 31  LEU 31  1109 1109 LEU LEU A . n 
A 1 32  PRO 32  1110 1110 PRO PRO A . n 
A 1 33  PHE 33  1111 1111 PHE PHE A . n 
A 1 34  ARG 34  1112 1112 ARG ARG A . n 
A 1 35  GLN 35  1113 1113 GLN GLN A . n 
A 1 36  PRO 36  1114 1114 PRO PRO A . n 
A 1 37  VAL 37  1115 1115 VAL VAL A . n 
A 1 38  ASP 38  1116 1116 ASP ASP A . n 
A 1 39  PRO 39  1117 1117 PRO PRO A . n 
A 1 40  GLN 40  1118 1118 GLN GLN A . n 
A 1 41  LEU 41  1119 1119 LEU LEU A . n 
A 1 42  LEU 42  1120 1120 LEU LEU A . n 
A 1 43  GLY 43  1121 1121 GLY GLY A . n 
A 1 44  ILE 44  1122 1122 ILE ILE A . n 
A 1 45  PRO 45  1123 1123 PRO PRO A . n 
A 1 46  ASP 46  1124 1124 ASP ASP A . n 
A 1 47  TYR 47  1125 1125 TYR TYR A . n 
A 1 48  PHE 48  1126 1126 PHE PHE A . n 
A 1 49  ASP 49  1127 1127 ASP ASP A . n 
A 1 50  ILE 50  1128 1128 ILE ILE A . n 
A 1 51  VAL 51  1129 1129 VAL VAL A . n 
A 1 52  LYS 52  1130 1130 LYS LYS A . n 
A 1 53  ASN 53  1131 1131 ASN ASN A . n 
A 1 54  PRO 54  1132 1132 PRO PRO A . n 
A 1 55  MET 55  1133 1133 MET MET A . n 
A 1 56  ASP 56  1134 1134 ASP ASP A . n 
A 1 57  LEU 57  1135 1135 LEU LEU A . n 
A 1 58  SER 58  1136 1136 SER SER A . n 
A 1 59  THR 59  1137 1137 THR THR A . n 
A 1 60  ILE 60  1138 1138 ILE ILE A . n 
A 1 61  LYS 61  1139 1139 LYS LYS A . n 
A 1 62  ARG 62  1140 1140 ARG ARG A . n 
A 1 63  LYS 63  1141 1141 LYS LYS A . n 
A 1 64  LEU 64  1142 1142 LEU LEU A . n 
A 1 65  ASP 65  1143 1143 ASP ASP A . n 
A 1 66  THR 66  1144 1144 THR THR A . n 
A 1 67  GLY 67  1145 1145 GLY GLY A . n 
A 1 68  GLN 68  1146 1146 GLN GLN A . n 
A 1 69  TYR 69  1147 1147 TYR TYR A . n 
A 1 70  GLN 70  1148 1148 GLN GLN A . n 
A 1 71  GLU 71  1149 1149 GLU GLU A . n 
A 1 72  PRO 72  1150 1150 PRO PRO A . n 
A 1 73  TRP 73  1151 1151 TRP TRP A . n 
A 1 74  GLN 74  1152 1152 GLN GLN A . n 
A 1 75  TYR 75  1153 1153 TYR TYR A . n 
A 1 76  VAL 76  1154 1154 VAL VAL A . n 
A 1 77  ASP 77  1155 1155 ASP ASP A . n 
A 1 78  ASP 78  1156 1156 ASP ASP A . n 
A 1 79  VAL 79  1157 1157 VAL VAL A . n 
A 1 80  TRP 80  1158 1158 TRP TRP A . n 
A 1 81  LEU 81  1159 1159 LEU LEU A . n 
A 1 82  MET 82  1160 1160 MET MET A . n 
A 1 83  PHE 83  1161 1161 PHE PHE A . n 
A 1 84  ASN 84  1162 1162 ASN ASN A . n 
A 1 85  ASN 85  1163 1163 ASN ASN A . n 
A 1 86  ALA 86  1164 1164 ALA ALA A . n 
A 1 87  TRP 87  1165 1165 TRP TRP A . n 
A 1 88  LEU 88  1166 1166 LEU LEU A . n 
A 1 89  TYR 89  1167 1167 TYR TYR A . n 
A 1 90  ASN 90  1168 1168 ASN ASN A . n 
A 1 91  ARG 91  1169 1169 ARG ARG A . n 
A 1 92  LYS 92  1170 1170 LYS LYS A . n 
A 1 93  THR 93  1171 1171 THR THR A . n 
A 1 94  SER 94  1172 1172 SER SER A . n 
A 1 95  ARG 95  1173 1173 ARG ARG A . n 
A 1 96  VAL 96  1174 1174 VAL VAL A . n 
A 1 97  TYR 97  1175 1175 TYR TYR A . n 
A 1 98  LYS 98  1176 1176 LYS LYS A . n 
A 1 99  PHE 99  1177 1177 PHE PHE A . n 
A 1 100 CYS 100 1178 1178 CYS CYS A . n 
A 1 101 SER 101 1179 1179 SER SER A . n 
A 1 102 LYS 102 1180 1180 LYS LYS A . n 
A 1 103 LEU 103 1181 1181 LEU LEU A . n 
A 1 104 ALA 104 1182 1182 ALA ALA A . n 
A 1 105 GLU 105 1183 1183 GLU GLU A . n 
A 1 106 VAL 106 1184 1184 VAL VAL A . n 
A 1 107 PHE 107 1185 1185 PHE PHE A . n 
A 1 108 GLU 108 1186 1186 GLU GLU A . n 
A 1 109 GLN 109 1187 1187 GLN GLN A . n 
A 1 110 GLU 110 1188 1188 GLU GLU A . n 
A 1 111 ILE 111 1189 1189 ILE ILE A . n 
A 1 112 ASP 112 1190 1190 ASP ASP A . n 
A 1 113 PRO 113 1191 1191 PRO PRO A . n 
A 1 114 VAL 114 1192 1192 VAL VAL A . n 
A 1 115 MET 115 1193 1193 MET MET A . n 
A 1 116 GLN 116 1194 1194 GLN GLN A . n 
A 1 117 SER 117 1195 1195 SER SER A . n 
A 1 118 LEU 118 1196 1196 LEU LEU A . n 
A 1 119 GLY 119 1197 1197 GLY GLY A . n 
# 
loop_
_pdbx_nonpoly_scheme.asym_id 
_pdbx_nonpoly_scheme.entity_id 
_pdbx_nonpoly_scheme.mon_id 
_pdbx_nonpoly_scheme.ndb_seq_num 
_pdbx_nonpoly_scheme.pdb_seq_num 
_pdbx_nonpoly_scheme.auth_seq_num 
_pdbx_nonpoly_scheme.pdb_mon_id 
_pdbx_nonpoly_scheme.auth_mon_id 
_pdbx_nonpoly_scheme.pdb_strand_id 
_pdbx_nonpoly_scheme.pdb_ins_code 
B 2 LTW 1   1201 1   LTW LIG A . 
C 3 HOH 1   1301 96  HOH HOH A . 
C 3 HOH 2   1302 31  HOH HOH A . 
C 3 HOH 3   1303 137 HOH HOH A . 
C 3 HOH 4   1304 59  HOH HOH A . 
C 3 HOH 5   1305 72  HOH HOH A . 
C 3 HOH 6   1306 32  HOH HOH A . 
C 3 HOH 7   1307 56  HOH HOH A . 
C 3 HOH 8   1308 78  HOH HOH A . 
C 3 HOH 9   1309 156 HOH HOH A . 
C 3 HOH 10  1310 68  HOH HOH A . 
C 3 HOH 11  1311 53  HOH HOH A . 
C 3 HOH 12  1312 103 HOH HOH A . 
C 3 HOH 13  1313 42  HOH HOH A . 
C 3 HOH 14  1314 37  HOH HOH A . 
C 3 HOH 15  1315 58  HOH HOH A . 
C 3 HOH 16  1316 1   HOH HOH A . 
C 3 HOH 17  1317 109 HOH HOH A . 
C 3 HOH 18  1318 131 HOH HOH A . 
C 3 HOH 19  1319 33  HOH HOH A . 
C 3 HOH 20  1320 125 HOH HOH A . 
C 3 HOH 21  1321 6   HOH HOH A . 
C 3 HOH 22  1322 17  HOH HOH A . 
C 3 HOH 23  1323 60  HOH HOH A . 
C 3 HOH 24  1324 63  HOH HOH A . 
C 3 HOH 25  1325 35  HOH HOH A . 
C 3 HOH 26  1326 15  HOH HOH A . 
C 3 HOH 27  1327 87  HOH HOH A . 
C 3 HOH 28  1328 145 HOH HOH A . 
C 3 HOH 29  1329 144 HOH HOH A . 
C 3 HOH 30  1330 19  HOH HOH A . 
C 3 HOH 31  1331 135 HOH HOH A . 
C 3 HOH 32  1332 41  HOH HOH A . 
C 3 HOH 33  1333 57  HOH HOH A . 
C 3 HOH 34  1334 25  HOH HOH A . 
C 3 HOH 35  1335 99  HOH HOH A . 
C 3 HOH 36  1336 50  HOH HOH A . 
C 3 HOH 37  1337 79  HOH HOH A . 
C 3 HOH 38  1338 11  HOH HOH A . 
C 3 HOH 39  1339 9   HOH HOH A . 
C 3 HOH 40  1340 77  HOH HOH A . 
C 3 HOH 41  1341 67  HOH HOH A . 
C 3 HOH 42  1342 66  HOH HOH A . 
C 3 HOH 43  1343 12  HOH HOH A . 
C 3 HOH 44  1344 75  HOH HOH A . 
C 3 HOH 45  1345 151 HOH HOH A . 
C 3 HOH 46  1346 52  HOH HOH A . 
C 3 HOH 47  1347 24  HOH HOH A . 
C 3 HOH 48  1348 14  HOH HOH A . 
C 3 HOH 49  1349 22  HOH HOH A . 
C 3 HOH 50  1350 29  HOH HOH A . 
C 3 HOH 51  1351 51  HOH HOH A . 
C 3 HOH 52  1352 7   HOH HOH A . 
C 3 HOH 53  1353 127 HOH HOH A . 
C 3 HOH 54  1354 80  HOH HOH A . 
C 3 HOH 55  1355 106 HOH HOH A . 
C 3 HOH 56  1356 128 HOH HOH A . 
C 3 HOH 57  1357 13  HOH HOH A . 
C 3 HOH 58  1358 10  HOH HOH A . 
C 3 HOH 59  1359 65  HOH HOH A . 
C 3 HOH 60  1360 34  HOH HOH A . 
C 3 HOH 61  1361 16  HOH HOH A . 
C 3 HOH 62  1362 20  HOH HOH A . 
C 3 HOH 63  1363 47  HOH HOH A . 
C 3 HOH 64  1364 8   HOH HOH A . 
C 3 HOH 65  1365 142 HOH HOH A . 
C 3 HOH 66  1366 40  HOH HOH A . 
C 3 HOH 67  1367 83  HOH HOH A . 
C 3 HOH 68  1368 21  HOH HOH A . 
C 3 HOH 69  1369 18  HOH HOH A . 
C 3 HOH 70  1370 115 HOH HOH A . 
C 3 HOH 71  1371 84  HOH HOH A . 
C 3 HOH 72  1372 82  HOH HOH A . 
C 3 HOH 73  1373 4   HOH HOH A . 
C 3 HOH 74  1374 28  HOH HOH A . 
C 3 HOH 75  1375 141 HOH HOH A . 
C 3 HOH 76  1376 55  HOH HOH A . 
C 3 HOH 77  1377 43  HOH HOH A . 
C 3 HOH 78  1378 90  HOH HOH A . 
C 3 HOH 79  1379 30  HOH HOH A . 
C 3 HOH 80  1380 93  HOH HOH A . 
C 3 HOH 81  1381 5   HOH HOH A . 
C 3 HOH 82  1382 81  HOH HOH A . 
C 3 HOH 83  1383 46  HOH HOH A . 
C 3 HOH 84  1384 98  HOH HOH A . 
C 3 HOH 85  1385 23  HOH HOH A . 
C 3 HOH 86  1386 146 HOH HOH A . 
C 3 HOH 87  1387 88  HOH HOH A . 
C 3 HOH 88  1388 2   HOH HOH A . 
C 3 HOH 89  1389 26  HOH HOH A . 
C 3 HOH 90  1390 94  HOH HOH A . 
C 3 HOH 91  1391 69  HOH HOH A . 
C 3 HOH 92  1392 111 HOH HOH A . 
C 3 HOH 93  1393 3   HOH HOH A . 
C 3 HOH 94  1394 92  HOH HOH A . 
C 3 HOH 95  1395 49  HOH HOH A . 
C 3 HOH 96  1396 36  HOH HOH A . 
C 3 HOH 97  1397 61  HOH HOH A . 
C 3 HOH 98  1398 76  HOH HOH A . 
C 3 HOH 99  1399 118 HOH HOH A . 
C 3 HOH 100 1400 62  HOH HOH A . 
C 3 HOH 101 1401 38  HOH HOH A . 
C 3 HOH 102 1402 133 HOH HOH A . 
C 3 HOH 103 1403 113 HOH HOH A . 
C 3 HOH 104 1404 124 HOH HOH A . 
C 3 HOH 105 1405 27  HOH HOH A . 
C 3 HOH 106 1406 85  HOH HOH A . 
C 3 HOH 107 1407 54  HOH HOH A . 
C 3 HOH 108 1408 97  HOH HOH A . 
C 3 HOH 109 1409 107 HOH HOH A . 
C 3 HOH 110 1410 138 HOH HOH A . 
C 3 HOH 111 1411 148 HOH HOH A . 
C 3 HOH 112 1412 116 HOH HOH A . 
C 3 HOH 113 1413 153 HOH HOH A . 
C 3 HOH 114 1414 39  HOH HOH A . 
C 3 HOH 115 1415 154 HOH HOH A . 
C 3 HOH 116 1416 126 HOH HOH A . 
C 3 HOH 117 1417 45  HOH HOH A . 
C 3 HOH 118 1418 102 HOH HOH A . 
C 3 HOH 119 1419 73  HOH HOH A . 
C 3 HOH 120 1420 100 HOH HOH A . 
C 3 HOH 121 1421 105 HOH HOH A . 
C 3 HOH 122 1422 143 HOH HOH A . 
C 3 HOH 123 1423 104 HOH HOH A . 
C 3 HOH 124 1424 64  HOH HOH A . 
C 3 HOH 125 1425 132 HOH HOH A . 
C 3 HOH 126 1426 140 HOH HOH A . 
C 3 HOH 127 1427 121 HOH HOH A . 
C 3 HOH 128 1428 71  HOH HOH A . 
C 3 HOH 129 1429 70  HOH HOH A . 
C 3 HOH 130 1430 101 HOH HOH A . 
C 3 HOH 131 1431 147 HOH HOH A . 
C 3 HOH 132 1432 130 HOH HOH A . 
C 3 HOH 133 1433 74  HOH HOH A . 
C 3 HOH 134 1434 89  HOH HOH A . 
C 3 HOH 135 1435 44  HOH HOH A . 
C 3 HOH 136 1436 155 HOH HOH A . 
C 3 HOH 137 1437 114 HOH HOH A . 
C 3 HOH 138 1438 48  HOH HOH A . 
C 3 HOH 139 1439 117 HOH HOH A . 
C 3 HOH 140 1440 129 HOH HOH A . 
C 3 HOH 141 1441 139 HOH HOH A . 
C 3 HOH 142 1442 95  HOH HOH A . 
C 3 HOH 143 1443 134 HOH HOH A . 
C 3 HOH 144 1444 152 HOH HOH A . 
C 3 HOH 145 1445 150 HOH HOH A . 
# 
loop_
_pdbx_unobs_or_zero_occ_atoms.id 
_pdbx_unobs_or_zero_occ_atoms.PDB_model_num 
_pdbx_unobs_or_zero_occ_atoms.polymer_flag 
_pdbx_unobs_or_zero_occ_atoms.occupancy_flag 
_pdbx_unobs_or_zero_occ_atoms.auth_asym_id 
_pdbx_unobs_or_zero_occ_atoms.auth_comp_id 
_pdbx_unobs_or_zero_occ_atoms.auth_seq_id 
_pdbx_unobs_or_zero_occ_atoms.PDB_ins_code 
_pdbx_unobs_or_zero_occ_atoms.auth_atom_id 
_pdbx_unobs_or_zero_occ_atoms.label_alt_id 
_pdbx_unobs_or_zero_occ_atoms.label_asym_id 
_pdbx_unobs_or_zero_occ_atoms.label_comp_id 
_pdbx_unobs_or_zero_occ_atoms.label_seq_id 
_pdbx_unobs_or_zero_occ_atoms.label_atom_id 
1  1 Y 1 A LYS 1082 ? CG  ? A LYS 4   CG  
2  1 Y 1 A LYS 1082 ? CD  ? A LYS 4   CD  
3  1 Y 1 A LYS 1082 ? CE  ? A LYS 4   CE  
4  1 Y 1 A LYS 1082 ? NZ  ? A LYS 4   NZ  
5  1 Y 1 A LYS 1086 ? CG  ? A LYS 8   CG  
6  1 Y 1 A LYS 1086 ? CD  ? A LYS 8   CD  
7  1 Y 1 A LYS 1086 ? CE  ? A LYS 8   CE  
8  1 Y 1 A LYS 1086 ? NZ  ? A LYS 8   NZ  
9  1 Y 1 A GLU 1089 ? CG  ? A GLU 11  CG  
10 1 Y 1 A GLU 1089 ? CD  ? A GLU 11  CD  
11 1 Y 1 A GLU 1089 ? OE1 ? A GLU 11  OE1 
12 1 Y 1 A GLU 1089 ? OE2 ? A GLU 11  OE2 
13 1 Y 1 A GLN 1118 ? CG  ? A GLN 40  CG  
14 1 Y 1 A GLN 1118 ? CD  ? A GLN 40  CD  
15 1 Y 1 A GLN 1118 ? OE1 ? A GLN 40  OE1 
16 1 Y 1 A GLN 1118 ? NE2 ? A GLN 40  NE2 
17 1 Y 1 A LEU 1119 ? CD1 ? A LEU 41  CD1 
18 1 Y 1 A LEU 1119 ? CD2 ? A LEU 41  CD2 
19 1 Y 1 A LYS 1170 ? CD  ? A LYS 92  CD  
20 1 Y 1 A LYS 1170 ? CE  ? A LYS 92  CE  
21 1 Y 1 A LYS 1170 ? NZ  ? A LYS 92  NZ  
22 1 Y 1 A GLN 1187 ? OE1 ? A GLN 109 OE1 
23 1 Y 1 A GLN 1187 ? NE2 ? A GLN 109 NE2 
24 1 Y 1 A ASP 1190 ? CG  ? A ASP 112 CG  
25 1 Y 1 A ASP 1190 ? OD1 ? A ASP 112 OD1 
26 1 Y 1 A ASP 1190 ? OD2 ? A ASP 112 OD2 
27 1 Y 1 A GLN 1194 ? CG  ? A GLN 116 CG  
28 1 Y 1 A GLN 1194 ? CD  ? A GLN 116 CD  
29 1 Y 1 A GLN 1194 ? OE1 ? A GLN 116 OE1 
30 1 Y 1 A GLN 1194 ? NE2 ? A GLN 116 NE2 
31 1 Y 1 A GLY 1197 ? C   ? A GLY 119 C   
32 1 Y 1 A GLY 1197 ? O   ? A GLY 119 O   
# 
loop_
_software.citation_id 
_software.classification 
_software.compiler_name 
_software.compiler_version 
_software.contact_author 
_software.contact_author_email 
_software.date 
_software.description 
_software.dependencies 
_software.hardware 
_software.language 
_software.location 
_software.mods 
_software.name 
_software.os 
_software.os_version 
_software.type 
_software.version 
_software.pdbx_ordinal 
? 'data reduction' ? ? ? ? ? ? ? ? ? ? ? XDS    ? ? ? . 1 
? 'data scaling'   ? ? ? ? ? ? ? ? ? ? ? XSCALE ? ? ? . 2 
? phasing          ? ? ? ? ? ? ? ? ? ? ? PHASER ? ? ? . 3 
? refinement       ? ? ? ? ? ? ? ? ? ? ? PHENIX ? ? ? . 4 
# 
_cell.angle_alpha                  90.000 
_cell.angle_alpha_esd              ? 
_cell.angle_beta                   102.960 
_cell.angle_beta_esd               ? 
_cell.angle_gamma                  90.000 
_cell.angle_gamma_esd              ? 
_cell.entry_id                     6SQF 
_cell.details                      ? 
_cell.formula_units_Z              ? 
_cell.length_a                     86.800 
_cell.length_a_esd                 ? 
_cell.length_b                     37.380 
_cell.length_b_esd                 ? 
_cell.length_c                     41.670 
_cell.length_c_esd                 ? 
_cell.volume                       131757.802 
_cell.volume_esd                   ? 
_cell.Z_PDB                        4 
_cell.reciprocal_angle_alpha       ? 
_cell.reciprocal_angle_beta        ? 
_cell.reciprocal_angle_gamma       ? 
_cell.reciprocal_angle_alpha_esd   ? 
_cell.reciprocal_angle_beta_esd    ? 
_cell.reciprocal_angle_gamma_esd   ? 
_cell.reciprocal_length_a          ? 
_cell.reciprocal_length_b          ? 
_cell.reciprocal_length_c          ? 
_cell.reciprocal_length_a_esd      ? 
_cell.reciprocal_length_b_esd      ? 
_cell.reciprocal_length_c_esd      ? 
_cell.pdbx_unique_axis             ? 
# 
_symmetry.entry_id                         6SQF 
_symmetry.cell_setting                     ? 
_symmetry.Int_Tables_number                5 
_symmetry.space_group_name_Hall            'C 2y' 
_symmetry.space_group_name_H-M             'C 1 2 1' 
_symmetry.pdbx_full_space_group_name_H-M   ? 
# 
_exptl.absorpt_coefficient_mu     ? 
_exptl.absorpt_correction_T_max   ? 
_exptl.absorpt_correction_T_min   ? 
_exptl.absorpt_correction_type    ? 
_exptl.absorpt_process_details    ? 
_exptl.entry_id                   6SQF 
_exptl.crystals_number            1 
_exptl.details                    ? 
_exptl.method                     'X-RAY DIFFRACTION' 
_exptl.method_details             ? 
# 
_exptl_crystal.colour                      ? 
_exptl_crystal.density_diffrn              ? 
_exptl_crystal.density_Matthews            2.32 
_exptl_crystal.density_method              ? 
_exptl_crystal.density_percent_sol         46.89 
_exptl_crystal.description                 ? 
_exptl_crystal.F_000                       ? 
_exptl_crystal.id                          1 
_exptl_crystal.preparation                 ? 
_exptl_crystal.size_max                    ? 
_exptl_crystal.size_mid                    ? 
_exptl_crystal.size_min                    ? 
_exptl_crystal.size_rad                    ? 
_exptl_crystal.colour_lustre               ? 
_exptl_crystal.colour_modifier             ? 
_exptl_crystal.colour_primary              ? 
_exptl_crystal.density_meas                ? 
_exptl_crystal.density_meas_esd            ? 
_exptl_crystal.density_meas_gt             ? 
_exptl_crystal.density_meas_lt             ? 
_exptl_crystal.density_meas_temp           ? 
_exptl_crystal.density_meas_temp_esd       ? 
_exptl_crystal.density_meas_temp_gt        ? 
_exptl_crystal.density_meas_temp_lt        ? 
_exptl_crystal.pdbx_crystal_image_url      ? 
_exptl_crystal.pdbx_crystal_image_format   ? 
_exptl_crystal.pdbx_mosaicity              ? 
_exptl_crystal.pdbx_mosaicity_esd          ? 
# 
_exptl_crystal_grow.apparatus       ? 
_exptl_crystal_grow.atmosphere      ? 
_exptl_crystal_grow.crystal_id      1 
_exptl_crystal_grow.details         ? 
_exptl_crystal_grow.method          'VAPOR DIFFUSION, SITTING DROP' 
_exptl_crystal_grow.method_ref      ? 
_exptl_crystal_grow.pH              ? 
_exptl_crystal_grow.pressure        ? 
_exptl_crystal_grow.pressure_esd    ? 
_exptl_crystal_grow.seeding         ? 
_exptl_crystal_grow.seeding_ref     ? 
_exptl_crystal_grow.temp            277.15 
_exptl_crystal_grow.temp_details    ? 
_exptl_crystal_grow.temp_esd        ? 
_exptl_crystal_grow.time            ? 
_exptl_crystal_grow.pdbx_details    '0.1M MES pH 6.5, 12% PEG 20000' 
_exptl_crystal_grow.pdbx_pH_range   ? 
# 
_diffrn.ambient_environment              ? 
_diffrn.ambient_temp                     100 
_diffrn.ambient_temp_details             ? 
_diffrn.ambient_temp_esd                 ? 
_diffrn.crystal_id                       1 
_diffrn.crystal_support                  ? 
_diffrn.crystal_treatment                ? 
_diffrn.details                          ? 
_diffrn.id                               1 
_diffrn.ambient_pressure                 ? 
_diffrn.ambient_pressure_esd             ? 
_diffrn.ambient_pressure_gt              ? 
_diffrn.ambient_pressure_lt              ? 
_diffrn.ambient_temp_gt                  ? 
_diffrn.ambient_temp_lt                  ? 
_diffrn.pdbx_serial_crystal_experiment   N 
# 
_diffrn_detector.details                      ? 
_diffrn_detector.detector                     PIXEL 
_diffrn_detector.diffrn_id                    1 
_diffrn_detector.type                         'DECTRIS PILATUS 2M-F' 
_diffrn_detector.area_resol_mean              ? 
_diffrn_detector.dtime                        ? 
_diffrn_detector.pdbx_frames_total            ? 
_diffrn_detector.pdbx_collection_time_total   ? 
_diffrn_detector.pdbx_collection_date         2019-04-04 
_diffrn_detector.pdbx_frequency               ? 
# 
_diffrn_radiation.collimation                      ? 
_diffrn_radiation.diffrn_id                        1 
_diffrn_radiation.filter_edge                      ? 
_diffrn_radiation.inhomogeneity                    ? 
_diffrn_radiation.monochromator                    ? 
_diffrn_radiation.polarisn_norm                    ? 
_diffrn_radiation.polarisn_ratio                   ? 
_diffrn_radiation.probe                            ? 
_diffrn_radiation.type                             ? 
_diffrn_radiation.xray_symbol                      ? 
_diffrn_radiation.wavelength_id                    1 
_diffrn_radiation.pdbx_monochromatic_or_laue_m_l   M 
_diffrn_radiation.pdbx_wavelength_list             ? 
_diffrn_radiation.pdbx_wavelength                  ? 
_diffrn_radiation.pdbx_diffrn_protocol             'SINGLE WAVELENGTH' 
_diffrn_radiation.pdbx_analyzer                    ? 
_diffrn_radiation.pdbx_scattering_type             x-ray 
# 
_diffrn_radiation_wavelength.id           1 
_diffrn_radiation_wavelength.wavelength   1 
_diffrn_radiation_wavelength.wt           1.0 
# 
_diffrn_source.current                     ? 
_diffrn_source.details                     ? 
_diffrn_source.diffrn_id                   1 
_diffrn_source.power                       ? 
_diffrn_source.size                        ? 
_diffrn_source.source                      SYNCHROTRON 
_diffrn_source.target                      ? 
_diffrn_source.type                        'SLS BEAMLINE X06DA' 
_diffrn_source.voltage                     ? 
_diffrn_source.take-off_angle              ? 
_diffrn_source.pdbx_wavelength_list        1 
_diffrn_source.pdbx_wavelength             ? 
_diffrn_source.pdbx_synchrotron_beamline   X06DA 
_diffrn_source.pdbx_synchrotron_site       SLS 
# 
_reflns.B_iso_Wilson_estimate            ? 
_reflns.entry_id                         6SQF 
_reflns.data_reduction_details           ? 
_reflns.data_reduction_method            ? 
_reflns.d_resolution_high                2.0 
_reflns.d_resolution_low                 42.29 
_reflns.details                          ? 
_reflns.limit_h_max                      ? 
_reflns.limit_h_min                      ? 
_reflns.limit_k_max                      ? 
_reflns.limit_k_min                      ? 
_reflns.limit_l_max                      ? 
_reflns.limit_l_min                      ? 
_reflns.number_all                       ? 
_reflns.number_obs                       8777 
_reflns.observed_criterion               ? 
_reflns.observed_criterion_F_max         ? 
_reflns.observed_criterion_F_min         ? 
_reflns.observed_criterion_I_max         ? 
_reflns.observed_criterion_I_min         ? 
_reflns.observed_criterion_sigma_F       ? 
_reflns.observed_criterion_sigma_I       ? 
_reflns.percent_possible_obs             98.4 
_reflns.R_free_details                   ? 
_reflns.Rmerge_F_all                     ? 
_reflns.Rmerge_F_obs                     ? 
_reflns.Friedel_coverage                 ? 
_reflns.number_gt                        ? 
_reflns.threshold_expression             ? 
_reflns.pdbx_redundancy                  3.4 
_reflns.pdbx_Rmerge_I_obs                ? 
_reflns.pdbx_Rmerge_I_all                ? 
_reflns.pdbx_Rsym_value                  ? 
_reflns.pdbx_netI_over_av_sigmaI         ? 
_reflns.pdbx_netI_over_sigmaI            9.42 
_reflns.pdbx_res_netI_over_av_sigmaI_2   ? 
_reflns.pdbx_res_netI_over_sigmaI_2      ? 
_reflns.pdbx_chi_squared                 ? 
_reflns.pdbx_scaling_rejects             ? 
_reflns.pdbx_d_res_high_opt              ? 
_reflns.pdbx_d_res_low_opt               ? 
_reflns.pdbx_d_res_opt_method            ? 
_reflns.phase_calculation_details        ? 
_reflns.pdbx_Rrim_I_all                  ? 
_reflns.pdbx_Rpim_I_all                  ? 
_reflns.pdbx_d_opt                       ? 
_reflns.pdbx_number_measured_all         ? 
_reflns.pdbx_diffrn_id                   1 
_reflns.pdbx_ordinal                     1 
_reflns.pdbx_CC_half                     0.995 
_reflns.pdbx_R_split                     ? 
# 
_reflns_shell.d_res_high                  2.00 
_reflns_shell.d_res_low                   2.13 
_reflns_shell.meanI_over_sigI_all         ? 
_reflns_shell.meanI_over_sigI_obs         ? 
_reflns_shell.number_measured_all         ? 
_reflns_shell.number_measured_obs         ? 
_reflns_shell.number_possible             ? 
_reflns_shell.number_unique_all           ? 
_reflns_shell.number_unique_obs           1396 
_reflns_shell.percent_possible_all        ? 
_reflns_shell.percent_possible_obs        ? 
_reflns_shell.Rmerge_F_all                ? 
_reflns_shell.Rmerge_F_obs                ? 
_reflns_shell.Rmerge_I_all                ? 
_reflns_shell.Rmerge_I_obs                ? 
_reflns_shell.meanI_over_sigI_gt          ? 
_reflns_shell.meanI_over_uI_all           ? 
_reflns_shell.meanI_over_uI_gt            ? 
_reflns_shell.number_measured_gt          ? 
_reflns_shell.number_unique_gt            ? 
_reflns_shell.percent_possible_gt         ? 
_reflns_shell.Rmerge_F_gt                 ? 
_reflns_shell.Rmerge_I_gt                 ? 
_reflns_shell.pdbx_redundancy             ? 
_reflns_shell.pdbx_Rsym_value             ? 
_reflns_shell.pdbx_chi_squared            ? 
_reflns_shell.pdbx_netI_over_sigmaI_all   ? 
_reflns_shell.pdbx_netI_over_sigmaI_obs   ? 
_reflns_shell.pdbx_Rrim_I_all             ? 
_reflns_shell.pdbx_Rpim_I_all             ? 
_reflns_shell.pdbx_rejects                ? 
_reflns_shell.pdbx_ordinal                1 
_reflns_shell.pdbx_diffrn_id              1 
_reflns_shell.pdbx_CC_half                0.901 
_reflns_shell.pdbx_R_split                ? 
# 
_refine.aniso_B[1][1]                            ? 
_refine.aniso_B[1][2]                            ? 
_refine.aniso_B[1][3]                            ? 
_refine.aniso_B[2][2]                            ? 
_refine.aniso_B[2][3]                            ? 
_refine.aniso_B[3][3]                            ? 
_refine.B_iso_max                                ? 
_refine.B_iso_mean                               ? 
_refine.B_iso_min                                ? 
_refine.correlation_coeff_Fo_to_Fc               ? 
_refine.correlation_coeff_Fo_to_Fc_free          ? 
_refine.details                                  ? 
_refine.diff_density_max                         ? 
_refine.diff_density_max_esd                     ? 
_refine.diff_density_min                         ? 
_refine.diff_density_min_esd                     ? 
_refine.diff_density_rms                         ? 
_refine.diff_density_rms_esd                     ? 
_refine.entry_id                                 6SQF 
_refine.pdbx_refine_id                           'X-RAY DIFFRACTION' 
_refine.ls_abs_structure_details                 ? 
_refine.ls_abs_structure_Flack                   ? 
_refine.ls_abs_structure_Flack_esd               ? 
_refine.ls_abs_structure_Rogers                  ? 
_refine.ls_abs_structure_Rogers_esd              ? 
_refine.ls_d_res_high                            2.006 
_refine.ls_d_res_low                             42.29 
_refine.ls_extinction_coef                       ? 
_refine.ls_extinction_coef_esd                   ? 
_refine.ls_extinction_expression                 ? 
_refine.ls_extinction_method                     ? 
_refine.ls_goodness_of_fit_all                   ? 
_refine.ls_goodness_of_fit_all_esd               ? 
_refine.ls_goodness_of_fit_obs                   ? 
_refine.ls_goodness_of_fit_obs_esd               ? 
_refine.ls_hydrogen_treatment                    ? 
_refine.ls_matrix_type                           ? 
_refine.ls_number_constraints                    ? 
_refine.ls_number_parameters                     ? 
_refine.ls_number_reflns_all                     ? 
_refine.ls_number_reflns_obs                     8753 
_refine.ls_number_reflns_R_free                  ? 
_refine.ls_number_reflns_R_work                  ? 
_refine.ls_number_restraints                     ? 
_refine.ls_percent_reflns_obs                    98.33 
_refine.ls_percent_reflns_R_free                 ? 
_refine.ls_R_factor_all                          ? 
_refine.ls_R_factor_obs                          ? 
_refine.ls_R_factor_R_free                       0.2146 
_refine.ls_R_factor_R_free_error                 ? 
_refine.ls_R_factor_R_free_error_details         ? 
_refine.ls_R_factor_R_work                       0.1808 
_refine.ls_R_Fsqd_factor_obs                     ? 
_refine.ls_R_I_factor_obs                        ? 
_refine.ls_redundancy_reflns_all                 ? 
_refine.ls_redundancy_reflns_obs                 ? 
_refine.ls_restrained_S_all                      ? 
_refine.ls_restrained_S_obs                      ? 
_refine.ls_shift_over_esd_max                    ? 
_refine.ls_shift_over_esd_mean                   ? 
_refine.ls_structure_factor_coef                 ? 
_refine.ls_weighting_details                     ? 
_refine.ls_weighting_scheme                      ? 
_refine.ls_wR_factor_all                         ? 
_refine.ls_wR_factor_obs                         ? 
_refine.ls_wR_factor_R_free                      ? 
_refine.ls_wR_factor_R_work                      ? 
_refine.occupancy_max                            ? 
_refine.occupancy_min                            ? 
_refine.solvent_model_details                    ? 
_refine.solvent_model_param_bsol                 ? 
_refine.solvent_model_param_ksol                 ? 
_refine.ls_R_factor_gt                           ? 
_refine.ls_goodness_of_fit_gt                    ? 
_refine.ls_goodness_of_fit_ref                   ? 
_refine.ls_shift_over_su_max                     ? 
_refine.ls_shift_over_su_max_lt                  ? 
_refine.ls_shift_over_su_mean                    ? 
_refine.ls_shift_over_su_mean_lt                 ? 
_refine.pdbx_ls_sigma_I                          ? 
_refine.pdbx_ls_sigma_F                          ? 
_refine.pdbx_ls_sigma_Fsqd                       ? 
_refine.pdbx_data_cutoff_high_absF               ? 
_refine.pdbx_data_cutoff_high_rms_absF           ? 
_refine.pdbx_data_cutoff_low_absF                ? 
_refine.pdbx_isotropic_thermal_model             ? 
_refine.pdbx_ls_cross_valid_method               'FREE R-VALUE' 
_refine.pdbx_method_to_determine_struct          'MOLECULAR REPLACEMENT' 
_refine.pdbx_starting_model                      ? 
_refine.pdbx_stereochemistry_target_values       ? 
_refine.pdbx_R_Free_selection_details            ? 
_refine.pdbx_stereochem_target_val_spec_case     ? 
_refine.pdbx_overall_ESU_R                       ? 
_refine.pdbx_overall_ESU_R_Free                  ? 
_refine.pdbx_solvent_vdw_probe_radii             ? 
_refine.pdbx_solvent_ion_probe_radii             ? 
_refine.pdbx_solvent_shrinkage_radii             ? 
_refine.pdbx_real_space_R                        ? 
_refine.pdbx_density_correlation                 ? 
_refine.pdbx_pd_number_of_powder_patterns        ? 
_refine.pdbx_pd_number_of_points                 ? 
_refine.pdbx_pd_meas_number_of_points            ? 
_refine.pdbx_pd_proc_ls_prof_R_factor            ? 
_refine.pdbx_pd_proc_ls_prof_wR_factor           ? 
_refine.pdbx_pd_Marquardt_correlation_coeff      ? 
_refine.pdbx_pd_Fsqrd_R_factor                   ? 
_refine.pdbx_pd_ls_matrix_band_width             ? 
_refine.pdbx_overall_phase_error                 ? 
_refine.pdbx_overall_SU_R_free_Cruickshank_DPI   ? 
_refine.pdbx_overall_SU_R_free_Blow_DPI          ? 
_refine.pdbx_overall_SU_R_Blow_DPI               ? 
_refine.pdbx_TLS_residual_ADP_flag               ? 
_refine.pdbx_diffrn_id                           1 
_refine.overall_SU_B                             ? 
_refine.overall_SU_ML                            ? 
_refine.overall_SU_R_Cruickshank_DPI             ? 
_refine.overall_SU_R_free                        ? 
_refine.overall_FOM_free_R_set                   ? 
_refine.overall_FOM_work_R_set                   ? 
_refine.pdbx_average_fsc_overall                 ? 
_refine.pdbx_average_fsc_work                    ? 
_refine.pdbx_average_fsc_free                    ? 
# 
_refine_hist.pdbx_refine_id                   'X-RAY DIFFRACTION' 
_refine_hist.cycle_id                         LAST 
_refine_hist.pdbx_number_atoms_protein        943 
_refine_hist.pdbx_number_atoms_nucleic_acid   0 
_refine_hist.pdbx_number_atoms_ligand         42 
_refine_hist.number_atoms_solvent             145 
_refine_hist.number_atoms_total               1130 
_refine_hist.d_res_high                       2.006 
_refine_hist.d_res_low                        42.29 
# 
_struct.entry_id                     6SQF 
_struct.title                        'Crystal structure of CREBBP bromodomain complexed with LB32A' 
_struct.pdbx_model_details           ? 
_struct.pdbx_formula_weight          ? 
_struct.pdbx_formula_weight_method   ? 
_struct.pdbx_model_type_details      ? 
_struct.pdbx_CASP_flag               N 
# 
_struct_keywords.entry_id        6SQF 
_struct_keywords.text            'Inhibitor, Complex, CREBBP, Bromodomain, TRANSFERASE' 
_struct_keywords.pdbx_keywords   TRANSFERASE 
# 
loop_
_struct_asym.id 
_struct_asym.pdbx_blank_PDB_chainid_flag 
_struct_asym.pdbx_modified 
_struct_asym.entity_id 
_struct_asym.details 
A N N 1 ? 
B N N 2 ? 
C N N 3 ? 
# 
_struct_ref.id                         1 
_struct_ref.db_name                    UNP 
_struct_ref.db_code                    CBP_HUMAN 
_struct_ref.pdbx_db_accession          Q92793 
_struct_ref.pdbx_db_isoform            ? 
_struct_ref.entity_id                  1 
_struct_ref.pdbx_seq_one_letter_code   
;RKKIFKPEELRQALMPTLEALYRQDPESLPFRQPVDPQLLGIPDYFDIVKNPMDLSTIKRKLDTGQYQEPWQYVDDVWLM
FNNAWLYNRKTSRVYKFCSKLAEVFEQEIDPVMQSLG
;
_struct_ref.pdbx_align_begin           1081 
# 
_struct_ref_seq.align_id                      1 
_struct_ref_seq.ref_id                        1 
_struct_ref_seq.pdbx_PDB_id_code              6SQF 
_struct_ref_seq.pdbx_strand_id                A 
_struct_ref_seq.seq_align_beg                 3 
_struct_ref_seq.pdbx_seq_align_beg_ins_code   ? 
_struct_ref_seq.seq_align_end                 119 
_struct_ref_seq.pdbx_seq_align_end_ins_code   ? 
_struct_ref_seq.pdbx_db_accession             Q92793 
_struct_ref_seq.db_align_beg                  1081 
_struct_ref_seq.pdbx_db_align_beg_ins_code    ? 
_struct_ref_seq.db_align_end                  1197 
_struct_ref_seq.pdbx_db_align_end_ins_code    ? 
_struct_ref_seq.pdbx_auth_seq_align_beg       1081 
_struct_ref_seq.pdbx_auth_seq_align_end       1197 
# 
loop_
_struct_ref_seq_dif.align_id 
_struct_ref_seq_dif.pdbx_pdb_id_code 
_struct_ref_seq_dif.mon_id 
_struct_ref_seq_dif.pdbx_pdb_strand_id 
_struct_ref_seq_dif.seq_num 
_struct_ref_seq_dif.pdbx_pdb_ins_code 
_struct_ref_seq_dif.pdbx_seq_db_name 
_struct_ref_seq_dif.pdbx_seq_db_accession_code 
_struct_ref_seq_dif.db_mon_id 
_struct_ref_seq_dif.pdbx_seq_db_seq_num 
_struct_ref_seq_dif.details 
_struct_ref_seq_dif.pdbx_auth_seq_num 
_struct_ref_seq_dif.pdbx_ordinal 
1 6SQF SER A 1 ? UNP Q92793 ? ? 'expression tag' 1079 1 
1 6SQF MET A 2 ? UNP Q92793 ? ? 'expression tag' 1080 2 
# 
_pdbx_struct_assembly.id                   1 
_pdbx_struct_assembly.details              author_and_software_defined_assembly 
_pdbx_struct_assembly.method_details       PISA 
_pdbx_struct_assembly.oligomeric_details   monomeric 
_pdbx_struct_assembly.oligomeric_count     1 
# 
loop_
_pdbx_struct_assembly_prop.biol_id 
_pdbx_struct_assembly_prop.type 
_pdbx_struct_assembly_prop.value 
_pdbx_struct_assembly_prop.details 
1 'ABSA (A^2)' 0    ? 
1 MORE         0    ? 
1 'SSA (A^2)'  6700 ? 
# 
_pdbx_struct_assembly_gen.assembly_id       1 
_pdbx_struct_assembly_gen.oper_expression   1 
_pdbx_struct_assembly_gen.asym_id_list      A,B,C 
# 
_pdbx_struct_assembly_auth_evidence.id                     1 
_pdbx_struct_assembly_auth_evidence.assembly_id            1 
_pdbx_struct_assembly_auth_evidence.experimental_support   none 
_pdbx_struct_assembly_auth_evidence.details                ? 
# 
_pdbx_struct_oper_list.id                   1 
_pdbx_struct_oper_list.type                 'identity operation' 
_pdbx_struct_oper_list.name                 1_555 
_pdbx_struct_oper_list.symmetry_operation   x,y,z 
_pdbx_struct_oper_list.matrix[1][1]         1.0000000000 
_pdbx_struct_oper_list.matrix[1][2]         0.0000000000 
_pdbx_struct_oper_list.matrix[1][3]         0.0000000000 
_pdbx_struct_oper_list.vector[1]            0.0000000000 
_pdbx_struct_oper_list.matrix[2][1]         0.0000000000 
_pdbx_struct_oper_list.matrix[2][2]         1.0000000000 
_pdbx_struct_oper_list.matrix[2][3]         0.0000000000 
_pdbx_struct_oper_list.vector[2]            0.0000000000 
_pdbx_struct_oper_list.matrix[3][1]         0.0000000000 
_pdbx_struct_oper_list.matrix[3][2]         0.0000000000 
_pdbx_struct_oper_list.matrix[3][3]         1.0000000000 
_pdbx_struct_oper_list.vector[3]            0.0000000000 
# 
loop_
_struct_conf.conf_type_id 
_struct_conf.id 
_struct_conf.pdbx_PDB_helix_id 
_struct_conf.beg_label_comp_id 
_struct_conf.beg_label_asym_id 
_struct_conf.beg_label_seq_id 
_struct_conf.pdbx_beg_PDB_ins_code 
_struct_conf.end_label_comp_id 
_struct_conf.end_label_asym_id 
_struct_conf.end_label_seq_id 
_struct_conf.pdbx_end_PDB_ins_code 
_struct_conf.beg_auth_comp_id 
_struct_conf.beg_auth_asym_id 
_struct_conf.beg_auth_seq_id 
_struct_conf.end_auth_comp_id 
_struct_conf.end_auth_asym_id 
_struct_conf.end_auth_seq_id 
_struct_conf.pdbx_PDB_helix_class 
_struct_conf.details 
_struct_conf.pdbx_PDB_helix_length 
HELX_P HELX_P1 AA1 LYS A 8  ? ARG A 25  ? LYS A 1086 ARG A 1103 1 ? 18 
HELX_P HELX_P2 AA2 SER A 30 ? ARG A 34  ? SER A 1108 ARG A 1112 5 ? 5  
HELX_P HELX_P3 AA3 ASP A 38 ? GLY A 43  ? ASP A 1116 GLY A 1121 1 ? 6  
HELX_P HELX_P4 AA4 ASP A 46 ? VAL A 51  ? ASP A 1124 VAL A 1129 1 ? 6  
HELX_P HELX_P5 AA5 ASP A 56 ? THR A 66  ? ASP A 1134 THR A 1144 1 ? 11 
HELX_P HELX_P6 AA6 GLU A 71 ? ASN A 90  ? GLU A 1149 ASN A 1168 1 ? 20 
HELX_P HELX_P7 AA7 SER A 94 ? GLY A 119 ? SER A 1172 GLY A 1197 1 ? 26 
# 
_struct_conf_type.id          HELX_P 
_struct_conf_type.criteria    ? 
_struct_conf_type.reference   ? 
# 
_struct_mon_prot_cis.pdbx_id                1 
_struct_mon_prot_cis.label_comp_id          ASP 
_struct_mon_prot_cis.label_seq_id           27 
_struct_mon_prot_cis.label_asym_id          A 
_struct_mon_prot_cis.label_alt_id           . 
_struct_mon_prot_cis.pdbx_PDB_ins_code      ? 
_struct_mon_prot_cis.auth_comp_id           ASP 
_struct_mon_prot_cis.auth_seq_id            1105 
_struct_mon_prot_cis.auth_asym_id           A 
_struct_mon_prot_cis.pdbx_label_comp_id_2   PRO 
_struct_mon_prot_cis.pdbx_label_seq_id_2    28 
_struct_mon_prot_cis.pdbx_label_asym_id_2   A 
_struct_mon_prot_cis.pdbx_PDB_ins_code_2    ? 
_struct_mon_prot_cis.pdbx_auth_comp_id_2    PRO 
_struct_mon_prot_cis.pdbx_auth_seq_id_2     1106 
_struct_mon_prot_cis.pdbx_auth_asym_id_2    A 
_struct_mon_prot_cis.pdbx_PDB_model_num     1 
_struct_mon_prot_cis.pdbx_omega_angle       7.40 
# 
_struct_site.id                   AC1 
_struct_site.pdbx_evidence_code   Software 
_struct_site.pdbx_auth_asym_id    A 
_struct_site.pdbx_auth_comp_id    LTW 
_struct_site.pdbx_auth_seq_id     1201 
_struct_site.pdbx_auth_ins_code   ? 
_struct_site.pdbx_num_residues    17 
_struct_site.details              'binding site for residue LTW A 1201' 
# 
loop_
_struct_site_gen.id 
_struct_site_gen.site_id 
_struct_site_gen.pdbx_num_res 
_struct_site_gen.label_comp_id 
_struct_site_gen.label_asym_id 
_struct_site_gen.label_seq_id 
_struct_site_gen.pdbx_auth_ins_code 
_struct_site_gen.auth_comp_id 
_struct_site_gen.auth_asym_id 
_struct_site_gen.auth_seq_id 
_struct_site_gen.label_atom_id 
_struct_site_gen.label_alt_id 
_struct_site_gen.symmetry 
_struct_site_gen.details 
1  AC1 17 PRO A 28  ? PRO A 1106 . ? 1_555 ? 
2  AC1 17 LEU A 31  ? LEU A 1109 . ? 1_555 ? 
3  AC1 17 PRO A 32  ? PRO A 1110 . ? 1_555 ? 
4  AC1 17 GLN A 35  ? GLN A 1113 . ? 1_555 ? 
5  AC1 17 VAL A 37  ? VAL A 1115 . ? 1_555 ? 
6  AC1 17 LEU A 42  ? LEU A 1120 . ? 1_555 ? 
7  AC1 17 TRP A 87  ? TRP A 1165 . ? 4_555 ? 
8  AC1 17 ASN A 90  ? ASN A 1168 . ? 1_555 ? 
9  AC1 17 ARG A 95  ? ARG A 1173 . ? 1_555 ? 
10 AC1 17 VAL A 96  ? VAL A 1174 . ? 1_555 ? 
11 AC1 17 PHE A 99  ? PHE A 1177 . ? 1_555 ? 
12 AC1 17 SER A 101 ? SER A 1179 . ? 4_555 ? 
13 AC1 17 HOH C .   ? HOH A 1320 . ? 1_555 ? 
14 AC1 17 HOH C .   ? HOH A 1348 . ? 1_555 ? 
15 AC1 17 HOH C .   ? HOH A 1372 . ? 1_555 ? 
16 AC1 17 HOH C .   ? HOH A 1393 . ? 1_555 ? 
17 AC1 17 HOH C .   ? HOH A 1415 . ? 1_555 ? 
# 
loop_
_pdbx_struct_special_symmetry.id 
_pdbx_struct_special_symmetry.PDB_model_num 
_pdbx_struct_special_symmetry.auth_asym_id 
_pdbx_struct_special_symmetry.auth_comp_id 
_pdbx_struct_special_symmetry.auth_seq_id 
_pdbx_struct_special_symmetry.PDB_ins_code 
_pdbx_struct_special_symmetry.label_asym_id 
_pdbx_struct_special_symmetry.label_comp_id 
_pdbx_struct_special_symmetry.label_seq_id 
1 1 A HOH 1425 ? C HOH . 
2 1 A HOH 1445 ? C HOH . 
# 
loop_
_space_group_symop.id 
_space_group_symop.operation_xyz 
1 x,y,z           
2 -x,y,-z         
3 x+1/2,y+1/2,z   
4 -x+1/2,y+1/2,-z 
# 
_pdbx_entry_details.entry_id                 6SQF 
_pdbx_entry_details.has_ligand_of_interest   Y 
_pdbx_entry_details.compound_details         ? 
_pdbx_entry_details.source_details           ? 
_pdbx_entry_details.nonpolymer_details       ? 
_pdbx_entry_details.sequence_details         ? 
# 
loop_
_pdbx_unobs_or_zero_occ_residues.id 
_pdbx_unobs_or_zero_occ_residues.PDB_model_num 
_pdbx_unobs_or_zero_occ_residues.polymer_flag 
_pdbx_unobs_or_zero_occ_residues.occupancy_flag 
_pdbx_unobs_or_zero_occ_residues.auth_asym_id 
_pdbx_unobs_or_zero_occ_residues.auth_comp_id 
_pdbx_unobs_or_zero_occ_residues.auth_seq_id 
_pdbx_unobs_or_zero_occ_residues.PDB_ins_code 
_pdbx_unobs_or_zero_occ_residues.label_asym_id 
_pdbx_unobs_or_zero_occ_residues.label_comp_id 
_pdbx_unobs_or_zero_occ_residues.label_seq_id 
1 1 Y 1 A SER 1079 ? A SER 1 
2 1 Y 1 A MET 1080 ? A MET 2 
3 1 Y 1 A ARG 1081 ? A ARG 3 
# 
loop_
_chem_comp_atom.comp_id 
_chem_comp_atom.atom_id 
_chem_comp_atom.type_symbol 
_chem_comp_atom.pdbx_aromatic_flag 
_chem_comp_atom.pdbx_stereo_config 
_chem_comp_atom.pdbx_ordinal 
ALA N    N N N 1   
ALA CA   C N S 2   
ALA C    C N N 3   
ALA O    O N N 4   
ALA CB   C N N 5   
ALA OXT  O N N 6   
ALA H    H N N 7   
ALA H2   H N N 8   
ALA HA   H N N 9   
ALA HB1  H N N 10  
ALA HB2  H N N 11  
ALA HB3  H N N 12  
ALA HXT  H N N 13  
ARG N    N N N 14  
ARG CA   C N S 15  
ARG C    C N N 16  
ARG O    O N N 17  
ARG CB   C N N 18  
ARG CG   C N N 19  
ARG CD   C N N 20  
ARG NE   N N N 21  
ARG CZ   C N N 22  
ARG NH1  N N N 23  
ARG NH2  N N N 24  
ARG OXT  O N N 25  
ARG H    H N N 26  
ARG H2   H N N 27  
ARG HA   H N N 28  
ARG HB2  H N N 29  
ARG HB3  H N N 30  
ARG HG2  H N N 31  
ARG HG3  H N N 32  
ARG HD2  H N N 33  
ARG HD3  H N N 34  
ARG HE   H N N 35  
ARG HH11 H N N 36  
ARG HH12 H N N 37  
ARG HH21 H N N 38  
ARG HH22 H N N 39  
ARG HXT  H N N 40  
ASN N    N N N 41  
ASN CA   C N S 42  
ASN C    C N N 43  
ASN O    O N N 44  
ASN CB   C N N 45  
ASN CG   C N N 46  
ASN OD1  O N N 47  
ASN ND2  N N N 48  
ASN OXT  O N N 49  
ASN H    H N N 50  
ASN H2   H N N 51  
ASN HA   H N N 52  
ASN HB2  H N N 53  
ASN HB3  H N N 54  
ASN HD21 H N N 55  
ASN HD22 H N N 56  
ASN HXT  H N N 57  
ASP N    N N N 58  
ASP CA   C N S 59  
ASP C    C N N 60  
ASP O    O N N 61  
ASP CB   C N N 62  
ASP CG   C N N 63  
ASP OD1  O N N 64  
ASP OD2  O N N 65  
ASP OXT  O N N 66  
ASP H    H N N 67  
ASP H2   H N N 68  
ASP HA   H N N 69  
ASP HB2  H N N 70  
ASP HB3  H N N 71  
ASP HD2  H N N 72  
ASP HXT  H N N 73  
CYS N    N N N 74  
CYS CA   C N R 75  
CYS C    C N N 76  
CYS O    O N N 77  
CYS CB   C N N 78  
CYS SG   S N N 79  
CYS OXT  O N N 80  
CYS H    H N N 81  
CYS H2   H N N 82  
CYS HA   H N N 83  
CYS HB2  H N N 84  
CYS HB3  H N N 85  
CYS HG   H N N 86  
CYS HXT  H N N 87  
GLN N    N N N 88  
GLN CA   C N S 89  
GLN C    C N N 90  
GLN O    O N N 91  
GLN CB   C N N 92  
GLN CG   C N N 93  
GLN CD   C N N 94  
GLN OE1  O N N 95  
GLN NE2  N N N 96  
GLN OXT  O N N 97  
GLN H    H N N 98  
GLN H2   H N N 99  
GLN HA   H N N 100 
GLN HB2  H N N 101 
GLN HB3  H N N 102 
GLN HG2  H N N 103 
GLN HG3  H N N 104 
GLN HE21 H N N 105 
GLN HE22 H N N 106 
GLN HXT  H N N 107 
GLU N    N N N 108 
GLU CA   C N S 109 
GLU C    C N N 110 
GLU O    O N N 111 
GLU CB   C N N 112 
GLU CG   C N N 113 
GLU CD   C N N 114 
GLU OE1  O N N 115 
GLU OE2  O N N 116 
GLU OXT  O N N 117 
GLU H    H N N 118 
GLU H2   H N N 119 
GLU HA   H N N 120 
GLU HB2  H N N 121 
GLU HB3  H N N 122 
GLU HG2  H N N 123 
GLU HG3  H N N 124 
GLU HE2  H N N 125 
GLU HXT  H N N 126 
GLY N    N N N 127 
GLY CA   C N N 128 
GLY C    C N N 129 
GLY O    O N N 130 
GLY OXT  O N N 131 
GLY H    H N N 132 
GLY H2   H N N 133 
GLY HA2  H N N 134 
GLY HA3  H N N 135 
GLY HXT  H N N 136 
HOH O    O N N 137 
HOH H1   H N N 138 
HOH H2   H N N 139 
ILE N    N N N 140 
ILE CA   C N S 141 
ILE C    C N N 142 
ILE O    O N N 143 
ILE CB   C N S 144 
ILE CG1  C N N 145 
ILE CG2  C N N 146 
ILE CD1  C N N 147 
ILE OXT  O N N 148 
ILE H    H N N 149 
ILE H2   H N N 150 
ILE HA   H N N 151 
ILE HB   H N N 152 
ILE HG12 H N N 153 
ILE HG13 H N N 154 
ILE HG21 H N N 155 
ILE HG22 H N N 156 
ILE HG23 H N N 157 
ILE HD11 H N N 158 
ILE HD12 H N N 159 
ILE HD13 H N N 160 
ILE HXT  H N N 161 
LEU N    N N N 162 
LEU CA   C N S 163 
LEU C    C N N 164 
LEU O    O N N 165 
LEU CB   C N N 166 
LEU CG   C N N 167 
LEU CD1  C N N 168 
LEU CD2  C N N 169 
LEU OXT  O N N 170 
LEU H    H N N 171 
LEU H2   H N N 172 
LEU HA   H N N 173 
LEU HB2  H N N 174 
LEU HB3  H N N 175 
LEU HG   H N N 176 
LEU HD11 H N N 177 
LEU HD12 H N N 178 
LEU HD13 H N N 179 
LEU HD21 H N N 180 
LEU HD22 H N N 181 
LEU HD23 H N N 182 
LEU HXT  H N N 183 
LTW C10  C Y N 184 
LTW C13  C N N 185 
LTW C15  C Y N 186 
LTW C17  C Y N 187 
LTW C20  C N N 188 
LTW C22  C N N 189 
LTW C24  C N N 190 
LTW C26  C N N 191 
LTW C02  C N N 192 
LTW C04  C Y N 193 
LTW C05  C Y N 194 
LTW C06  C Y N 195 
LTW C07  C N N 196 
LTW C09  C Y N 197 
LTW C11  C Y N 198 
LTW C12  C N N 199 
LTW C16  C Y N 200 
LTW C19  C N N 201 
LTW C23  C N N 202 
LTW C27  C N N 203 
LTW C29  C Y N 204 
LTW C30  C Y N 205 
LTW C31  C Y N 206 
LTW C34  C N N 207 
LTW C35  C Y N 208 
LTW C36  C Y N 209 
LTW C37  C Y N 210 
LTW C38  C Y N 211 
LTW C39  C Y N 212 
LTW C40  C Y N 213 
LTW C41  C Y N 214 
LTW N03  N N N 215 
LTW N08  N N N 216 
LTW N21  N N N 217 
LTW N32  N Y N 218 
LTW N33  N Y N 219 
LTW O01  O N N 220 
LTW O14  O N N 221 
LTW O18  O N N 222 
LTW O25  O N N 223 
LTW O28  O N N 224 
LTW O42  O Y N 225 
LTW H1   H N N 226 
LTW H2   H N N 227 
LTW H3   H N N 228 
LTW H4   H N N 229 
LTW H5   H N N 230 
LTW H6   H N N 231 
LTW H7   H N N 232 
LTW H8   H N N 233 
LTW H9   H N N 234 
LTW H10  H N N 235 
LTW H11  H N N 236 
LTW H12  H N N 237 
LTW H13  H N N 238 
LTW H14  H N N 239 
LTW H15  H N N 240 
LTW H16  H N N 241 
LTW H17  H N N 242 
LTW H18  H N N 243 
LTW H19  H N N 244 
LTW H20  H N N 245 
LTW H21  H N N 246 
LTW H22  H N N 247 
LTW H23  H N N 248 
LTW H24  H N N 249 
LTW H25  H N N 250 
LTW H26  H N N 251 
LTW H27  H N N 252 
LTW H28  H N N 253 
LTW H29  H N N 254 
LTW H30  H N N 255 
LTW H31  H N N 256 
LYS N    N N N 257 
LYS CA   C N S 258 
LYS C    C N N 259 
LYS O    O N N 260 
LYS CB   C N N 261 
LYS CG   C N N 262 
LYS CD   C N N 263 
LYS CE   C N N 264 
LYS NZ   N N N 265 
LYS OXT  O N N 266 
LYS H    H N N 267 
LYS H2   H N N 268 
LYS HA   H N N 269 
LYS HB2  H N N 270 
LYS HB3  H N N 271 
LYS HG2  H N N 272 
LYS HG3  H N N 273 
LYS HD2  H N N 274 
LYS HD3  H N N 275 
LYS HE2  H N N 276 
LYS HE3  H N N 277 
LYS HZ1  H N N 278 
LYS HZ2  H N N 279 
LYS HZ3  H N N 280 
LYS HXT  H N N 281 
MET N    N N N 282 
MET CA   C N S 283 
MET C    C N N 284 
MET O    O N N 285 
MET CB   C N N 286 
MET CG   C N N 287 
MET SD   S N N 288 
MET CE   C N N 289 
MET OXT  O N N 290 
MET H    H N N 291 
MET H2   H N N 292 
MET HA   H N N 293 
MET HB2  H N N 294 
MET HB3  H N N 295 
MET HG2  H N N 296 
MET HG3  H N N 297 
MET HE1  H N N 298 
MET HE2  H N N 299 
MET HE3  H N N 300 
MET HXT  H N N 301 
PHE N    N N N 302 
PHE CA   C N S 303 
PHE C    C N N 304 
PHE O    O N N 305 
PHE CB   C N N 306 
PHE CG   C Y N 307 
PHE CD1  C Y N 308 
PHE CD2  C Y N 309 
PHE CE1  C Y N 310 
PHE CE2  C Y N 311 
PHE CZ   C Y N 312 
PHE OXT  O N N 313 
PHE H    H N N 314 
PHE H2   H N N 315 
PHE HA   H N N 316 
PHE HB2  H N N 317 
PHE HB3  H N N 318 
PHE HD1  H N N 319 
PHE HD2  H N N 320 
PHE HE1  H N N 321 
PHE HE2  H N N 322 
PHE HZ   H N N 323 
PHE HXT  H N N 324 
PRO N    N N N 325 
PRO CA   C N S 326 
PRO C    C N N 327 
PRO O    O N N 328 
PRO CB   C N N 329 
PRO CG   C N N 330 
PRO CD   C N N 331 
PRO OXT  O N N 332 
PRO H    H N N 333 
PRO HA   H N N 334 
PRO HB2  H N N 335 
PRO HB3  H N N 336 
PRO HG2  H N N 337 
PRO HG3  H N N 338 
PRO HD2  H N N 339 
PRO HD3  H N N 340 
PRO HXT  H N N 341 
SER N    N N N 342 
SER CA   C N S 343 
SER C    C N N 344 
SER O    O N N 345 
SER CB   C N N 346 
SER OG   O N N 347 
SER OXT  O N N 348 
SER H    H N N 349 
SER H2   H N N 350 
SER HA   H N N 351 
SER HB2  H N N 352 
SER HB3  H N N 353 
SER HG   H N N 354 
SER HXT  H N N 355 
THR N    N N N 356 
THR CA   C N S 357 
THR C    C N N 358 
THR O    O N N 359 
THR CB   C N R 360 
THR OG1  O N N 361 
THR CG2  C N N 362 
THR OXT  O N N 363 
THR H    H N N 364 
THR H2   H N N 365 
THR HA   H N N 366 
THR HB   H N N 367 
THR HG1  H N N 368 
THR HG21 H N N 369 
THR HG22 H N N 370 
THR HG23 H N N 371 
THR HXT  H N N 372 
TRP N    N N N 373 
TRP CA   C N S 374 
TRP C    C N N 375 
TRP O    O N N 376 
TRP CB   C N N 377 
TRP CG   C Y N 378 
TRP CD1  C Y N 379 
TRP CD2  C Y N 380 
TRP NE1  N Y N 381 
TRP CE2  C Y N 382 
TRP CE3  C Y N 383 
TRP CZ2  C Y N 384 
TRP CZ3  C Y N 385 
TRP CH2  C Y N 386 
TRP OXT  O N N 387 
TRP H    H N N 388 
TRP H2   H N N 389 
TRP HA   H N N 390 
TRP HB2  H N N 391 
TRP HB3  H N N 392 
TRP HD1  H N N 393 
TRP HE1  H N N 394 
TRP HE3  H N N 395 
TRP HZ2  H N N 396 
TRP HZ3  H N N 397 
TRP HH2  H N N 398 
TRP HXT  H N N 399 
TYR N    N N N 400 
TYR CA   C N S 401 
TYR C    C N N 402 
TYR O    O N N 403 
TYR CB   C N N 404 
TYR CG   C Y N 405 
TYR CD1  C Y N 406 
TYR CD2  C Y N 407 
TYR CE1  C Y N 408 
TYR CE2  C Y N 409 
TYR CZ   C Y N 410 
TYR OH   O N N 411 
TYR OXT  O N N 412 
TYR H    H N N 413 
TYR H2   H N N 414 
TYR HA   H N N 415 
TYR HB2  H N N 416 
TYR HB3  H N N 417 
TYR HD1  H N N 418 
TYR HD2  H N N 419 
TYR HE1  H N N 420 
TYR HE2  H N N 421 
TYR HH   H N N 422 
TYR HXT  H N N 423 
VAL N    N N N 424 
VAL CA   C N S 425 
VAL C    C N N 426 
VAL O    O N N 427 
VAL CB   C N N 428 
VAL CG1  C N N 429 
VAL CG2  C N N 430 
VAL OXT  O N N 431 
VAL H    H N N 432 
VAL H2   H N N 433 
VAL HA   H N N 434 
VAL HB   H N N 435 
VAL HG11 H N N 436 
VAL HG12 H N N 437 
VAL HG13 H N N 438 
VAL HG21 H N N 439 
VAL HG22 H N N 440 
VAL HG23 H N N 441 
VAL HXT  H N N 442 
# 
loop_
_chem_comp_bond.comp_id 
_chem_comp_bond.atom_id_1 
_chem_comp_bond.atom_id_2 
_chem_comp_bond.value_order 
_chem_comp_bond.pdbx_aromatic_flag 
_chem_comp_bond.pdbx_stereo_config 
_chem_comp_bond.pdbx_ordinal 
ALA N   CA   sing N N 1   
ALA N   H    sing N N 2   
ALA N   H2   sing N N 3   
ALA CA  C    sing N N 4   
ALA CA  CB   sing N N 5   
ALA CA  HA   sing N N 6   
ALA C   O    doub N N 7   
ALA C   OXT  sing N N 8   
ALA CB  HB1  sing N N 9   
ALA CB  HB2  sing N N 10  
ALA CB  HB3  sing N N 11  
ALA OXT HXT  sing N N 12  
ARG N   CA   sing N N 13  
ARG N   H    sing N N 14  
ARG N   H2   sing N N 15  
ARG CA  C    sing N N 16  
ARG CA  CB   sing N N 17  
ARG CA  HA   sing N N 18  
ARG C   O    doub N N 19  
ARG C   OXT  sing N N 20  
ARG CB  CG   sing N N 21  
ARG CB  HB2  sing N N 22  
ARG CB  HB3  sing N N 23  
ARG CG  CD   sing N N 24  
ARG CG  HG2  sing N N 25  
ARG CG  HG3  sing N N 26  
ARG CD  NE   sing N N 27  
ARG CD  HD2  sing N N 28  
ARG CD  HD3  sing N N 29  
ARG NE  CZ   sing N N 30  
ARG NE  HE   sing N N 31  
ARG CZ  NH1  sing N N 32  
ARG CZ  NH2  doub N N 33  
ARG NH1 HH11 sing N N 34  
ARG NH1 HH12 sing N N 35  
ARG NH2 HH21 sing N N 36  
ARG NH2 HH22 sing N N 37  
ARG OXT HXT  sing N N 38  
ASN N   CA   sing N N 39  
ASN N   H    sing N N 40  
ASN N   H2   sing N N 41  
ASN CA  C    sing N N 42  
ASN CA  CB   sing N N 43  
ASN CA  HA   sing N N 44  
ASN C   O    doub N N 45  
ASN C   OXT  sing N N 46  
ASN CB  CG   sing N N 47  
ASN CB  HB2  sing N N 48  
ASN CB  HB3  sing N N 49  
ASN CG  OD1  doub N N 50  
ASN CG  ND2  sing N N 51  
ASN ND2 HD21 sing N N 52  
ASN ND2 HD22 sing N N 53  
ASN OXT HXT  sing N N 54  
ASP N   CA   sing N N 55  
ASP N   H    sing N N 56  
ASP N   H2   sing N N 57  
ASP CA  C    sing N N 58  
ASP CA  CB   sing N N 59  
ASP CA  HA   sing N N 60  
ASP C   O    doub N N 61  
ASP C   OXT  sing N N 62  
ASP CB  CG   sing N N 63  
ASP CB  HB2  sing N N 64  
ASP CB  HB3  sing N N 65  
ASP CG  OD1  doub N N 66  
ASP CG  OD2  sing N N 67  
ASP OD2 HD2  sing N N 68  
ASP OXT HXT  sing N N 69  
CYS N   CA   sing N N 70  
CYS N   H    sing N N 71  
CYS N   H2   sing N N 72  
CYS CA  C    sing N N 73  
CYS CA  CB   sing N N 74  
CYS CA  HA   sing N N 75  
CYS C   O    doub N N 76  
CYS C   OXT  sing N N 77  
CYS CB  SG   sing N N 78  
CYS CB  HB2  sing N N 79  
CYS CB  HB3  sing N N 80  
CYS SG  HG   sing N N 81  
CYS OXT HXT  sing N N 82  
GLN N   CA   sing N N 83  
GLN N   H    sing N N 84  
GLN N   H2   sing N N 85  
GLN CA  C    sing N N 86  
GLN CA  CB   sing N N 87  
GLN CA  HA   sing N N 88  
GLN C   O    doub N N 89  
GLN C   OXT  sing N N 90  
GLN CB  CG   sing N N 91  
GLN CB  HB2  sing N N 92  
GLN CB  HB3  sing N N 93  
GLN CG  CD   sing N N 94  
GLN CG  HG2  sing N N 95  
GLN CG  HG3  sing N N 96  
GLN CD  OE1  doub N N 97  
GLN CD  NE2  sing N N 98  
GLN NE2 HE21 sing N N 99  
GLN NE2 HE22 sing N N 100 
GLN OXT HXT  sing N N 101 
GLU N   CA   sing N N 102 
GLU N   H    sing N N 103 
GLU N   H2   sing N N 104 
GLU CA  C    sing N N 105 
GLU CA  CB   sing N N 106 
GLU CA  HA   sing N N 107 
GLU C   O    doub N N 108 
GLU C   OXT  sing N N 109 
GLU CB  CG   sing N N 110 
GLU CB  HB2  sing N N 111 
GLU CB  HB3  sing N N 112 
GLU CG  CD   sing N N 113 
GLU CG  HG2  sing N N 114 
GLU CG  HG3  sing N N 115 
GLU CD  OE1  doub N N 116 
GLU CD  OE2  sing N N 117 
GLU OE2 HE2  sing N N 118 
GLU OXT HXT  sing N N 119 
GLY N   CA   sing N N 120 
GLY N   H    sing N N 121 
GLY N   H2   sing N N 122 
GLY CA  C    sing N N 123 
GLY CA  HA2  sing N N 124 
GLY CA  HA3  sing N N 125 
GLY C   O    doub N N 126 
GLY C   OXT  sing N N 127 
GLY OXT HXT  sing N N 128 
HOH O   H1   sing N N 129 
HOH O   H2   sing N N 130 
ILE N   CA   sing N N 131 
ILE N   H    sing N N 132 
ILE N   H2   sing N N 133 
ILE CA  C    sing N N 134 
ILE CA  CB   sing N N 135 
ILE CA  HA   sing N N 136 
ILE C   O    doub N N 137 
ILE C   OXT  sing N N 138 
ILE CB  CG1  sing N N 139 
ILE CB  CG2  sing N N 140 
ILE CB  HB   sing N N 141 
ILE CG1 CD1  sing N N 142 
ILE CG1 HG12 sing N N 143 
ILE CG1 HG13 sing N N 144 
ILE CG2 HG21 sing N N 145 
ILE CG2 HG22 sing N N 146 
ILE CG2 HG23 sing N N 147 
ILE CD1 HD11 sing N N 148 
ILE CD1 HD12 sing N N 149 
ILE CD1 HD13 sing N N 150 
ILE OXT HXT  sing N N 151 
LEU N   CA   sing N N 152 
LEU N   H    sing N N 153 
LEU N   H2   sing N N 154 
LEU CA  C    sing N N 155 
LEU CA  CB   sing N N 156 
LEU CA  HA   sing N N 157 
LEU C   O    doub N N 158 
LEU C   OXT  sing N N 159 
LEU CB  CG   sing N N 160 
LEU CB  HB2  sing N N 161 
LEU CB  HB3  sing N N 162 
LEU CG  CD1  sing N N 163 
LEU CG  CD2  sing N N 164 
LEU CG  HG   sing N N 165 
LEU CD1 HD11 sing N N 166 
LEU CD1 HD12 sing N N 167 
LEU CD1 HD13 sing N N 168 
LEU CD2 HD21 sing N N 169 
LEU CD2 HD22 sing N N 170 
LEU CD2 HD23 sing N N 171 
LEU OXT HXT  sing N N 172 
LTW C10 C09  doub Y N 173 
LTW C10 C11  sing Y N 174 
LTW C13 C12  sing N N 175 
LTW C15 C11  doub Y N 176 
LTW C15 C16  sing Y N 177 
LTW C17 C09  sing Y N 178 
LTW C17 C16  doub Y N 179 
LTW C17 O18  sing N N 180 
LTW C20 C19  sing N N 181 
LTW C20 N21  sing N N 182 
LTW C22 C23  sing N N 183 
LTW C22 N21  sing N N 184 
LTW C24 C23  sing N N 185 
LTW C24 O25  sing N N 186 
LTW C26 C23  sing N N 187 
LTW C26 O25  sing N N 188 
LTW C02 C38  sing N N 189 
LTW C02 N03  sing N N 190 
LTW C02 O01  doub N N 191 
LTW C04 C05  doub Y N 192 
LTW C04 C37  sing Y N 193 
LTW C04 N03  sing N N 194 
LTW C05 C06  sing Y N 195 
LTW C06 C07  sing N N 196 
LTW C06 C29  doub Y N 197 
LTW C07 N08  sing N N 198 
LTW C07 O28  doub N N 199 
LTW C09 N08  sing N N 200 
LTW C11 C12  sing N N 201 
LTW C12 O14  doub N N 202 
LTW C19 O18  sing N N 203 
LTW C23 C27  sing N N 204 
LTW C27 N21  sing N N 205 
LTW C29 C30  sing Y N 206 
LTW C30 C31  sing N N 207 
LTW C30 C37  doub Y N 208 
LTW C31 C36  sing Y N 209 
LTW C31 N32  doub Y N 210 
LTW C34 N33  sing N N 211 
LTW C35 C36  doub Y N 212 
LTW C35 N33  sing Y N 213 
LTW C38 C39  doub Y N 214 
LTW C38 O42  sing Y N 215 
LTW C39 C40  sing Y N 216 
LTW C40 C41  doub Y N 217 
LTW C41 O42  sing Y N 218 
LTW N32 N33  sing Y N 219 
LTW C10 H1   sing N N 220 
LTW C13 H2   sing N N 221 
LTW C13 H3   sing N N 222 
LTW C13 H4   sing N N 223 
LTW C15 H5   sing N N 224 
LTW C20 H6   sing N N 225 
LTW C20 H7   sing N N 226 
LTW C22 H8   sing N N 227 
LTW C22 H9   sing N N 228 
LTW C24 H10  sing N N 229 
LTW C24 H11  sing N N 230 
LTW C26 H12  sing N N 231 
LTW C26 H13  sing N N 232 
LTW C05 H14  sing N N 233 
LTW C16 H15  sing N N 234 
LTW C19 H16  sing N N 235 
LTW C19 H17  sing N N 236 
LTW C27 H18  sing N N 237 
LTW C27 H19  sing N N 238 
LTW C29 H20  sing N N 239 
LTW C34 H21  sing N N 240 
LTW C34 H22  sing N N 241 
LTW C34 H23  sing N N 242 
LTW C35 H24  sing N N 243 
LTW C36 H25  sing N N 244 
LTW C37 H26  sing N N 245 
LTW C39 H27  sing N N 246 
LTW C40 H28  sing N N 247 
LTW C41 H29  sing N N 248 
LTW N03 H30  sing N N 249 
LTW N08 H31  sing N N 250 
LYS N   CA   sing N N 251 
LYS N   H    sing N N 252 
LYS N   H2   sing N N 253 
LYS CA  C    sing N N 254 
LYS CA  CB   sing N N 255 
LYS CA  HA   sing N N 256 
LYS C   O    doub N N 257 
LYS C   OXT  sing N N 258 
LYS CB  CG   sing N N 259 
LYS CB  HB2  sing N N 260 
LYS CB  HB3  sing N N 261 
LYS CG  CD   sing N N 262 
LYS CG  HG2  sing N N 263 
LYS CG  HG3  sing N N 264 
LYS CD  CE   sing N N 265 
LYS CD  HD2  sing N N 266 
LYS CD  HD3  sing N N 267 
LYS CE  NZ   sing N N 268 
LYS CE  HE2  sing N N 269 
LYS CE  HE3  sing N N 270 
LYS NZ  HZ1  sing N N 271 
LYS NZ  HZ2  sing N N 272 
LYS NZ  HZ3  sing N N 273 
LYS OXT HXT  sing N N 274 
MET N   CA   sing N N 275 
MET N   H    sing N N 276 
MET N   H2   sing N N 277 
MET CA  C    sing N N 278 
MET CA  CB   sing N N 279 
MET CA  HA   sing N N 280 
MET C   O    doub N N 281 
MET C   OXT  sing N N 282 
MET CB  CG   sing N N 283 
MET CB  HB2  sing N N 284 
MET CB  HB3  sing N N 285 
MET CG  SD   sing N N 286 
MET CG  HG2  sing N N 287 
MET CG  HG3  sing N N 288 
MET SD  CE   sing N N 289 
MET CE  HE1  sing N N 290 
MET CE  HE2  sing N N 291 
MET CE  HE3  sing N N 292 
MET OXT HXT  sing N N 293 
PHE N   CA   sing N N 294 
PHE N   H    sing N N 295 
PHE N   H2   sing N N 296 
PHE CA  C    sing N N 297 
PHE CA  CB   sing N N 298 
PHE CA  HA   sing N N 299 
PHE C   O    doub N N 300 
PHE C   OXT  sing N N 301 
PHE CB  CG   sing N N 302 
PHE CB  HB2  sing N N 303 
PHE CB  HB3  sing N N 304 
PHE CG  CD1  doub Y N 305 
PHE CG  CD2  sing Y N 306 
PHE CD1 CE1  sing Y N 307 
PHE CD1 HD1  sing N N 308 
PHE CD2 CE2  doub Y N 309 
PHE CD2 HD2  sing N N 310 
PHE CE1 CZ   doub Y N 311 
PHE CE1 HE1  sing N N 312 
PHE CE2 CZ   sing Y N 313 
PHE CE2 HE2  sing N N 314 
PHE CZ  HZ   sing N N 315 
PHE OXT HXT  sing N N 316 
PRO N   CA   sing N N 317 
PRO N   CD   sing N N 318 
PRO N   H    sing N N 319 
PRO CA  C    sing N N 320 
PRO CA  CB   sing N N 321 
PRO CA  HA   sing N N 322 
PRO C   O    doub N N 323 
PRO C   OXT  sing N N 324 
PRO CB  CG   sing N N 325 
PRO CB  HB2  sing N N 326 
PRO CB  HB3  sing N N 327 
PRO CG  CD   sing N N 328 
PRO CG  HG2  sing N N 329 
PRO CG  HG3  sing N N 330 
PRO CD  HD2  sing N N 331 
PRO CD  HD3  sing N N 332 
PRO OXT HXT  sing N N 333 
SER N   CA   sing N N 334 
SER N   H    sing N N 335 
SER N   H2   sing N N 336 
SER CA  C    sing N N 337 
SER CA  CB   sing N N 338 
SER CA  HA   sing N N 339 
SER C   O    doub N N 340 
SER C   OXT  sing N N 341 
SER CB  OG   sing N N 342 
SER CB  HB2  sing N N 343 
SER CB  HB3  sing N N 344 
SER OG  HG   sing N N 345 
SER OXT HXT  sing N N 346 
THR N   CA   sing N N 347 
THR N   H    sing N N 348 
THR N   H2   sing N N 349 
THR CA  C    sing N N 350 
THR CA  CB   sing N N 351 
THR CA  HA   sing N N 352 
THR C   O    doub N N 353 
THR C   OXT  sing N N 354 
THR CB  OG1  sing N N 355 
THR CB  CG2  sing N N 356 
THR CB  HB   sing N N 357 
THR OG1 HG1  sing N N 358 
THR CG2 HG21 sing N N 359 
THR CG2 HG22 sing N N 360 
THR CG2 HG23 sing N N 361 
THR OXT HXT  sing N N 362 
TRP N   CA   sing N N 363 
TRP N   H    sing N N 364 
TRP N   H2   sing N N 365 
TRP CA  C    sing N N 366 
TRP CA  CB   sing N N 367 
TRP CA  HA   sing N N 368 
TRP C   O    doub N N 369 
TRP C   OXT  sing N N 370 
TRP CB  CG   sing N N 371 
TRP CB  HB2  sing N N 372 
TRP CB  HB3  sing N N 373 
TRP CG  CD1  doub Y N 374 
TRP CG  CD2  sing Y N 375 
TRP CD1 NE1  sing Y N 376 
TRP CD1 HD1  sing N N 377 
TRP CD2 CE2  doub Y N 378 
TRP CD2 CE3  sing Y N 379 
TRP NE1 CE2  sing Y N 380 
TRP NE1 HE1  sing N N 381 
TRP CE2 CZ2  sing Y N 382 
TRP CE3 CZ3  doub Y N 383 
TRP CE3 HE3  sing N N 384 
TRP CZ2 CH2  doub Y N 385 
TRP CZ2 HZ2  sing N N 386 
TRP CZ3 CH2  sing Y N 387 
TRP CZ3 HZ3  sing N N 388 
TRP CH2 HH2  sing N N 389 
TRP OXT HXT  sing N N 390 
TYR N   CA   sing N N 391 
TYR N   H    sing N N 392 
TYR N   H2   sing N N 393 
TYR CA  C    sing N N 394 
TYR CA  CB   sing N N 395 
TYR CA  HA   sing N N 396 
TYR C   O    doub N N 397 
TYR C   OXT  sing N N 398 
TYR CB  CG   sing N N 399 
TYR CB  HB2  sing N N 400 
TYR CB  HB3  sing N N 401 
TYR CG  CD1  doub Y N 402 
TYR CG  CD2  sing Y N 403 
TYR CD1 CE1  sing Y N 404 
TYR CD1 HD1  sing N N 405 
TYR CD2 CE2  doub Y N 406 
TYR CD2 HD2  sing N N 407 
TYR CE1 CZ   doub Y N 408 
TYR CE1 HE1  sing N N 409 
TYR CE2 CZ   sing Y N 410 
TYR CE2 HE2  sing N N 411 
TYR CZ  OH   sing N N 412 
TYR OH  HH   sing N N 413 
TYR OXT HXT  sing N N 414 
VAL N   CA   sing N N 415 
VAL N   H    sing N N 416 
VAL N   H2   sing N N 417 
VAL CA  C    sing N N 418 
VAL CA  CB   sing N N 419 
VAL CA  HA   sing N N 420 
VAL C   O    doub N N 421 
VAL C   OXT  sing N N 422 
VAL CB  CG1  sing N N 423 
VAL CB  CG2  sing N N 424 
VAL CB  HB   sing N N 425 
VAL CG1 HG11 sing N N 426 
VAL CG1 HG12 sing N N 427 
VAL CG1 HG13 sing N N 428 
VAL CG2 HG21 sing N N 429 
VAL CG2 HG22 sing N N 430 
VAL CG2 HG23 sing N N 431 
VAL OXT HXT  sing N N 432 
# 
_pdbx_audit_support.funding_organization   'Swiss National Science Foundation' 
_pdbx_audit_support.country                Switzerland 
_pdbx_audit_support.grant_number           CRSII5_180345 
_pdbx_audit_support.ordinal                1 
# 
_pdbx_entity_instance_feature.ordinal        1 
_pdbx_entity_instance_feature.comp_id        LTW 
_pdbx_entity_instance_feature.asym_id        ? 
_pdbx_entity_instance_feature.seq_num        ? 
_pdbx_entity_instance_feature.auth_comp_id   LTW 
_pdbx_entity_instance_feature.auth_asym_id   ? 
_pdbx_entity_instance_feature.auth_seq_num   ? 
_pdbx_entity_instance_feature.feature_type   'SUBJECT OF INVESTIGATION' 
_pdbx_entity_instance_feature.details        ? 
# 
_space_group.crystal_system   monoclinic 
_space_group.name_H-M_alt     'C 1 2 1' 
_space_group.IT_number        5 
_space_group.name_Hall        'C 2y' 
_space_group.id               1 
# 
_atom_sites.entry_id                    6SQF 
_atom_sites.Cartn_transf_matrix[1][1]   ? 
_atom_sites.Cartn_transf_matrix[1][2]   ? 
_atom_sites.Cartn_transf_matrix[1][3]   ? 
_atom_sites.Cartn_transf_matrix[2][1]   ? 
_atom_sites.Cartn_transf_matrix[2][2]   ? 
_atom_sites.Cartn_transf_matrix[2][3]   ? 
_atom_sites.Cartn_transf_matrix[3][1]   ? 
_atom_sites.Cartn_transf_matrix[3][2]   ? 
_atom_sites.Cartn_transf_matrix[3][3]   ? 
_atom_sites.Cartn_transf_vector[1]      ? 
_atom_sites.Cartn_transf_vector[2]      ? 
_atom_sites.Cartn_transf_vector[3]      ? 
_atom_sites.fract_transf_matrix[1][1]   -0.00333251 
_atom_sites.fract_transf_matrix[1][2]   0.00773217 
_atom_sites.fract_transf_matrix[1][3]   0.00829874 
_atom_sites.fract_transf_matrix[2][1]   -0.00196344 
_atom_sites.fract_transf_matrix[2][2]   -0.01990875 
_atom_sites.fract_transf_matrix[2][3]   0.01776109 
_atom_sites.fract_transf_matrix[3][1]   0.02140066 
_atom_sites.fract_transf_matrix[3][2]   0.00686644 
_atom_sites.fract_transf_matrix[3][3]   0.01006251 
_atom_sites.fract_transf_vector[1]      0.146679 
_atom_sites.fract_transf_vector[2]      0.034732 
_atom_sites.fract_transf_vector[3]      0.114268 
_atom_sites.solution_primary            ? 
_atom_sites.solution_secondary          ? 
_atom_sites.solution_hydrogens          ? 
_atom_sites.special_details             ? 
# 
loop_
_atom_type.symbol 
C 
N 
O 
S 
# 
loop_
_atom_site.group_PDB 
_atom_site.id 
_atom_site.type_symbol 
_atom_site.label_atom_id 
_atom_site.label_alt_id 
_atom_site.label_comp_id 
_atom_site.label_asym_id 
_atom_site.label_entity_id 
_atom_site.label_seq_id 
_atom_site.pdbx_PDB_ins_code 
_atom_site.Cartn_x 
_atom_site.Cartn_y 
_atom_site.Cartn_z 
_atom_site.occupancy 
_atom_site.B_iso_or_equiv 
_atom_site.pdbx_formal_charge 
_atom_site.auth_seq_id 
_atom_site.auth_comp_id 
_atom_site.auth_asym_id 
_atom_site.auth_atom_id 
_atom_site.pdbx_PDB_model_num 
ATOM   1    N N   . LYS A 1 4   ? 14.36276  17.76937  -12.64051 1.000 55.37000 ?  1082 LYS A N   1 
ATOM   2    C CA  . LYS A 1 4   ? 15.22630  16.82522  -13.32623 1.000 43.43000 ?  1082 LYS A CA  1 
ATOM   3    C C   . LYS A 1 4   ? 15.96830  15.91406  -12.33457 1.000 45.39000 ?  1082 LYS A C   1 
ATOM   4    O O   . LYS A 1 4   ? 17.00650  15.34344  -12.67265 1.000 48.04000 ?  1082 LYS A O   1 
ATOM   5    C CB  . LYS A 1 4   ? 16.22402  17.58577  -14.21004 1.000 42.03000 ?  1082 LYS A CB  1 
ATOM   6    N N   . LYS A 1 5   ? 15.44131  15.77325  -11.11524 1.000 43.41000 ?  1083 LYS A N   1 
ATOM   7    C CA  . LYS A 1 5   ? 16.12914  15.00656  -10.07759 1.000 41.36000 ?  1083 LYS A CA  1 
ATOM   8    C C   . LYS A 1 5   ? 15.97703  13.50298  -10.29919 1.000 40.22000 ?  1083 LYS A C   1 
ATOM   9    O O   . LYS A 1 5   ? 14.89354  13.01518  -10.63288 1.000 41.71000 ?  1083 LYS A O   1 
ATOM   10   C CB  . LYS A 1 5   ? 15.60135  15.38444  -8.69416  1.000 43.85000 ?  1083 LYS A CB  1 
ATOM   11   C CG  . LYS A 1 5   ? 16.59447  15.11152  -7.57085  1.000 43.43000 ?  1083 LYS A CG  1 
ATOM   12   C CD  . LYS A 1 5   ? 15.93059  14.55801  -6.31715  1.000 43.28000 ?  1083 LYS A CD  1 
ATOM   13   C CE  . LYS A 1 5   ? 16.97155  14.05953  -5.31788  1.000 43.86000 ?  1083 LYS A CE  1 
ATOM   14   N NZ  . LYS A 1 5   ? 17.53653  12.71346  -5.73552  1.000 46.89000 ?  1083 LYS A NZ  1 
ATOM   15   N N   . ILE A 1 6   ? 17.07215  12.76909  -10.08648 1.000 39.16000 ?  1084 ILE A N   1 
ATOM   16   C CA  . ILE A 1 6   ? 17.14919  11.33010  -10.33537 1.000 41.48000 ?  1084 ILE A CA  1 
ATOM   17   C C   . ILE A 1 6   ? 17.22220  10.58134  -9.00819  1.000 42.70000 ?  1084 ILE A C   1 
ATOM   18   O O   . ILE A 1 6   ? 18.01401  10.93773  -8.12353  1.000 42.04000 ?  1084 ILE A O   1 
ATOM   19   C CB  . ILE A 1 6   ? 18.35899  10.97913  -11.22011 1.000 42.21000 ?  1084 ILE A CB  1 
ATOM   20   C CG1 . ILE A 1 6   ? 18.22253  11.65773  -12.58475 1.000 42.46000 ?  1084 ILE A CG1 1 
ATOM   21   C CG2 . ILE A 1 6   ? 18.51027  9.46628   -11.35380 1.000 41.09000 ?  1084 ILE A CG2 1 
ATOM   22   C CD1 . ILE A 1 6   ? 17.58483  10.78985  -13.63410 1.000 42.31000 ?  1084 ILE A CD1 1 
ATOM   23   N N   . PHE A 1 7   ? 16.42491  9.51862   -8.88527  1.000 35.87000 ?  1085 PHE A N   1 
ATOM   24   C CA  . PHE A 1 7   ? 16.39109  8.68371   -7.69057  1.000 38.39000 ?  1085 PHE A CA  1 
ATOM   25   C C   . PHE A 1 7   ? 16.92701  7.29978   -8.03035  1.000 40.84000 ?  1085 PHE A C   1 
ATOM   26   O O   . PHE A 1 7   ? 16.36652  6.60605   -8.88799  1.000 41.48000 ?  1085 PHE A O   1 
ATOM   27   C CB  . PHE A 1 7   ? 14.97123  8.58334   -7.13765  1.000 36.15000 ?  1085 PHE A CB  1 
ATOM   28   C CG  . PHE A 1 7   ? 14.41013  9.89234   -6.68583  1.000 33.45000 ?  1085 PHE A CG  1 
ATOM   29   C CD1 . PHE A 1 7   ? 14.62376  10.34125  -5.39085  1.000 37.79000 ?  1085 PHE A CD1 1 
ATOM   30   C CD2 . PHE A 1 7   ? 13.66324  10.67383  -7.54924  1.000 32.91000 ?  1085 PHE A CD2 1 
ATOM   31   C CE1 . PHE A 1 7   ? 14.09703  11.54393  -4.96403  1.000 32.39000 ?  1085 PHE A CE1 1 
ATOM   32   C CE2 . PHE A 1 7   ? 13.14112  11.88133  -7.13308  1.000 32.37000 ?  1085 PHE A CE2 1 
ATOM   33   C CZ  . PHE A 1 7   ? 13.35996  12.31626  -5.83963  1.000 33.61000 ?  1085 PHE A CZ  1 
ATOM   34   N N   . LYS A 1 8   ? 18.00912  6.90312   -7.36426  1.000 38.52000 ?  1086 LYS A N   1 
ATOM   35   C CA  . LYS A 1 8   ? 18.53119  5.55878   -7.53767  1.000 38.70000 ?  1086 LYS A CA  1 
ATOM   36   C C   . LYS A 1 8   ? 17.61597  4.55359   -6.83612  1.000 37.09000 ?  1086 LYS A C   1 
ATOM   37   O O   . LYS A 1 8   ? 17.00689  4.87348   -5.81287  1.000 38.01000 ?  1086 LYS A O   1 
ATOM   38   C CB  . LYS A 1 8   ? 19.94590  5.45989   -6.97701  1.000 32.35000 ?  1086 LYS A CB  1 
ATOM   39   N N   . PRO A 1 9   ? 17.47925  3.33580   -7.38335  1.000 41.06000 ?  1087 PRO A N   1 
ATOM   40   C CA  . PRO A 1 9   ? 16.63942  2.32330   -6.71480  1.000 36.90000 ?  1087 PRO A CA  1 
ATOM   41   C C   . PRO A 1 9   ? 16.97439  2.10026   -5.24383  1.000 36.06000 ?  1087 PRO A C   1 
ATOM   42   O O   . PRO A 1 9   ? 16.05270  1.95552   -4.42801  1.000 30.05000 ?  1087 PRO A O   1 
ATOM   43   C CB  . PRO A 1 9   ? 16.89121  1.06290   -7.55753  1.000 37.82000 ?  1087 PRO A CB  1 
ATOM   44   C CG  . PRO A 1 9   ? 17.14261  1.59621   -8.93822  1.000 34.38000 ?  1087 PRO A CG  1 
ATOM   45   C CD  . PRO A 1 9   ? 17.88261  2.91071   -8.74158  1.000 32.93000 ?  1087 PRO A CD  1 
ATOM   46   N N   . GLU A 1 10  ? 18.25764  2.07190   -4.87018  1.000 30.53000 ?  1088 GLU A N   1 
ATOM   47   C CA  . GLU A 1 10  ? 18.56669  1.83008   -3.46831  1.000 32.08000 ?  1088 GLU A CA  1 
ATOM   48   C C   . GLU A 1 10  ? 18.25691  3.05000   -2.61410  1.000 31.26000 ?  1088 GLU A C   1 
ATOM   49   O O   . GLU A 1 10  ? 17.84321  2.89568   -1.45764  1.000 28.90000 ?  1088 GLU A O   1 
ATOM   50   C CB  . GLU A 1 10  ? 20.02063  1.40483   -3.28720  1.000 33.97000 ?  1088 GLU A CB  1 
ATOM   51   C CG  . GLU A 1 10  ? 20.29775  0.79975   -1.89991  1.000 36.14000 ?  1088 GLU A CG  1 
ATOM   52   C CD  . GLU A 1 10  ? 19.44866  -0.44530  -1.58645  1.000 37.97000 ?  1088 GLU A CD  1 
ATOM   53   O OE1 . GLU A 1 10  ? 19.28427  -1.29434  -2.48553  1.000 38.51000 ?  1088 GLU A OE1 1 
ATOM   54   O OE2 . GLU A 1 10  ? 18.95519  -0.58355  -0.43284  1.000 34.92000 -1 1088 GLU A OE2 1 
ATOM   55   N N   . GLU A 1 11  ? 18.43993  4.25575   -3.17027  1.000 31.82000 ?  1089 GLU A N   1 
ATOM   56   C CA  . GLU A 1 11  ? 18.04656  5.47729   -2.47712  1.000 29.76000 ?  1089 GLU A CA  1 
ATOM   57   C C   . GLU A 1 11  ? 16.55245  5.48692   -2.17662  1.000 29.35000 ?  1089 GLU A C   1 
ATOM   58   O O   . GLU A 1 11  ? 16.13563  5.83592   -1.06332  1.000 32.63000 ?  1089 GLU A O   1 
ATOM   59   C CB  . GLU A 1 11  ? 18.43581  6.69352   -3.31505  1.000 33.63000 ?  1089 GLU A CB  1 
ATOM   60   N N   . LEU A 1 12  ? 15.72618  5.07914   -3.14378  1.000 29.00000 ?  1090 LEU A N   1 
ATOM   61   C CA  . LEU A 1 12  ? 14.28959  5.01280   -2.88441  1.000 28.88000 ?  1090 LEU A CA  1 
ATOM   62   C C   . LEU A 1 12  ? 13.95573  3.91890   -1.88065  1.000 28.90000 ?  1090 LEU A C   1 
ATOM   63   O O   . LEU A 1 12  ? 13.18743  4.14914   -0.93481  1.000 25.46000 ?  1090 LEU A O   1 
ATOM   64   C CB  . LEU A 1 12  ? 13.51613  4.80156   -4.18122  1.000 30.19000 ?  1090 LEU A CB  1 
ATOM   65   C CG  . LEU A 1 12  ? 13.26777  6.09909   -4.93977  1.000 30.96000 ?  1090 LEU A CG  1 
ATOM   66   C CD1 . LEU A 1 12  ? 12.23822  5.88133   -6.00560  1.000 31.53000 ?  1090 LEU A CD1 1 
ATOM   67   C CD2 . LEU A 1 12  ? 12.84538  7.22320   -3.99604  1.000 29.28000 ?  1090 LEU A CD2 1 
ATOM   68   N N   . ARG A 1 13  ? 14.50998  2.71432   -2.06857  1.000 27.25000 ?  1091 ARG A N   1 
ATOM   69   C CA  . ARG A 1 13  ? 14.24732  1.64316   -1.11428  1.000 23.96000 ?  1091 ARG A CA  1 
ATOM   70   C C   . ARG A 1 13  ? 14.60256  2.05624   0.30530   1.000 26.69000 ?  1091 ARG A C   1 
ATOM   71   O O   . ARG A 1 13  ? 13.85042  1.78066   1.24625   1.000 27.50000 ?  1091 ARG A O   1 
ATOM   72   C CB  . ARG A 1 13  ? 15.01110  0.37289   -1.48522  1.000 24.85000 ?  1091 ARG A CB  1 
ATOM   73   C CG  . ARG A 1 13  ? 14.74284  -0.75511  -0.51693  1.000 27.40000 ?  1091 ARG A CG  1 
ATOM   74   C CD  . ARG A 1 13  ? 14.82909  -2.09347  -1.21382  1.000 26.59000 ?  1091 ARG A CD  1 
ATOM   75   N NE  . ARG A 1 13  ? 16.19976  -2.54805  -1.35194  1.000 30.65000 ?  1091 ARG A NE  1 
ATOM   76   C CZ  . ARG A 1 13  ? 16.53338  -3.79676  -1.66945  1.000 42.15000 ?  1091 ARG A CZ  1 
ATOM   77   N NH1 . ARG A 1 13  ? 17.81202  -4.14197  -1.77949  1.000 37.35000 ?  1091 ARG A NH1 1 
ATOM   78   N NH2 . ARG A 1 13  ? 15.58701  -4.70007  -1.90848  1.000 34.12000 ?  1091 ARG A NH2 1 
ATOM   79   N N   . GLN A 1 14  ? 15.74582  2.70919   0.48731   1.000 25.09000 ?  1092 GLN A N   1 
ATOM   80   C CA  . GLN A 1 14  ? 16.16523  3.04767   1.84090   1.000 25.15000 ?  1092 GLN A CA  1 
ATOM   81   C C   . GLN A 1 14  ? 15.23253  4.07493   2.47507   1.000 29.21000 ?  1092 GLN A C   1 
ATOM   82   O O   . GLN A 1 14  ? 14.91356  3.97814   3.66733   1.000 27.69000 ?  1092 GLN A O   1 
ATOM   83   C CB  . GLN A 1 14  ? 17.61062  3.55073   1.83256   1.000 29.14000 ?  1092 GLN A CB  1 
ATOM   84   C CG  . GLN A 1 14  ? 18.63632  2.43696   1.68859   1.000 29.62000 ?  1092 GLN A CG  1 
ATOM   85   C CD  . GLN A 1 14  ? 18.49896  1.39354   2.78573   1.000 36.66000 ?  1092 GLN A CD  1 
ATOM   86   O OE1 . GLN A 1 14  ? 18.52347  1.71934   3.98205   1.000 40.47000 ?  1092 GLN A OE1 1 
ATOM   87   N NE2 . GLN A 1 14  ? 18.33057  0.13464   2.38775   1.000 30.64000 ?  1092 GLN A NE2 1 
ATOM   88   N N   . ALA A 1 15  ? 14.77915  5.06089   1.69706   1.000 23.52000 ?  1093 ALA A N   1 
ATOM   89   C CA  . ALA A 1 15  ? 13.89753  6.08094   2.25198   1.000 28.07000 ?  1093 ALA A CA  1 
ATOM   90   C C   . ALA A 1 15  ? 12.48203  5.54881   2.45395   1.000 25.20000 ?  1093 ALA A C   1 
ATOM   91   O O   . ALA A 1 15  ? 11.83989  5.85512   3.46135   1.000 30.02000 ?  1093 ALA A O   1 
ATOM   92   C CB  . ALA A 1 15  ? 13.87960  7.31276   1.34432   1.000 21.54000 ?  1093 ALA A CB  1 
ATOM   93   N N   . LEU A 1 16  ? 11.97825  4.74516   1.51401   1.000 23.01000 ?  1094 LEU A N   1 
ATOM   94   C CA  . LEU A 1 16  ? 10.56275  4.38281   1.48757   1.000 23.96000 ?  1094 LEU A CA  1 
ATOM   95   C C   . LEU A 1 16  ? 10.23881  3.06813   2.18773   1.000 22.79000 ?  1094 LEU A C   1 
ATOM   96   O O   . LEU A 1 16  ? 9.12839   2.92425   2.70200   1.000 24.03000 ?  1094 LEU A O   1 
ATOM   97   C CB  . LEU A 1 16  ? 10.06069  4.30192   0.03852   1.000 24.01000 ?  1094 LEU A CB  1 
ATOM   98   C CG  . LEU A 1 16  ? 10.18222  5.55538   -0.83546  1.000 24.44000 ?  1094 LEU A CG  1 
ATOM   99   C CD1 . LEU A 1 16  ? 9.88150   5.26070   -2.30006  1.000 20.55000 ?  1094 LEU A CD1 1 
ATOM   100  C CD2 . LEU A 1 16  ? 9.29928   6.67344   -0.30791  1.000 22.06000 ?  1094 LEU A CD2 1 
ATOM   101  N N   . MET A 1 17  ? 11.14839  2.09090   2.19754   1.000 21.37000 ?  1095 MET A N   1 
ATOM   102  C CA  . MET A 1 17  ? 10.83577  0.81179   2.82735   1.000 20.41000 ?  1095 MET A CA  1 
ATOM   103  C C   . MET A 1 17  ? 10.44059  0.92219   4.30216   1.000 25.11000 ?  1095 MET A C   1 
ATOM   104  O O   . MET A 1 17  ? 9.60093   0.11913   4.72954   1.000 24.96000 ?  1095 MET A O   1 
ATOM   105  C CB  . MET A 1 17  ? 12.00777  -0.16937  2.66595   1.000 24.27000 ?  1095 MET A CB  1 
ATOM   106  C CG  . MET A 1 17  ? 11.67802  -1.62902  3.06137   1.000 28.90000 ?  1095 MET A CG  1 
ATOM   107  S SD  . MET A 1 17  ? 10.34490  -2.38405  2.08273   1.000 32.33000 ?  1095 MET A SD  1 
ATOM   108  C CE  . MET A 1 17  ? 11.18747  -2.66265  0.52005   1.000 34.94000 ?  1095 MET A CE  1 
ATOM   109  N N   . PRO A 1 18  ? 10.98677  1.84916   5.10939   1.000 23.71000 ?  1096 PRO A N   1 
ATOM   110  C CA  . PRO A 1 18  ? 10.48099  1.97829   6.48605   1.000 27.96000 ?  1096 PRO A CA  1 
ATOM   111  C C   . PRO A 1 18  ? 9.01562   2.34106   6.55296   1.000 23.90000 ?  1096 PRO A C   1 
ATOM   112  O O   . PRO A 1 18  ? 8.31858   1.88624   7.46477   1.000 23.24000 ?  1096 PRO A O   1 
ATOM   113  C CB  . PRO A 1 18  ? 11.36231  3.08672   7.07583   1.000 26.11000 ?  1096 PRO A CB  1 
ATOM   114  C CG  . PRO A 1 18  ? 12.60950  3.00924   6.29694   1.000 27.60000 ?  1096 PRO A CG  1 
ATOM   115  C CD  . PRO A 1 18  ? 12.20046  2.66279   4.91447   1.000 25.78000 ?  1096 PRO A CD  1 
ATOM   116  N N   . THR A 1 19  ? 8.51933   3.15030   5.61731   1.000 21.40000 ?  1097 THR A N   1 
ATOM   117  C CA  . THR A 1 19  ? 7.10287   3.49247   5.65298   1.000 22.82000 ?  1097 THR A CA  1 
ATOM   118  C C   . THR A 1 19  ? 6.23171   2.28769   5.31779   1.000 23.83000 ?  1097 THR A C   1 
ATOM   119  O O   . THR A 1 19  ? 5.12228   2.16242   5.85152   1.000 21.76000 ?  1097 THR A O   1 
ATOM   120  C CB  . THR A 1 19  ? 6.81718   4.65030   4.70208   1.000 22.94000 ?  1097 THR A CB  1 
ATOM   121  O OG1 . THR A 1 19  ? 6.90900   4.17631   3.35703   1.000 22.53000 ?  1097 THR A OG1 1 
ATOM   122  C CG2 . THR A 1 19  ? 7.83662   5.77865   4.90622   1.000 26.85000 ?  1097 THR A CG2 1 
ATOM   123  N N   . LEU A 1 20  ? 6.72002   1.38381   4.45801   1.000 24.43000 ?  1098 LEU A N   1 
ATOM   124  C CA  . LEU A 1 20  ? 5.99674   0.14233   4.20046   1.000 21.20000 ?  1098 LEU A CA  1 
ATOM   125  C C   . LEU A 1 20  ? 6.06264   -0.78217  5.40819   1.000 24.26000 ?  1098 LEU A C   1 
ATOM   126  O O   . LEU A 1 20  ? 5.04815   -1.37528  5.79250   1.000 22.11000 ?  1098 LEU A O   1 
ATOM   127  C CB  . LEU A 1 20  ? 6.55208   -0.55561  2.95234   1.000 21.98000 ?  1098 LEU A CB  1 
ATOM   128  C CG  . LEU A 1 20  ? 5.71045   -1.71652  2.40451   1.000 24.38000 ?  1098 LEU A CG  1 
ATOM   129  C CD1 . LEU A 1 20  ? 4.33237   -1.24110  1.96419   1.000 22.38000 ?  1098 LEU A CD1 1 
ATOM   130  C CD2 . LEU A 1 20  ? 6.41797   -2.43531  1.25076   1.000 22.04000 ?  1098 LEU A CD2 1 
ATOM   131  N N   . GLU A 1 21  ? 7.24645   -0.90610  6.02672   1.000 23.69000 ?  1099 GLU A N   1 
ATOM   132  C CA  . GLU A 1 21  ? 7.38633   -1.71369  7.23961   1.000 24.22000 ?  1099 GLU A CA  1 
ATOM   133  C C   . GLU A 1 21  ? 6.45995   -1.22415  8.34717   1.000 23.70000 ?  1099 GLU A C   1 
ATOM   134  O O   . GLU A 1 21  ? 5.96251   -2.02643  9.14010   1.000 25.02000 ?  1099 GLU A O   1 
ATOM   135  C CB  . GLU A 1 21  ? 8.84492   -1.69185  7.71755   1.000 27.33000 ?  1099 GLU A CB  1 
ATOM   136  C CG  . GLU A 1 21  ? 9.71866   -2.80505  7.12061   1.000 31.57000 ?  1099 GLU A CG  1 
ATOM   137  C CD  . GLU A 1 21  ? 11.20068  -2.43188  7.01289   1.000 36.54000 ?  1099 GLU A CD  1 
ATOM   138  O OE1 . GLU A 1 21  ? 11.59993  -1.36496  7.53299   1.000 33.41000 ?  1099 GLU A OE1 1 
ATOM   139  O OE2 . GLU A 1 21  ? 11.96455  -3.21521  6.40003   1.000 37.35000 -1 1099 GLU A OE2 1 
ATOM   140  N N   . ALA A 1 22  ? 6.22828   0.08548   8.42341   1.000 21.03000 ?  1100 ALA A N   1 
ATOM   141  C CA  . ALA A 1 22  ? 5.31417   0.61952   9.42556   1.000 23.04000 ?  1100 ALA A CA  1 
ATOM   142  C C   . ALA A 1 22  ? 3.89351   0.12421   9.19982   1.000 23.77000 ?  1100 ALA A C   1 
ATOM   143  O O   . ALA A 1 22  ? 3.12627   -0.02595  10.16070  1.000 25.44000 ?  1100 ALA A O   1 
ATOM   144  C CB  . ALA A 1 22  ? 5.35438   2.14774   9.40334   1.000 23.56000 ?  1100 ALA A CB  1 
ATOM   145  N N   . LEU A 1 23  ? 3.52229   -0.13157  7.94424   1.000 20.25000 ?  1101 LEU A N   1 
ATOM   146  C CA  . LEU A 1 23  ? 2.18939   -0.64744  7.65846   1.000 25.09000 ?  1101 LEU A CA  1 
ATOM   147  C C   . LEU A 1 23  ? 2.11067   -2.11904  8.03962   1.000 27.98000 ?  1101 LEU A C   1 
ATOM   148  O O   . LEU A 1 23  ? 1.15709   -2.55840  8.70092   1.000 23.18000 ?  1101 LEU A O   1 
ATOM   149  C CB  . LEU A 1 23  ? 1.84960   -0.44546  6.17540   1.000 22.58000 ?  1101 LEU A CB  1 
ATOM   150  C CG  . LEU A 1 23  ? 1.65143   0.99606   5.70130   1.000 22.02000 ?  1101 LEU A CG  1 
ATOM   151  C CD1 . LEU A 1 23  ? 1.08810   1.05071   4.29497   1.000 18.76000 ?  1101 LEU A CD1 1 
ATOM   152  C CD2 . LEU A 1 23  ? 0.73301   1.69633   6.66035   1.000 21.53000 ?  1101 LEU A CD2 1 
ATOM   153  N N   . TYR A 1 24  ? 3.13075   -2.88412  7.64274   1.000 23.21000 ?  1102 TYR A N   1 
ATOM   154  C CA  . TYR A 1 24  ? 3.23249   -4.28680  8.02622   1.000 24.36000 ?  1102 TYR A CA  1 
ATOM   155  C C   . TYR A 1 24  ? 3.15634   -4.46796  9.53783   1.000 25.89000 ?  1102 TYR A C   1 
ATOM   156  O O   . TYR A 1 24  ? 2.60146   -5.46015  10.01967  1.000 26.63000 ?  1102 TYR A O   1 
ATOM   157  C CB  . TYR A 1 24  ? 4.54727   -4.86628  7.50242   1.000 21.93000 ?  1102 TYR A CB  1 
ATOM   158  C CG  . TYR A 1 24  ? 4.50529   -5.48819  6.12438   1.000 23.79000 ?  1102 TYR A CG  1 
ATOM   159  C CD1 . TYR A 1 24  ? 4.14176   -6.82026  5.94664   1.000 22.48000 ?  1102 TYR A CD1 1 
ATOM   160  C CD2 . TYR A 1 24  ? 4.88980   -4.75560  5.00740   1.000 25.26000 ?  1102 TYR A CD2 1 
ATOM   161  C CE1 . TYR A 1 24  ? 4.14226   -7.40156  4.68058   1.000 24.22000 ?  1102 TYR A CE1 1 
ATOM   162  C CE2 . TYR A 1 24  ? 4.89940   -5.31697  3.74509   1.000 23.36000 ?  1102 TYR A CE2 1 
ATOM   163  C CZ  . TYR A 1 24  ? 4.52595   -6.63600  3.58689   1.000 26.25000 ?  1102 TYR A CZ  1 
ATOM   164  O OH  . TYR A 1 24  ? 4.53544   -7.17217  2.32722   1.000 23.67000 ?  1102 TYR A OH  1 
ATOM   165  N N   . ARG A 1 25  ? 3.73623   -3.53322  10.30479  1.000 25.70000 ?  1103 ARG A N   1 
ATOM   166  C CA  . ARG A 1 25  ? 3.74953   -3.66908  11.76412  1.000 25.59000 ?  1103 ARG A CA  1 
ATOM   167  C C   . ARG A 1 25  ? 2.36925   -3.52865  12.39401  1.000 29.67000 ?  1103 ARG A C   1 
ATOM   168  O O   . ARG A 1 25  ? 2.18855   -3.94891  13.54474  1.000 28.76000 ?  1103 ARG A O   1 
ATOM   169  C CB  . ARG A 1 25  ? 4.66558   -2.62630  12.40315  1.000 26.31000 ?  1103 ARG A CB  1 
ATOM   170  C CG  . ARG A 1 25  ? 6.13198   -3.00958  12.46549  1.000 37.16000 ?  1103 ARG A CG  1 
ATOM   171  C CD  . ARG A 1 25  ? 6.87202   -2.15707  13.50591  1.000 37.94000 ?  1103 ARG A CD  1 
ATOM   172  N NE  . ARG A 1 25  ? 6.82637   -0.72763  13.19779  1.000 36.94000 ?  1103 ARG A NE  1 
ATOM   173  C CZ  . ARG A 1 25  ? 7.62971   -0.13933  12.31630  1.000 36.28000 ?  1103 ARG A CZ  1 
ATOM   174  N NH1 . ARG A 1 25  ? 7.53136   1.16569   12.08281  1.000 34.45000 ?  1103 ARG A NH1 1 
ATOM   175  N NH2 . ARG A 1 25  ? 8.53493   -0.86762  11.66630  1.000 40.90000 ?  1103 ARG A NH2 1 
ATOM   176  N N   . GLN A 1 26  ? 1.40572   -2.91258  11.70532  1.000 25.93000 ?  1104 GLN A N   1 
ATOM   177  C CA  . GLN A 1 26  ? 0.07332   -2.76693  12.28611  1.000 28.29000 ?  1104 GLN A CA  1 
ATOM   178  C C   . GLN A 1 26  ? -0.58609  -4.13625  12.33967  1.000 23.73000 ?  1104 GLN A C   1 
ATOM   179  O O   . GLN A 1 26  ? -0.81242  -4.76393  11.30381  1.000 23.72000 ?  1104 GLN A O   1 
ATOM   180  C CB  . GLN A 1 26  ? -0.78010  -1.79553  11.47317  1.000 24.81000 ?  1104 GLN A CB  1 
ATOM   181  C CG  . GLN A 1 26  ? -0.16271  -0.42387  11.25040  1.000 26.47000 ?  1104 GLN A CG  1 
ATOM   182  C CD  . GLN A 1 26  ? 0.44295   0.16983   12.50852  1.000 33.03000 ?  1104 GLN A CD  1 
ATOM   183  O OE1 . GLN A 1 26  ? -0.28338  0.52381   13.44707  1.000 24.93000 ?  1104 GLN A OE1 1 
ATOM   184  N NE2 . GLN A 1 26  ? 1.78475   0.29852   12.53300  1.000 26.30000 ?  1104 GLN A NE2 1 
ATOM   185  N N   . ASP A 1 27  ? -0.88267  -4.59647  13.54877  1.000 22.65000 ?  1105 ASP A N   1 
ATOM   186  C CA  . ASP A 1 27  ? -1.44024  -5.91802  13.79366  1.000 24.93000 ?  1105 ASP A CA  1 
ATOM   187  C C   . ASP A 1 27  ? -2.63145  -5.69214  14.71196  1.000 29.05000 ?  1105 ASP A C   1 
ATOM   188  O O   . ASP A 1 27  ? -2.45277  -5.15171  15.82549  1.000 27.20000 ?  1105 ASP A O   1 
ATOM   189  C CB  . ASP A 1 27  ? -0.39106  -6.82256  14.44563  1.000 32.07000 ?  1105 ASP A CB  1 
ATOM   190  C CG  . ASP A 1 27  ? -0.69685  -8.31293  14.29716  1.000 34.16000 ?  1105 ASP A CG  1 
ATOM   191  O OD1 . ASP A 1 27  ? -1.87474  -8.69447  14.09171  1.000 31.56000 ?  1105 ASP A OD1 1 
ATOM   192  O OD2 . ASP A 1 27  ? 0.26135   -9.11100  14.40923  1.000 40.05000 -1 1105 ASP A OD2 1 
ATOM   193  N N   . PRO A 1 28  ? -3.86551  -6.05804  14.30697  1.000 26.12000 ?  1106 PRO A N   1 
ATOM   194  C CA  . PRO A 1 28  ? -4.31879  -6.80470  13.12772  1.000 23.81000 ?  1106 PRO A CA  1 
ATOM   195  C C   . PRO A 1 28  ? -4.59946  -6.00292  11.85358  1.000 21.86000 ?  1106 PRO A C   1 
ATOM   196  O O   . PRO A 1 28  ? -4.99419  -6.61749  10.86349  1.000 20.40000 ?  1106 PRO A O   1 
ATOM   197  C CB  . PRO A 1 28  ? -5.62338  -7.42947  13.61467  1.000 23.27000 ?  1106 PRO A CB  1 
ATOM   198  C CG  . PRO A 1 28  ? -6.19688  -6.34003  14.53145  1.000 24.34000 ?  1106 PRO A CG  1 
ATOM   199  C CD  . PRO A 1 28  ? -4.99055  -5.69136  15.19159  1.000 24.53000 ?  1106 PRO A CD  1 
ATOM   200  N N   . GLU A 1 29  ? -4.38326  -4.68794  11.84977  1.000 21.26000 ?  1107 GLU A N   1 
ATOM   201  C CA  . GLU A 1 29  ? -4.90860  -3.87293  10.75170  1.000 21.98000 ?  1107 GLU A CA  1 
ATOM   202  C C   . GLU A 1 29  ? -4.27920  -4.19879  9.39564   1.000 19.35000 ?  1107 GLU A C   1 
ATOM   203  O O   . GLU A 1 29  ? -4.92477  -4.00590  8.36111   1.000 19.55000 ?  1107 GLU A O   1 
ATOM   204  C CB  . GLU A 1 29  ? -4.72481  -2.39604  11.07341  1.000 22.19000 ?  1107 GLU A CB  1 
ATOM   205  C CG  . GLU A 1 29  ? -5.75594  -1.89564  12.08063  1.000 24.21000 ?  1107 GLU A CG  1 
ATOM   206  C CD  . GLU A 1 29  ? -5.25431  -1.92165  13.52278  1.000 26.65000 ?  1107 GLU A CD  1 
ATOM   207  O OE1 . GLU A 1 29  ? -4.19310  -2.53820  13.77891  1.000 26.25000 ?  1107 GLU A OE1 1 
ATOM   208  O OE2 . GLU A 1 29  ? -5.93322  -1.31371  14.39276  1.000 24.24000 -1 1107 GLU A OE2 1 
ATOM   209  N N   . SER A 1 30  ? -3.03294  -4.67170  9.36330   1.000 20.92000 ?  1108 SER A N   1 
ATOM   210  C CA  . SER A 1 30  ? -2.40437  -5.00593  8.08814   1.000 21.80000 ?  1108 SER A CA  1 
ATOM   211  C C   . SER A 1 30  ? -2.74348  -6.40669  7.59209   1.000 21.25000 ?  1108 SER A C   1 
ATOM   212  O O   . SER A 1 30  ? -2.50213  -6.70125  6.41350   1.000 18.60000 ?  1108 SER A O   1 
ATOM   213  C CB  . SER A 1 30  ? -0.88271  -4.82249  8.19688   1.000 22.57000 ?  1108 SER A CB  1 
ATOM   214  O OG  . SER A 1 30  ? -0.26660  -5.91264  8.85650   1.000 21.05000 ?  1108 SER A OG  1 
ATOM   215  N N   . LEU A 1 31  ? -3.33040  -7.25727  8.43698   1.000 21.97000 ?  1109 LEU A N   1 
ATOM   216  C CA  . LEU A 1 31  ? -3.55283  -8.64873  8.04860   1.000 21.13000 ?  1109 LEU A CA  1 
ATOM   217  C C   . LEU A 1 31  ? -4.38337  -8.81608  6.77962   1.000 23.03000 ?  1109 LEU A C   1 
ATOM   218  O O   . LEU A 1 31  ? -4.07324  -9.72992  5.98989   1.000 21.85000 ?  1109 LEU A O   1 
ATOM   219  C CB  . LEU A 1 31  ? -4.19432  -9.41011  9.21788   1.000 22.71000 ?  1109 LEU A CB  1 
ATOM   220  C CG  . LEU A 1 31  ? -3.32840  -9.51268  10.47590  1.000 18.12000 ?  1109 LEU A CG  1 
ATOM   221  C CD1 . LEU A 1 31  ? -4.06018  -10.31779 11.52442  1.000 24.70000 ?  1109 LEU A CD1 1 
ATOM   222  C CD2 . LEU A 1 31  ? -1.98130  -10.14441 10.16372  1.000 25.42000 ?  1109 LEU A CD2 1 
ATOM   223  N N   . PRO A 1 32  ? -5.41888  -8.00997  6.50836   1.000 17.86000 ?  1110 PRO A N   1 
ATOM   224  C CA  . PRO A 1 32  ? -6.13284  -8.14992  5.22724   1.000 18.21000 ?  1110 PRO A CA  1 
ATOM   225  C C   . PRO A 1 32  ? -5.32695  -7.72094  4.01835   1.000 17.71000 ?  1110 PRO A C   1 
ATOM   226  O O   . PRO A 1 32  ? -5.81363  -7.89893  2.89896   1.000 16.41000 ?  1110 PRO A O   1 
ATOM   227  C CB  . PRO A 1 32  ? -7.35116  -7.22216  5.39145   1.000 16.74000 ?  1110 PRO A CB  1 
ATOM   228  C CG  . PRO A 1 32  ? -7.49932  -7.04221  6.84652   1.000 17.98000 ?  1110 PRO A CG  1 
ATOM   229  C CD  . PRO A 1 32  ? -6.10664  -7.05562  7.39814   1.000 19.26000 ?  1110 PRO A CD  1 
ATOM   230  N N   . PHE A 1 33  ? -4.15094  -7.11478  4.20423   1.000 17.89000 ?  1111 PHE A N   1 
ATOM   231  C CA  . PHE A 1 33  ? -3.44624  -6.42746  3.13215   1.000 18.02000 ?  1111 PHE A CA  1 
ATOM   232  C C   . PHE A 1 33  ? -2.05348  -6.96895  2.84483   1.000 18.99000 ?  1111 PHE A C   1 
ATOM   233  O O   . PHE A 1 33  ? -1.37092  -6.39917  1.99551   1.000 17.75000 ?  1111 PHE A O   1 
ATOM   234  C CB  . PHE A 1 33  ? -3.31757  -4.93354  3.45178   1.000 15.84000 ?  1111 PHE A CB  1 
ATOM   235  C CG  . PHE A 1 33  ? -4.63608  -4.25053  3.69508   1.000 16.86000 ?  1111 PHE A CG  1 
ATOM   236  C CD1 . PHE A 1 33  ? -5.32869  -3.66907  2.64959   1.000 18.35000 ?  1111 PHE A CD1 1 
ATOM   237  C CD2 . PHE A 1 33  ? -5.17092  -4.18930  4.97432   1.000 18.29000 ?  1111 PHE A CD2 1 
ATOM   238  C CE1 . PHE A 1 33  ? -6.55224  -3.03884  2.87133   1.000 18.17000 ?  1111 PHE A CE1 1 
ATOM   239  C CE2 . PHE A 1 33  ? -6.40072  -3.57459  5.21261   1.000 16.16000 ?  1111 PHE A CE2 1 
ATOM   240  C CZ  . PHE A 1 33  ? -7.08254  -2.99128  4.16738   1.000 16.48000 ?  1111 PHE A CZ  1 
ATOM   241  N N   . ARG A 1 34  ? -1.59534  -8.01030  3.54771   1.000 18.80000 ?  1112 ARG A N   1 
ATOM   242  C CA  . ARG A 1 34  ? -0.22220  -8.50042  3.38208   1.000 23.80000 ?  1112 ARG A CA  1 
ATOM   243  C C   . ARG A 1 34  ? -0.05951  -9.43245  2.18664   1.000 25.16000 ?  1112 ARG A C   1 
ATOM   244  O O   . ARG A 1 34  ? 1.07311   -9.73509  1.79035   1.000 24.76000 ?  1112 ARG A O   1 
ATOM   245  C CB  . ARG A 1 34  ? 0.24543   -9.22640  4.64737   1.000 23.27000 ?  1112 ARG A CB  1 
ATOM   246  C CG  . ARG A 1 34  ? 0.30513   -8.36746  5.91651   1.000 22.28000 ?  1112 ARG A CG  1 
ATOM   247  C CD  . ARG A 1 34  ? 0.73129   -9.21477  7.11051   1.000 22.80000 ?  1112 ARG A CD  1 
ATOM   248  N NE  . ARG A 1 34  ? 1.04247   -8.43129  8.31232   1.000 24.62000 ?  1112 ARG A NE  1 
ATOM   249  C CZ  . ARG A 1 34  ? 1.40596   -8.97093  9.47373   1.000 27.36000 ?  1112 ARG A CZ  1 
ATOM   250  N NH1 . ARG A 1 34  ? 1.48835   -10.28703 9.59213   1.000 30.77000 ?  1112 ARG A NH1 1 
ATOM   251  N NH2 . ARG A 1 34  ? 1.68005   -8.20833  10.52151  1.000 27.65000 ?  1112 ARG A NH2 1 
ATOM   252  N N   . GLN A 1 35  ? -1.15213  -9.89952  1.60858   1.000 23.24000 ?  1113 GLN A N   1 
ATOM   253  C CA  . GLN A 1 35  ? -1.11262  -10.76130 0.44362   1.000 24.75000 ?  1113 GLN A CA  1 
ATOM   254  C C   . GLN A 1 35  ? -2.20245  -10.27026 -0.49559  1.000 24.88000 ?  1113 GLN A C   1 
ATOM   255  O O   . GLN A 1 35  ? -3.10031  -9.53563  -0.07112  1.000 24.69000 ?  1113 GLN A O   1 
ATOM   256  C CB  . GLN A 1 35  ? -1.32928  -12.23046 0.84240   1.000 25.10000 ?  1113 GLN A CB  1 
ATOM   257  C CG  . GLN A 1 35  ? -2.66198  -12.50936 1.54223   1.000 26.01000 ?  1113 GLN A CG  1 
ATOM   258  C CD  . GLN A 1 35  ? -2.74956  -11.92277 2.95070   1.000 26.92000 ?  1113 GLN A CD  1 
ATOM   259  O OE1 . GLN A 1 35  ? -1.86658  -12.12738 3.78445   1.000 21.87000 ?  1113 GLN A OE1 1 
ATOM   260  N NE2 . GLN A 1 35  ? -3.81338  -11.16323 3.20702   1.000 20.36000 ?  1113 GLN A NE2 1 
ATOM   261  N N   . PRO A 1 36  ? -2.13956  -10.63956 -1.77469  1.000 21.64000 ?  1114 PRO A N   1 
ATOM   262  C CA  . PRO A 1 36  ? -3.22057  -10.25698 -2.69291  1.000 23.65000 ?  1114 PRO A CA  1 
ATOM   263  C C   . PRO A 1 36  ? -4.55414  -10.87064 -2.28407  1.000 26.38000 ?  1114 PRO A C   1 
ATOM   264  O O   . PRO A 1 36  ? -4.61805  -11.98656 -1.75863  1.000 24.21000 ?  1114 PRO A O   1 
ATOM   265  C CB  . PRO A 1 36  ? -2.73885  -10.79340 -4.05129  1.000 26.22000 ?  1114 PRO A CB  1 
ATOM   266  C CG  . PRO A 1 36  ? -1.24525  -10.84137 -3.91585  1.000 25.01000 ?  1114 PRO A CG  1 
ATOM   267  C CD  . PRO A 1 36  ? -1.02049  -11.27875 -2.49248  1.000 26.82000 ?  1114 PRO A CD  1 
ATOM   268  N N   . VAL A 1 37  ? -5.62982  -10.11033 -2.50719  1.000 24.52000 ?  1115 VAL A N   1 
ATOM   269  C CA  . VAL A 1 37  ? -6.96222  -10.64670 -2.28570  1.000 23.00000 ?  1115 VAL A CA  1 
ATOM   270  C C   . VAL A 1 37  ? -7.14062  -11.87163 -3.16034  1.000 25.86000 ?  1115 VAL A C   1 
ATOM   271  O O   . VAL A 1 37  ? -6.93002  -11.81702 -4.37721  1.000 26.67000 ?  1115 VAL A O   1 
ATOM   272  C CB  . VAL A 1 37  ? -8.04341  -9.60069  -2.60640  1.000 25.47000 ?  1115 VAL A CB  1 
ATOM   273  C CG1 . VAL A 1 37  ? -9.39375  -10.24216 -2.55893  1.000 22.66000 ?  1115 VAL A CG1 1 
ATOM   274  C CG2 . VAL A 1 37  ? -7.98670  -8.43066  -1.64108  1.000 23.74000 ?  1115 VAL A CG2 1 
ATOM   275  N N   . ASP A 1 38  ? -7.51361  -12.98449 -2.53761  1.000 26.50000 ?  1116 ASP A N   1 
ATOM   276  C CA  . ASP A 1 38  ? -7.94900  -14.19563 -3.21282  1.000 27.07000 ?  1116 ASP A CA  1 
ATOM   277  C C   . ASP A 1 38  ? -9.46965  -14.28940 -3.14261  1.000 28.95000 ?  1116 ASP A C   1 
ATOM   278  O O   . ASP A 1 38  ? -10.01476 -14.79294 -2.15113  1.000 32.72000 ?  1116 ASP A O   1 
ATOM   279  C CB  . ASP A 1 38  ? -7.30260  -15.41826 -2.56881  1.000 31.67000 ?  1116 ASP A CB  1 
ATOM   280  C CG  . ASP A 1 38  ? -7.49730  -16.67819 -3.37754  1.000 32.87000 ?  1116 ASP A CG  1 
ATOM   281  O OD1 . ASP A 1 38  ? -8.63915  -16.94533 -3.80622  1.000 33.24000 ?  1116 ASP A OD1 1 
ATOM   282  O OD2 . ASP A 1 38  ? -6.49980  -17.40692 -3.57501  1.000 38.18000 -1 1116 ASP A OD2 1 
ATOM   283  N N   . PRO A 1 39  ? -10.18894 -13.82277 -4.16311  1.000 31.44000 ?  1117 PRO A N   1 
ATOM   284  C CA  . PRO A 1 39  ? -11.65688 -13.79486 -4.05311  1.000 28.71000 ?  1117 PRO A CA  1 
ATOM   285  C C   . PRO A 1 39  ? -12.26800 -15.15313 -3.73781  1.000 34.45000 ?  1117 PRO A C   1 
ATOM   286  O O   . PRO A 1 39  ? -13.24215 -15.21721 -2.98047  1.000 35.01000 ?  1117 PRO A O   1 
ATOM   287  C CB  . PRO A 1 39  ? -12.09063 -13.26416 -5.42360  1.000 29.08000 ?  1117 PRO A CB  1 
ATOM   288  C CG  . PRO A 1 39  ? -10.91891 -12.46618 -5.90279  1.000 24.20000 ?  1117 PRO A CG  1 
ATOM   289  C CD  . PRO A 1 39  ? -9.71869  -13.23977 -5.43379  1.000 30.08000 ?  1117 PRO A CD  1 
ATOM   290  N N   . GLN A 1 40  ? -11.69435 -16.24259 -4.25847  1.000 36.28000 ?  1118 GLN A N   1 
ATOM   291  C CA  . GLN A 1 40  ? -12.27285 -17.56531 -4.03678  1.000 37.29000 ?  1118 GLN A CA  1 
ATOM   292  C C   . GLN A 1 40  ? -12.01845 -18.04688 -2.61449  1.000 35.21000 ?  1118 GLN A C   1 
ATOM   293  O O   . GLN A 1 40  ? -12.94087 -18.51467 -1.93643  1.000 39.83000 ?  1118 GLN A O   1 
ATOM   294  C CB  . GLN A 1 40  ? -11.71601 -18.56725 -5.05616  1.000 33.13000 ?  1118 GLN A CB  1 
ATOM   295  N N   . LEU A 1 41  ? -10.77206 -17.93431 -2.14116  1.000 35.50000 ?  1119 LEU A N   1 
ATOM   296  C CA  . LEU A 1 41  ? -10.45594 -18.34744 -0.77691  1.000 30.40000 ?  1119 LEU A CA  1 
ATOM   297  C C   . LEU A 1 41  ? -11.18425 -17.48321 0.24838   1.000 38.11000 ?  1119 LEU A C   1 
ATOM   298  O O   . LEU A 1 41  ? -11.67215 -17.98833 1.26852   1.000 33.97000 ?  1119 LEU A O   1 
ATOM   299  C CB  . LEU A 1 41  ? -8.94848  -18.28870 -0.55044  1.000 30.61000 ?  1119 LEU A CB  1 
ATOM   300  C CG  . LEU A 1 41  ? -8.48958  -18.57395 0.87805   1.000 36.03000 ?  1119 LEU A CG  1 
ATOM   301  N N   . LEU A 1 42  ? -11.28445 -16.17799 -0.01070  1.000 35.13000 ?  1120 LEU A N   1 
ATOM   302  C CA  . LEU A 1 42  ? -11.92719 -15.27700 0.93722   1.000 33.73000 ?  1120 LEU A CA  1 
ATOM   303  C C   . LEU A 1 42  ? -13.44297 -15.39351 0.93427   1.000 35.67000 ?  1120 LEU A C   1 
ATOM   304  O O   . LEU A 1 42  ? -14.08364 -14.91468 1.87463   1.000 40.81000 ?  1120 LEU A O   1 
ATOM   305  C CB  . LEU A 1 42  ? -11.52492 -13.82988 0.64572   1.000 26.74000 ?  1120 LEU A CB  1 
ATOM   306  C CG  . LEU A 1 42  ? -10.12894 -13.45984 1.16361   1.000 26.84000 ?  1120 LEU A CG  1 
ATOM   307  C CD1 . LEU A 1 42  ? -9.77959  -12.00499 0.88395   1.000 27.12000 ?  1120 LEU A CD1 1 
ATOM   308  C CD2 . LEU A 1 42  ? -10.03421 -13.75123 2.64888   1.000 28.45000 ?  1120 LEU A CD2 1 
ATOM   309  N N   . GLY A 1 43  ? -14.02651 -16.01090 -0.09040  1.000 34.65000 ?  1121 GLY A N   1 
ATOM   310  C CA  . GLY A 1 43  ? -15.46707 -16.10309 -0.18428  1.000 31.78000 ?  1121 GLY A CA  1 
ATOM   311  C C   . GLY A 1 43  ? -16.12486 -14.85119 -0.71389  1.000 36.63000 ?  1121 GLY A C   1 
ATOM   312  O O   . GLY A 1 43  ? -17.27349 -14.56502 -0.36044  1.000 32.06000 ?  1121 GLY A O   1 
ATOM   313  N N   . ILE A 1 44  ? -15.41797 -14.07619 -1.53232  1.000 36.97000 ?  1122 ILE A N   1 
ATOM   314  C CA  . ILE A 1 44  ? -15.96058 -12.83785 -2.09453  1.000 32.53000 ?  1122 ILE A CA  1 
ATOM   315  C C   . ILE A 1 44  ? -15.73467 -12.88500 -3.60000  1.000 33.70000 ?  1122 ILE A C   1 
ATOM   316  O O   . ILE A 1 44  ? -14.91499 -12.12365 -4.13508  1.000 34.82000 ?  1122 ILE A O   1 
ATOM   317  C CB  . ILE A 1 44  ? -15.31989 -11.59426 -1.45965  1.000 31.69000 ?  1122 ILE A CB  1 
ATOM   318  C CG1 . ILE A 1 44  ? -13.80536 -11.76675 -1.32290  1.000 28.53000 ?  1122 ILE A CG1 1 
ATOM   319  C CG2 . ILE A 1 44  ? -15.93873 -11.31501 -0.08689  1.000 31.97000 ?  1122 ILE A CG2 1 
ATOM   320  C CD1 . ILE A 1 44  ? -13.06296 -10.46201 -1.07819  1.000 27.64000 ?  1122 ILE A CD1 1 
ATOM   321  N N   . PRO A 1 45  ? -16.43749 -13.76441 -4.31701  1.000 35.41000 ?  1123 PRO A N   1 
ATOM   322  C CA  . PRO A 1 45  ? -16.11731 -13.99828 -5.72916  1.000 31.52000 ?  1123 PRO A CA  1 
ATOM   323  C C   . PRO A 1 45  ? -16.40032 -12.81727 -6.64775  1.000 29.95000 ?  1123 PRO A C   1 
ATOM   324  O O   . PRO A 1 45  ? -15.92461 -12.83520 -7.79161  1.000 30.65000 ?  1123 PRO A O   1 
ATOM   325  C CB  . PRO A 1 45  ? -16.99519 -15.19963 -6.07931  1.000 31.27000 ?  1123 PRO A CB  1 
ATOM   326  C CG  . PRO A 1 45  ? -18.15180 -15.08798 -5.15419  1.000 34.00000 ?  1123 PRO A CG  1 
ATOM   327  C CD  . PRO A 1 45  ? -17.56761 -14.59700 -3.86598  1.000 37.28000 ?  1123 PRO A CD  1 
ATOM   328  N N   . ASP A 1 46  ? -17.13753 -11.79797 -6.20123  1.000 28.73000 ?  1124 ASP A N   1 
ATOM   329  C CA  . ASP A 1 46  ? -17.39228 -10.62269 -7.02672  1.000 25.26000 ?  1124 ASP A CA  1 
ATOM   330  C C   . ASP A 1 46  ? -16.26993 -9.58736  -6.96818  1.000 26.58000 ?  1124 ASP A C   1 
ATOM   331  O O   . ASP A 1 46  ? -16.38817 -8.53044  -7.59947  1.000 26.28000 ?  1124 ASP A O   1 
ATOM   332  C CB  . ASP A 1 46  ? -18.71660 -9.96944  -6.61861  1.000 32.63000 ?  1124 ASP A CB  1 
ATOM   333  C CG  . ASP A 1 46  ? -18.65622 -9.31066  -5.23637  1.000 31.24000 ?  1124 ASP A CG  1 
ATOM   334  O OD1 . ASP A 1 46  ? -17.84494 -9.73899  -4.38870  1.000 31.25000 ?  1124 ASP A OD1 1 
ATOM   335  O OD2 . ASP A 1 46  ? -19.42508 -8.35783  -4.99287  1.000 35.83000 -1 1124 ASP A OD2 1 
ATOM   336  N N   . TYR A 1 47  ? -15.17955 -9.86912  -6.25372  1.000 29.78000 ?  1125 TYR A N   1 
ATOM   337  C CA  . TYR A 1 47  ? -14.17164 -8.84058  -5.99856  1.000 25.31000 ?  1125 TYR A CA  1 
ATOM   338  C C   . TYR A 1 47  ? -13.62588 -8.24552  -7.29857  1.000 24.24000 ?  1125 TYR A C   1 
ATOM   339  O O   . TYR A 1 47  ? -13.60732 -7.02064  -7.47643  1.000 20.06000 ?  1125 TYR A O   1 
ATOM   340  C CB  . TYR A 1 47  ? -13.04347 -9.43441  -5.16129  1.000 23.28000 ?  1125 TYR A CB  1 
ATOM   341  C CG  . TYR A 1 47  ? -12.00379 -8.42454  -4.75784  1.000 22.77000 ?  1125 TYR A CG  1 
ATOM   342  C CD1 . TYR A 1 47  ? -12.23127 -7.56065  -3.69867  1.000 24.68000 ?  1125 TYR A CD1 1 
ATOM   343  C CD2 . TYR A 1 47  ? -10.79622 -8.33448  -5.43466  1.000 25.46000 ?  1125 TYR A CD2 1 
ATOM   344  C CE1 . TYR A 1 47  ? -11.27530 -6.62377  -3.31701  1.000 25.20000 ?  1125 TYR A CE1 1 
ATOM   345  C CE2 . TYR A 1 47  ? -9.83188  -7.39972  -5.06199  1.000 24.18000 ?  1125 TYR A CE2 1 
ATOM   346  C CZ  . TYR A 1 47  ? -10.07902 -6.54777  -4.00180  1.000 22.11000 ?  1125 TYR A CZ  1 
ATOM   347  O OH  . TYR A 1 47  ? -9.12471  -5.61071  -3.62163  1.000 24.50000 ?  1125 TYR A OH  1 
ATOM   348  N N   . PHE A 1 48  ? -13.18273 -9.09932  -8.22620  1.000 23.99000 ?  1126 PHE A N   1 
ATOM   349  C CA  . PHE A 1 48  ? -12.62007 -8.59904  -9.47545  1.000 23.46000 ?  1126 PHE A CA  1 
ATOM   350  C C   . PHE A 1 48  ? -13.65252 -7.94899  -10.38824 1.000 26.06000 ?  1126 PHE A C   1 
ATOM   351  O O   . PHE A 1 48  ? -13.26322 -7.30975  -11.37587 1.000 27.14000 ?  1126 PHE A O   1 
ATOM   352  C CB  . PHE A 1 48  ? -11.91220 -9.72567  -10.20970 1.000 21.68000 ?  1126 PHE A CB  1 
ATOM   353  C CG  . PHE A 1 48  ? -10.65558 -10.17599 -9.54531  1.000 20.21000 ?  1126 PHE A CG  1 
ATOM   354  C CD1 . PHE A 1 48  ? -9.90133  -9.29296  -8.78843  1.000 22.95000 ?  1126 PHE A CD1 1 
ATOM   355  C CD2 . PHE A 1 48  ? -10.21202 -11.47626 -9.68704  1.000 25.27000 ?  1126 PHE A CD2 1 
ATOM   356  C CE1 . PHE A 1 48  ? -8.72783  -9.69370  -8.18911  1.000 22.21000 ?  1126 PHE A CE1 1 
ATOM   357  C CE2 . PHE A 1 48  ? -9.04413  -11.88821 -9.08283  1.000 28.25000 ?  1126 PHE A CE2 1 
ATOM   358  C CZ  . PHE A 1 48  ? -8.30018  -10.99720 -8.32417  1.000 23.48000 ?  1126 PHE A CZ  1 
ATOM   359  N N   . ASP A 1 49  ? -14.94923 -8.10789  -10.10871 1.000 27.41000 ?  1127 ASP A N   1 
ATOM   360  C CA  . ASP A 1 49  ? -15.94700 -7.31495  -10.81834 1.000 30.69000 ?  1127 ASP A CA  1 
ATOM   361  C C   . ASP A 1 49  ? -15.88137 -5.85025  -10.42545 1.000 27.89000 ?  1127 ASP A C   1 
ATOM   362  O O   . ASP A 1 49  ? -16.31110 -4.98947  -11.20258 1.000 28.98000 ?  1127 ASP A O   1 
ATOM   363  C CB  . ASP A 1 49  ? -17.36123 -7.83269  -10.53832 1.000 34.89000 ?  1127 ASP A CB  1 
ATOM   364  C CG  . ASP A 1 49  ? -17.58540 -9.24569  -11.04291 1.000 35.21000 ?  1127 ASP A CG  1 
ATOM   365  O OD1 . ASP A 1 49  ? -16.83800 -9.68365  -11.93470 1.000 40.53000 ?  1127 ASP A OD1 1 
ATOM   366  O OD2 . ASP A 1 49  ? -18.51647 -9.91569  -10.54126 1.000 35.20000 -1 1127 ASP A OD2 1 
ATOM   367  N N   . ILE A 1 50  ? -15.36855 -5.55343  -9.23474  1.000 24.89000 ?  1128 ILE A N   1 
ATOM   368  C CA  . ILE A 1 50  ? -15.38950 -4.21287  -8.67579  1.000 23.73000 ?  1128 ILE A CA  1 
ATOM   369  C C   . ILE A 1 50  ? -13.99159 -3.60173  -8.61040  1.000 22.98000 ?  1128 ILE A C   1 
ATOM   370  O O   . ILE A 1 50  ? -13.82229 -2.40550  -8.85192  1.000 22.70000 ?  1128 ILE A O   1 
ATOM   371  C CB  . ILE A 1 50  ? -16.06077 -4.24515  -7.27996  1.000 24.23000 ?  1128 ILE A CB  1 
ATOM   372  C CG1 . ILE A 1 50  ? -17.57878 -4.37705  -7.43898  1.000 28.15000 ?  1128 ILE A CG1 1 
ATOM   373  C CG2 . ILE A 1 50  ? -15.72569 -3.02232  -6.45814  1.000 23.75000 ?  1128 ILE A CG2 1 
ATOM   374  C CD1 . ILE A 1 50  ? -18.28863 -4.90986  -6.20932  1.000 29.71000 ?  1128 ILE A CD1 1 
ATOM   375  N N   . VAL A 1 51  ? -12.97789 -4.40081  -8.29753  1.000 21.23000 ?  1129 VAL A N   1 
ATOM   376  C CA  . VAL A 1 51  ? -11.60499 -3.92349  -8.16350  1.000 21.18000 ?  1129 VAL A CA  1 
ATOM   377  C C   . VAL A 1 51  ? -10.83296 -4.39794  -9.38869  1.000 22.38000 ?  1129 VAL A C   1 
ATOM   378  O O   . VAL A 1 51  ? -10.52018 -5.58782  -9.51603  1.000 23.78000 ?  1129 VAL A O   1 
ATOM   379  C CB  . VAL A 1 51  ? -10.96038 -4.41483  -6.85964  1.000 16.82000 ?  1129 VAL A CB  1 
ATOM   380  C CG1 . VAL A 1 51  ? -9.42509  -4.18201  -6.85519  1.000 17.86000 ?  1129 VAL A CG1 1 
ATOM   381  C CG2 . VAL A 1 51  ? -11.61182 -3.71699  -5.66894  1.000 18.95000 ?  1129 VAL A CG2 1 
ATOM   382  N N   . LYS A 1 52  ? -10.52347 -3.46622  -10.28624 1.000 21.28000 ?  1130 LYS A N   1 
ATOM   383  C CA  . LYS A 1 52  ? -9.84273  -3.77268  -11.53957 1.000 21.35000 ?  1130 LYS A CA  1 
ATOM   384  C C   . LYS A 1 52  ? -8.33185  -3.69353  -11.44198 1.000 26.13000 ?  1130 LYS A C   1 
ATOM   385  O O   . LYS A 1 52  ? -7.64372  -4.24307  -12.31025 1.000 24.69000 ?  1130 LYS A O   1 
ATOM   386  C CB  . LYS A 1 52  ? -10.30686 -2.82064  -12.64598 1.000 22.03000 ?  1130 LYS A CB  1 
ATOM   387  C CG  . LYS A 1 52  ? -11.77853 -2.98361  -12.99736 1.000 25.44000 ?  1130 LYS A CG  1 
ATOM   388  C CD  . LYS A 1 52  ? -12.04129 -4.40979  -13.44267 1.000 26.91000 ?  1130 LYS A CD  1 
ATOM   389  C CE  . LYS A 1 52  ? -13.52142 -4.67389  -13.61162 1.000 27.06000 ?  1130 LYS A CE  1 
ATOM   390  N NZ  . LYS A 1 52  ? -13.73121 -6.11277  -13.95535 1.000 29.89000 ?  1130 LYS A NZ  1 
ATOM   391  N N   . ASN A 1 53  ? -7.79892  -3.02670  -10.42172 1.000 22.24000 ?  1131 ASN A N   1 
ATOM   392  C CA  . ASN A 1 53  ? -6.35681  -2.82871  -10.26629 1.000 21.91000 ?  1131 ASN A CA  1 
ATOM   393  C C   . ASN A 1 53  ? -5.94173  -3.20334  -8.85247  1.000 18.29000 ?  1131 ASN A C   1 
ATOM   394  O O   . ASN A 1 53  ? -5.66142  -2.32881  -8.02646  1.000 21.08000 ?  1131 ASN A O   1 
ATOM   395  C CB  . ASN A 1 53  ? -5.98462  -1.38195  -10.58412 1.000 20.38000 ?  1131 ASN A CB  1 
ATOM   396  C CG  . ASN A 1 53  ? -6.19609  -1.04311  -12.05171 1.000 32.00000 ?  1131 ASN A CG  1 
ATOM   397  O OD1 . ASN A 1 53  ? -7.11849  -0.31178  -12.40484 1.000 33.36000 ?  1131 ASN A OD1 1 
ATOM   398  N ND2 . ASN A 1 53  ? -5.35327  -1.59666  -12.91341 1.000 25.33000 ?  1131 ASN A ND2 1 
ATOM   399  N N   . PRO A 1 54  ? -5.91788  -4.49632  -8.53236  1.000 21.50000 ?  1132 PRO A N   1 
ATOM   400  C CA  . PRO A 1 54  ? -5.57239  -4.91144  -7.16559  1.000 20.87000 ?  1132 PRO A CA  1 
ATOM   401  C C   . PRO A 1 54  ? -4.17440  -4.46580  -6.77209  1.000 21.64000 ?  1132 PRO A C   1 
ATOM   402  O O   . PRO A 1 54  ? -3.26435  -4.36195  -7.59889  1.000 19.58000 ?  1132 PRO A O   1 
ATOM   403  C CB  . PRO A 1 54  ? -5.66250  -6.44509  -7.21221  1.000 22.15000 ?  1132 PRO A CB  1 
ATOM   404  C CG  . PRO A 1 54  ? -6.44401  -6.76964  -8.47575  1.000 23.96000 ?  1132 PRO A CG  1 
ATOM   405  C CD  . PRO A 1 54  ? -6.15665  -5.64133  -9.43102  1.000 23.53000 ?  1132 PRO A CD  1 
ATOM   406  N N   . MET A 1 55  ? -4.01211  -4.19707  -5.47991  1.000 18.16000 ?  1133 MET A N   1 
ATOM   407  C CA  . MET A 1 55  ? -2.72224  -3.82306  -4.92261  1.000 14.87000 ?  1133 MET A CA  1 
ATOM   408  C C   . MET A 1 55  ? -2.70910  -4.26711  -3.47287  1.000 19.57000 ?  1133 MET A C   1 
ATOM   409  O O   . MET A 1 55  ? -3.74138  -4.24519  -2.78521  1.000 17.79000 ?  1133 MET A O   1 
ATOM   410  C CB  . MET A 1 55  ? -2.46634  -2.31105  -5.04007  1.000 14.85000 ?  1133 MET A CB  1 
ATOM   411  C CG  . MET A 1 55  ? -1.04610  -1.84948  -4.69253  1.000 16.05000 ?  1133 MET A CG  1 
ATOM   412  S SD  . MET A 1 55  ? 0.22892   -2.76818  -5.60999  1.000 17.69000 ?  1133 MET A SD  1 
ATOM   413  C CE  . MET A 1 55  ? -0.30060  -2.50929  -7.31080  1.000 17.13000 ?  1133 MET A CE  1 
ATOM   414  N N   . ASP A 1 56  ? -1.53186  -4.65714  -3.00874  1.000 17.61000 ?  1134 ASP A N   1 
ATOM   415  C CA  . ASP A 1 56  ? -1.37102  -5.07326  -1.63036  1.000 18.18000 ?  1134 ASP A CA  1 
ATOM   416  C C   . ASP A 1 56  ? 0.07172   -4.82543  -1.23374  1.000 18.79000 ?  1134 ASP A C   1 
ATOM   417  O O   . ASP A 1 56  ? 0.91862   -4.47848  -2.06764  1.000 15.54000 ?  1134 ASP A O   1 
ATOM   418  C CB  . ASP A 1 56  ? -1.73283  -6.54480  -1.44007  1.000 21.36000 ?  1134 ASP A CB  1 
ATOM   419  C CG  . ASP A 1 56  ? -0.65798  -7.45298  -1.97323  1.000 19.53000 ?  1134 ASP A CG  1 
ATOM   420  O OD1 . ASP A 1 56  ? -0.47284  -7.44581  -3.20393  1.000 19.05000 ?  1134 ASP A OD1 1 
ATOM   421  O OD2 . ASP A 1 56  ? 0.01247   -8.14046  -1.16803  1.000 23.02000 -1 1134 ASP A OD2 1 
ATOM   422  N N   . LEU A 1 57  ? 0.33996   -5.01546  0.06051   1.000 18.35000 ?  1135 LEU A N   1 
ATOM   423  C CA  . LEU A 1 57  ? 1.64806   -4.68495  0.60873   1.000 18.39000 ?  1135 LEU A CA  1 
ATOM   424  C C   . LEU A 1 57  ? 2.75786   -5.52437  -0.02124  1.000 19.95000 ?  1135 LEU A C   1 
ATOM   425  O O   . LEU A 1 57  ? 3.86323   -5.01668  -0.25177  1.000 19.42000 ?  1135 LEU A O   1 
ATOM   426  C CB  . LEU A 1 57  ? 1.63634   -4.87141  2.12153   1.000 16.53000 ?  1135 LEU A CB  1 
ATOM   427  C CG  . LEU A 1 57  ? 0.66680   -3.95746  2.89422   1.000 18.25000 ?  1135 LEU A CG  1 
ATOM   428  C CD1 . LEU A 1 57  ? 0.54432   -4.39329  4.33065   1.000 17.68000 ?  1135 LEU A CD1 1 
ATOM   429  C CD2 . LEU A 1 57  ? 1.13129   -2.52001  2.81716   1.000 15.68000 ?  1135 LEU A CD2 1 
ATOM   430  N N   . SER A 1 58  ? 2.49375   -6.81537  -0.27449  1.000 18.05000 ?  1136 SER A N   1 
ATOM   431  C CA  . SER A 1 58  ? 3.52066   -7.70041  -0.82919  1.000 21.33000 ?  1136 SER A CA  1 
ATOM   432  C C   . SER A 1 58  ? 3.88461   -7.31301  -2.26158  1.000 20.89000 ?  1136 SER A C   1 
ATOM   433  O O   . SER A 1 58  ? 5.05391   -7.39713  -2.65739  1.000 22.41000 ?  1136 SER A O   1 
ATOM   434  C CB  . SER A 1 58  ? 3.04494   -9.16057  -0.77883  1.000 18.31000 ?  1136 SER A CB  1 
ATOM   435  O OG  . SER A 1 58  ? 2.12681   -9.44372  -1.83634  1.000 20.58000 ?  1136 SER A OG  1 
ATOM   436  N N   . THR A 1 59  ? 2.89397   -6.92532  -3.06468  1.000 21.40000 ?  1137 THR A N   1 
ATOM   437  C CA  . THR A 1 59  ? 3.18137   -6.44442  -4.41277  1.000 19.45000 ?  1137 THR A CA  1 
ATOM   438  C C   . THR A 1 59  ? 4.03488   -5.18858  -4.36120  1.000 20.26000 ?  1137 THR A C   1 
ATOM   439  O O   . THR A 1 59  ? 5.02581   -5.06001  -5.08810  1.000 20.92000 ?  1137 THR A O   1 
ATOM   440  C CB  . THR A 1 59  ? 1.87540   -6.16847  -5.15909  1.000 21.90000 ?  1137 THR A CB  1 
ATOM   441  O OG1 . THR A 1 59  ? 1.14460   -7.38718  -5.28651  1.000 22.82000 ?  1137 THR A OG1 1 
ATOM   442  C CG2 . THR A 1 59  ? 2.13976   -5.58088  -6.54076  1.000 17.69000 ?  1137 THR A CG2 1 
ATOM   443  N N   . ILE A 1 60  ? 3.66514   -4.25079  -3.48796  1.000 18.21000 ?  1138 ILE A N   1 
ATOM   444  C CA  . ILE A 1 60  ? 4.39593   -2.99794  -3.35692  1.000 17.75000 ?  1138 ILE A CA  1 
ATOM   445  C C   . ILE A 1 60  ? 5.82351   -3.26542  -2.87987  1.000 19.17000 ?  1138 ILE A C   1 
ATOM   446  O O   . ILE A 1 60  ? 6.78116   -2.61973  -3.32601  1.000 17.80000 ?  1138 ILE A O   1 
ATOM   447  C CB  . ILE A 1 60  ? 3.63266   -2.05597  -2.39596  1.000 22.10000 ?  1138 ILE A CB  1 
ATOM   448  C CG1 . ILE A 1 60  ? 2.26266   -1.66625  -2.97364  1.000 19.32000 ?  1138 ILE A CG1 1 
ATOM   449  C CG2 . ILE A 1 60  ? 4.41988   -0.80696  -2.12291  1.000 20.27000 ?  1138 ILE A CG2 1 
ATOM   450  C CD1 . ILE A 1 60  ? 1.31866   -0.91952  -1.95027  1.000 16.75000 ?  1138 ILE A CD1 1 
ATOM   451  N N   . LYS A 1 61  ? 5.98632   -4.21147  -1.94918  1.000 17.30000 ?  1139 LYS A N   1 
ATOM   452  C CA  . LYS A 1 61  ? 7.32365   -4.55658  -1.48177  1.000 19.90000 ?  1139 LYS A CA  1 
ATOM   453  C C   . LYS A 1 61  ? 8.17020   -5.11890  -2.61948  1.000 17.37000 ?  1139 LYS A C   1 
ATOM   454  O O   . LYS A 1 61  ? 9.34073   -4.76985  -2.75553  1.000 19.65000 ?  1139 LYS A O   1 
ATOM   455  C CB  . LYS A 1 61  ? 7.24109   -5.55546  -0.32111  1.000 22.52000 ?  1139 LYS A CB  1 
ATOM   456  C CG  . LYS A 1 61  ? 8.57326   -5.79186  0.38658   1.000 27.25000 ?  1139 LYS A CG  1 
ATOM   457  C CD  . LYS A 1 61  ? 8.38298   -6.61127  1.66119   1.000 30.21000 ?  1139 LYS A CD  1 
ATOM   458  C CE  . LYS A 1 61  ? 9.37928   -7.75342  1.75327   1.000 32.31000 ?  1139 LYS A CE  1 
ATOM   459  N NZ  . LYS A 1 61  ? 10.79203  -7.31318  1.47057   1.000 41.76000 ?  1139 LYS A NZ  1 
ATOM   460  N N   . ARG A 1 62  ? 7.58747   -5.96408  -3.46108  1.000 17.83000 ?  1140 ARG A N   1 
ATOM   461  C CA  . ARG A 1 62  ? 8.35671   -6.52351  -4.57096  1.000 21.60000 ?  1140 ARG A CA  1 
ATOM   462  C C   . ARG A 1 62  ? 8.75374   -5.44889  -5.58333  1.000 20.54000 ?  1140 ARG A C   1 
ATOM   463  O O   . ARG A 1 62  ? 9.82535   -5.54761  -6.19457  1.000 21.77000 ?  1140 ARG A O   1 
ATOM   464  C CB  . ARG A 1 62  ? 7.55782   -7.64640  -5.23563  1.000 24.09000 ?  1140 ARG A CB  1 
ATOM   465  C CG  . ARG A 1 62  ? 8.28085   -8.40834  -6.35619  1.000 25.36000 ?  1140 ARG A CG  1 
ATOM   466  C CD  . ARG A 1 62  ? 7.38292   -9.52414  -6.97416  1.000 30.38000 ?  1140 ARG A CD  1 
ATOM   467  N NE  . ARG A 1 62  ? 6.94702   -10.51126 -5.97796  1.000 30.07000 ?  1140 ARG A NE  1 
ATOM   468  C CZ  . ARG A 1 62  ? 5.68790   -10.64883 -5.56042  1.000 31.80000 ?  1140 ARG A CZ  1 
ATOM   469  N NH1 . ARG A 1 62  ? 4.72685   -9.87946  -6.06045  1.000 32.99000 ?  1140 ARG A NH1 1 
ATOM   470  N NH2 . ARG A 1 62  ? 5.38727   -11.54885 -4.63238  1.000 29.95000 ?  1140 ARG A NH2 1 
ATOM   471  N N   . LYS A 1 63  ? 7.91159   -4.42148  -5.78549  1.000 19.97000 ?  1141 LYS A N   1 
ATOM   472  C CA  . LYS A 1 63  ? 8.26995   -3.35140  -6.71987  1.000 19.85000 ?  1141 LYS A CA  1 
ATOM   473  C C   . LYS A 1 63  ? 9.38168   -2.47396  -6.15415  1.000 23.45000 ?  1141 LYS A C   1 
ATOM   474  O O   . LYS A 1 63  ? 10.28104  -2.04605  -6.89301  1.000 21.16000 ?  1141 LYS A O   1 
ATOM   475  C CB  . LYS A 1 63  ? 7.02561   -2.53527  -7.08733  1.000 21.64000 ?  1141 LYS A CB  1 
ATOM   476  C CG  . LYS A 1 63  ? 6.00852   -3.36059  -7.88991  1.000 20.99000 ?  1141 LYS A CG  1 
ATOM   477  C CD  . LYS A 1 63  ? 4.71825   -2.62831  -8.18323  1.000 22.41000 ?  1141 LYS A CD  1 
ATOM   478  C CE  . LYS A 1 63  ? 4.96510   -1.46467  -9.12296  1.000 23.86000 ?  1141 LYS A CE  1 
ATOM   479  N NZ  . LYS A 1 63  ? 3.66931   -0.86553  -9.51191  1.000 22.96000 ?  1141 LYS A NZ  1 
ATOM   480  N N   . LEU A 1 64  ? 9.35237   -2.21188  -4.84392  1.000 19.26000 ?  1142 LEU A N   1 
ATOM   481  C CA  . LEU A 1 64  ? 10.48211  -1.56121  -4.19603  1.000 21.09000 ?  1142 LEU A CA  1 
ATOM   482  C C   . LEU A 1 64  ? 11.75035  -2.39003  -4.33570  1.000 23.04000 ?  1142 LEU A C   1 
ATOM   483  O O   . LEU A 1 64  ? 12.81957  -1.85199  -4.64464  1.000 25.01000 ?  1142 LEU A O   1 
ATOM   484  C CB  . LEU A 1 64  ? 10.17135  -1.31670  -2.71820  1.000 21.75000 ?  1142 LEU A CB  1 
ATOM   485  C CG  . LEU A 1 64  ? 9.69397   0.09338   -2.37879  1.000 21.98000 ?  1142 LEU A CG  1 
ATOM   486  C CD1 . LEU A 1 64  ? 9.33703   0.20383   -0.89969  1.000 24.50000 ?  1142 LEU A CD1 1 
ATOM   487  C CD2 . LEU A 1 64  ? 10.71935  1.12597   -2.75578  1.000 23.52000 ?  1142 LEU A CD2 1 
ATOM   488  N N   . ASP A 1 65  ? 11.65489  -3.70524  -4.10641  1.000 21.18000 ?  1143 ASP A N   1 
ATOM   489  C CA  . ASP A 1 65  ? 12.82760  -4.56837  -4.15652  1.000 23.23000 ?  1143 ASP A CA  1 
ATOM   490  C C   . ASP A 1 65  ? 13.36908  -4.75851  -5.56749  1.000 22.81000 ?  1143 ASP A C   1 
ATOM   491  O O   . ASP A 1 65  ? 14.47353  -5.28565  -5.71394  1.000 26.56000 ?  1143 ASP A O   1 
ATOM   492  C CB  . ASP A 1 65  ? 12.50439  -5.94459  -3.57498  1.000 22.83000 ?  1143 ASP A CB  1 
ATOM   493  C CG  . ASP A 1 65  ? 12.43006  -5.93822  -2.07285  1.000 27.17000 ?  1143 ASP A CG  1 
ATOM   494  O OD1 . ASP A 1 65  ? 12.96163  -5.00458  -1.44955  1.000 26.66000 ?  1143 ASP A OD1 1 
ATOM   495  O OD2 . ASP A 1 65  ? 11.83153  -6.87594  -1.51823  1.000 27.23000 -1 1143 ASP A OD2 1 
ATOM   496  N N   . THR A 1 66  ? 12.61210  -4.39483  -6.59910  1.000 24.17000 ?  1144 THR A N   1 
ATOM   497  C CA  . THR A 1 66  ? 13.03348  -4.61290  -7.97784  1.000 25.57000 ?  1144 THR A CA  1 
ATOM   498  C C   . THR A 1 66  ? 13.21144  -3.29677  -8.71359  1.000 28.30000 ?  1144 THR A C   1 
ATOM   499  O O   . THR A 1 66  ? 13.40862  -3.30046  -9.93555  1.000 27.96000 ?  1144 THR A O   1 
ATOM   500  C CB  . THR A 1 66  ? 12.02607  -5.49586  -8.72497  1.000 23.30000 ?  1144 THR A CB  1 
ATOM   501  O OG1 . THR A 1 66  ? 10.69895  -4.97097  -8.56347  1.000 24.24000 ?  1144 THR A OG1 1 
ATOM   502  C CG2 . THR A 1 66  ? 12.06520  -6.92286  -8.20396  1.000 21.21000 ?  1144 THR A CG2 1 
ATOM   503  N N   . GLY A 1 67  ? 13.11897  -2.17463  -8.00521  1.000 24.55000 ?  1145 GLY A N   1 
ATOM   504  C CA  . GLY A 1 67  ? 13.38337  -0.88433  -8.60371  1.000 25.31000 ?  1145 GLY A CA  1 
ATOM   505  C C   . GLY A 1 67  ? 12.32280  -0.38753  -9.55281  1.000 29.32000 ?  1145 GLY A C   1 
ATOM   506  O O   . GLY A 1 67  ? 12.61846  0.44474   -10.41426 1.000 28.35000 ?  1145 GLY A O   1 
ATOM   507  N N   . GLN A 1 68  ? 11.08258  -0.85850  -9.41051  1.000 25.03000 ?  1146 GLN A N   1 
ATOM   508  C CA  A GLN A 1 68  ? 10.06069  -0.45500  -10.36351 0.540 26.35000 ?  1146 GLN A CA  1 
ATOM   509  C CA  B GLN A 1 68  ? 9.97132   -0.48839  -10.28280 0.460 26.38000 ?  1146 GLN A CA  1 
ATOM   510  C C   . GLN A 1 68  ? 9.49936   0.94086   -10.08547 1.000 30.69000 ?  1146 GLN A C   1 
ATOM   511  O O   . GLN A 1 68  ? 8.70715   1.43615   -10.89213 1.000 31.73000 ?  1146 GLN A O   1 
ATOM   512  C CB  A GLN A 1 68  ? 8.95461   -1.52022  -10.39953 0.540 26.48000 ?  1146 GLN A CB  1 
ATOM   513  C CB  B GLN A 1 68  ? 8.78824   -1.42469  -10.04726 0.460 26.20000 ?  1146 GLN A CB  1 
ATOM   514  C CG  A GLN A 1 68  ? 9.47629   -2.92438  -10.82983 0.540 27.15000 ?  1146 GLN A CG  1 
ATOM   515  C CG  B GLN A 1 68  ? 8.98926   -2.80546  -10.61180 0.460 27.53000 ?  1146 GLN A CG  1 
ATOM   516  C CD  A GLN A 1 68  ? 8.41119   -4.02365  -10.76092 0.540 26.94000 ?  1146 GLN A CD  1 
ATOM   517  C CD  B GLN A 1 68  ? 9.64967   -2.76565  -11.96273 0.460 27.37000 ?  1146 GLN A CD  1 
ATOM   518  O OE1 A GLN A 1 68  ? 7.27785   -3.81756  -11.19291 0.540 28.51000 ?  1146 GLN A OE1 1 
ATOM   519  O OE1 B GLN A 1 68  ? 10.71354  -3.34883  -12.15841 0.460 26.42000 ?  1146 GLN A OE1 1 
ATOM   520  N NE2 A GLN A 1 68  ? 8.78166   -5.20375  -10.24433 0.540 22.62000 ?  1146 GLN A NE2 1 
ATOM   521  N NE2 B GLN A 1 68  ? 9.02571   -2.06632  -12.90916 0.460 27.22000 ?  1146 GLN A NE2 1 
ATOM   522  N N   . TYR A 1 69  ? 9.91679   1.60097   -9.01321  1.000 28.00000 ?  1147 TYR A N   1 
ATOM   523  C CA  . TYR A 1 69  ? 9.55099   2.98536   -8.75654  1.000 28.53000 ?  1147 TYR A CA  1 
ATOM   524  C C   . TYR A 1 69  ? 10.72817  3.88054   -9.12769  1.000 32.68000 ?  1147 TYR A C   1 
ATOM   525  O O   . TYR A 1 69  ? 11.82026  3.73481   -8.57085  1.000 36.82000 ?  1147 TYR A O   1 
ATOM   526  C CB  . TYR A 1 69  ? 9.17911   3.17741   -7.29156  1.000 23.37000 ?  1147 TYR A CB  1 
ATOM   527  C CG  . TYR A 1 69  ? 8.02677   2.33323   -6.85145  1.000 24.17000 ?  1147 TYR A CG  1 
ATOM   528  C CD1 . TYR A 1 69  ? 6.78117   2.45480   -7.45687  1.000 23.75000 ?  1147 TYR A CD1 1 
ATOM   529  C CD2 . TYR A 1 69  ? 8.17000   1.42410   -5.81376  1.000 22.64000 ?  1147 TYR A CD2 1 
ATOM   530  C CE1 . TYR A 1 69  ? 5.71044   1.67788   -7.04533  1.000 21.98000 ?  1147 TYR A CE1 1 
ATOM   531  C CE2 . TYR A 1 69  ? 7.11602   0.65009   -5.40313  1.000 20.22000 ?  1147 TYR A CE2 1 
ATOM   532  C CZ  . TYR A 1 69  ? 5.88545   0.78266   -6.01865  1.000 18.32000 ?  1147 TYR A CZ  1 
ATOM   533  O OH  . TYR A 1 69  ? 4.82586   0.00549   -5.60616  1.000 18.82000 ?  1147 TYR A OH  1 
ATOM   534  N N   . GLN A 1 70  ? 10.51297  4.79317   -10.06850 1.000 32.90000 ?  1148 GLN A N   1 
ATOM   535  C CA  . GLN A 1 70  ? 11.54308  5.77165   -10.39416 1.000 33.70000 ?  1148 GLN A CA  1 
ATOM   536  C C   . GLN A 1 70  ? 11.38297  7.06509   -9.61723  1.000 32.86000 ?  1148 GLN A C   1 
ATOM   537  O O   . GLN A 1 70  ? 12.31944  7.86835   -9.59235  1.000 35.04000 ?  1148 GLN A O   1 
ATOM   538  C CB  . GLN A 1 70  ? 11.53872  6.09624   -11.89851 1.000 38.56000 ?  1148 GLN A CB  1 
ATOM   539  C CG  . GLN A 1 70  ? 11.94660  4.94232   -12.79593 1.000 42.34000 ?  1148 GLN A CG  1 
ATOM   540  C CD  . GLN A 1 70  ? 10.74195  4.22454   -13.37821 1.000 44.94000 ?  1148 GLN A CD  1 
ATOM   541  O OE1 . GLN A 1 70  ? 9.74423   4.85316   -13.74333 1.000 45.05000 ?  1148 GLN A OE1 1 
ATOM   542  N NE2 . GLN A 1 70  ? 10.82104  2.89323   -13.45043 1.000 48.43000 ?  1148 GLN A NE2 1 
ATOM   543  N N   . GLU A 1 71  ? 10.21776  7.28620   -8.99812  1.000 29.37000 ?  1149 GLU A N   1 
ATOM   544  C CA  . GLU A 1 71  ? 9.85785   8.52774   -8.32857  1.000 29.97000 ?  1149 GLU A CA  1 
ATOM   545  C C   . GLU A 1 71  ? 9.10398   8.17795   -7.05678  1.000 26.45000 ?  1149 GLU A C   1 
ATOM   546  O O   . GLU A 1 71  ? 8.28593   7.24800   -7.06597  1.000 25.01000 ?  1149 GLU A O   1 
ATOM   547  C CB  . GLU A 1 71  ? 8.96208   9.41868   -9.19721  1.000 29.50000 ?  1149 GLU A CB  1 
ATOM   548  C CG  . GLU A 1 71  ? 9.45865   9.65165   -10.59826 1.000 34.46000 ?  1149 GLU A CG  1 
ATOM   549  C CD  . GLU A 1 71  ? 10.45488  10.77958  -10.65773 1.000 35.99000 ?  1149 GLU A CD  1 
ATOM   550  O OE1 . GLU A 1 71  ? 10.54741  11.55188  -9.67336  1.000 42.30000 ?  1149 GLU A OE1 1 
ATOM   551  O OE2 . GLU A 1 71  ? 11.14892  10.88829  -11.68671 1.000 45.36000 -1 1149 GLU A OE2 1 
ATOM   552  N N   . PRO A 1 72  ? 9.34036   8.90214   -5.96132  1.000 23.90000 ?  1150 PRO A N   1 
ATOM   553  C CA  . PRO A 1 72  ? 8.62778   8.57024   -4.71614  1.000 24.36000 ?  1150 PRO A CA  1 
ATOM   554  C C   . PRO A 1 72  ? 7.12067   8.56305   -4.87574  1.000 21.80000 ?  1150 PRO A C   1 
ATOM   555  O O   . PRO A 1 72  ? 6.44640   7.78172   -4.19335  1.000 22.83000 ?  1150 PRO A O   1 
ATOM   556  C CB  . PRO A 1 72  ? 9.09966   9.65892   -3.73887  1.000 23.60000 ?  1150 PRO A CB  1 
ATOM   557  C CG  . PRO A 1 72  ? 10.45610  10.05577  -4.26621  1.000 28.61000 ?  1150 PRO A CG  1 
ATOM   558  C CD  . PRO A 1 72  ? 10.37110  9.93169   -5.76275  1.000 24.37000 ?  1150 PRO A CD  1 
ATOM   559  N N   . TRP A 1 73  ? 6.56328   9.39255   -5.76380  1.000 22.56000 ?  1151 TRP A N   1 
ATOM   560  C CA  . TRP A 1 73  ? 5.11054   9.45601   -5.87435  1.000 25.75000 ?  1151 TRP A CA  1 
ATOM   561  C C   . TRP A 1 73  ? 4.52831   8.20083   -6.50821  1.000 22.88000 ?  1151 TRP A C   1 
ATOM   562  O O   . TRP A 1 73  ? 3.35867   7.89034   -6.27311  1.000 20.55000 ?  1151 TRP A O   1 
ATOM   563  C CB  . TRP A 1 73  ? 4.67587   10.70503  -6.66117  1.000 27.44000 ?  1151 TRP A CB  1 
ATOM   564  C CG  . TRP A 1 73  ? 5.22389   10.80609  -8.05227  1.000 29.07000 ?  1151 TRP A CG  1 
ATOM   565  C CD1 . TRP A 1 73  ? 6.34712   11.46807  -8.44075  1.000 29.81000 ?  1151 TRP A CD1 1 
ATOM   566  C CD2 . TRP A 1 73  ? 4.66374   10.23193  -9.24429  1.000 27.70000 ?  1151 TRP A CD2 1 
ATOM   567  N NE1 . TRP A 1 73  ? 6.53111   11.33292  -9.79947  1.000 29.55000 ?  1151 TRP A NE1 1 
ATOM   568  C CE2 . TRP A 1 73  ? 5.50902   10.58290  -10.31487 1.000 27.66000 ?  1151 TRP A CE2 1 
ATOM   569  C CE3 . TRP A 1 73  ? 3.52915   9.45506   -9.50700  1.000 29.38000 ?  1151 TRP A CE3 1 
ATOM   570  C CZ2 . TRP A 1 73  ? 5.25910   10.18235  -11.62440 1.000 32.63000 ?  1151 TRP A CZ2 1 
ATOM   571  C CZ3 . TRP A 1 73  ? 3.28002   9.06106   -10.80309 1.000 27.21000 ?  1151 TRP A CZ3 1 
ATOM   572  C CH2 . TRP A 1 73  ? 4.14099   9.42419   -11.84926 1.000 33.30000 ?  1151 TRP A CH2 1 
ATOM   573  N N   . GLN A 1 74  ? 5.30876   7.47433   -7.31010  1.000 22.24000 ?  1152 GLN A N   1 
ATOM   574  C CA  . GLN A 1 74  ? 4.80697   6.22301   -7.87049  1.000 20.70000 ?  1152 GLN A CA  1 
ATOM   575  C C   . GLN A 1 74  ? 4.59601   5.18331   -6.78334  1.000 21.09000 ?  1152 GLN A C   1 
ATOM   576  O O   . GLN A 1 74  ? 3.61923   4.42254   -6.82981  1.000 20.59000 ?  1152 GLN A O   1 
ATOM   577  C CB  . GLN A 1 74  ? 5.76813   5.69510   -8.93286  1.000 22.50000 ?  1152 GLN A CB  1 
ATOM   578  C CG  . GLN A 1 74  ? 5.93463   6.62846   -10.10496 1.000 23.56000 ?  1152 GLN A CG  1 
ATOM   579  C CD  . GLN A 1 74  ? 7.09206   6.22796   -10.99378 1.000 31.83000 ?  1152 GLN A CD  1 
ATOM   580  O OE1 . GLN A 1 74  ? 8.09292   5.68825   -10.52715 1.000 31.04000 ?  1152 GLN A OE1 1 
ATOM   581  N NE2 . GLN A 1 74  ? 6.96123   6.49606   -12.27871 1.000 36.70000 ?  1152 GLN A NE2 1 
ATOM   582  N N   . TYR A 1 75  ? 5.51458   5.12965   -5.81261  1.000 16.55000 ?  1153 TYR A N   1 
ATOM   583  C CA  . TYR A 1 75  ? 5.31941   4.31694   -4.61538  1.000 20.25000 ?  1153 TYR A CA  1 
ATOM   584  C C   . TYR A 1 75  ? 4.07644   4.75637   -3.85505  1.000 19.69000 ?  1153 TYR A C   1 
ATOM   585  O O   . TYR A 1 75  ? 3.19875   3.93735   -3.55370  1.000 19.36000 ?  1153 TYR A O   1 
ATOM   586  C CB  . TYR A 1 75  ? 6.56536   4.39818   -3.72083  1.000 18.60000 ?  1153 TYR A CB  1 
ATOM   587  C CG  . TYR A 1 75  ? 6.35045   3.90208   -2.31097  1.000 21.04000 ?  1153 TYR A CG  1 
ATOM   588  C CD1 . TYR A 1 75  ? 6.30131   2.53826   -2.02713  1.000 18.61000 ?  1153 TYR A CD1 1 
ATOM   589  C CD2 . TYR A 1 75  ? 6.19767   4.79250   -1.25748  1.000 18.79000 ?  1153 TYR A CD2 1 
ATOM   590  C CE1 . TYR A 1 75  ? 6.09512   2.08302   -0.73468  1.000 17.56000 ?  1153 TYR A CE1 1 
ATOM   591  C CE2 . TYR A 1 75  ? 5.98778   4.33913   0.03666   1.000 18.86000 ?  1153 TYR A CE2 1 
ATOM   592  C CZ  . TYR A 1 75  ? 5.95011   2.99356   0.29101   1.000 18.96000 ?  1153 TYR A CZ  1 
ATOM   593  O OH  . TYR A 1 75  ? 5.74529   2.56229   1.57886   1.000 18.35000 ?  1153 TYR A OH  1 
ATOM   594  N N   . VAL A 1 76  ? 3.96527   6.05877   -3.56272  1.000 17.42000 ?  1154 VAL A N   1 
ATOM   595  C CA  . VAL A 1 76  ? 2.80688   6.54181   -2.80893  1.000 16.28000 ?  1154 VAL A CA  1 
ATOM   596  C C   . VAL A 1 76  ? 1.51252   6.24239   -3.56177  1.000 17.43000 ?  1154 VAL A C   1 
ATOM   597  O O   . VAL A 1 76  ? 0.49449   5.89126   -2.95330  1.000 16.31000 ?  1154 VAL A O   1 
ATOM   598  C CB  . VAL A 1 76  ? 2.95370   8.04650   -2.48876  1.000 15.58000 ?  1154 VAL A CB  1 
ATOM   599  C CG1 . VAL A 1 76  ? 1.68630   8.58744   -1.79960  1.000 15.72000 ?  1154 VAL A CG1 1 
ATOM   600  C CG2 . VAL A 1 76  ? 4.19190   8.29418   -1.61787  1.000 17.62000 ?  1154 VAL A CG2 1 
ATOM   601  N N   . ASP A 1 77  ? 1.53291   6.34479   -4.89371  1.000 16.83000 ?  1155 ASP A N   1 
ATOM   602  C CA  . ASP A 1 77  ? 0.33505   6.02043   -5.66836  1.000 18.07000 ?  1155 ASP A CA  1 
ATOM   603  C C   . ASP A 1 77  ? -0.10250  4.57919   -5.44044  1.000 18.14000 ?  1155 ASP A C   1 
ATOM   604  O O   . ASP A 1 77  ? -1.30118  4.30130   -5.33467  1.000 19.10000 ?  1155 ASP A O   1 
ATOM   605  C CB  . ASP A 1 77  ? 0.56544   6.26140   -7.16216  1.000 18.27000 ?  1155 ASP A CB  1 
ATOM   606  C CG  . ASP A 1 77  ? 0.44876   7.73241   -7.55806  1.000 25.08000 ?  1155 ASP A CG  1 
ATOM   607  O OD1 . ASP A 1 77  ? 0.74015   8.04780   -8.72825  1.000 21.69000 ?  1155 ASP A OD1 1 
ATOM   608  O OD2 . ASP A 1 77  ? 0.08083   8.57295   -6.71530  1.000 22.60000 -1 1155 ASP A OD2 1 
ATOM   609  N N   . ASP A 1 78  ? 0.84731   3.63818   -5.37204  1.000 19.27000 ?  1156 ASP A N   1 
ATOM   610  C CA  . ASP A 1 78  ? 0.45440   2.24814   -5.15409  1.000 18.75000 ?  1156 ASP A CA  1 
ATOM   611  C C   . ASP A 1 78  ? -0.13460  2.05167   -3.76000  1.000 17.69000 ?  1156 ASP A C   1 
ATOM   612  O O   . ASP A 1 78  ? -1.09260  1.28428   -3.58739  1.000 14.55000 ?  1156 ASP A O   1 
ATOM   613  C CB  . ASP A 1 78  ? 1.64264   1.30884   -5.37371  1.000 17.60000 ?  1156 ASP A CB  1 
ATOM   614  C CG  . ASP A 1 78  ? 1.73235   0.79812   -6.81892  1.000 18.92000 ?  1156 ASP A CG  1 
ATOM   615  O OD1 . ASP A 1 78  ? 0.77032   1.02712   -7.60394  1.000 22.18000 ?  1156 ASP A OD1 1 
ATOM   616  O OD2 . ASP A 1 78  ? 2.76508   0.16560   -7.16674  1.000 20.88000 -1 1156 ASP A OD2 1 
ATOM   617  N N   . VAL A 1 79  ? 0.42442   2.72329   -2.74956  1.000 17.90000 ?  1157 VAL A N   1 
ATOM   618  C CA  . VAL A 1 79  ? -0.12760  2.60057   -1.40126  1.000 16.29000 ?  1157 VAL A CA  1 
ATOM   619  C C   . VAL A 1 79  ? -1.57194  3.10545   -1.38059  1.000 17.05000 ?  1157 VAL A C   1 
ATOM   620  O O   . VAL A 1 79  ? -2.47081  2.44769   -0.84811  1.000 17.08000 ?  1157 VAL A O   1 
ATOM   621  C CB  . VAL A 1 79  ? 0.75971   3.34322   -0.37884  1.000 17.89000 ?  1157 VAL A CB  1 
ATOM   622  C CG1 . VAL A 1 79  ? 0.08235   3.38281   0.98089   1.000 14.96000 ?  1157 VAL A CG1 1 
ATOM   623  C CG2 . VAL A 1 79  ? 2.11922   2.67122   -0.25431  1.000 17.01000 ?  1157 VAL A CG2 1 
ATOM   624  N N   . TRP A 1 80  ? -1.82427  4.25986   -1.99876  1.000 17.28000 ?  1158 TRP A N   1 
ATOM   625  C CA  . TRP A 1 80  ? -3.18107  4.79830   -2.00610  1.000 18.84000 ?  1158 TRP A CA  1 
ATOM   626  C C   . TRP A 1 80  ? -4.09802  4.02570   -2.95240  1.000 22.55000 ?  1158 TRP A C   1 
ATOM   627  O O   . TRP A 1 80  ? -5.30966  3.97320   -2.71592  1.000 20.25000 ?  1158 TRP A O   1 
ATOM   628  C CB  . TRP A 1 80  ? -3.15343  6.29308   -2.34584  1.000 21.80000 ?  1158 TRP A CB  1 
ATOM   629  C CG  . TRP A 1 80  ? -2.79005  7.06035   -1.13384  1.000 22.52000 ?  1158 TRP A CG  1 
ATOM   630  C CD1 . TRP A 1 80  ? -1.54002  7.42785   -0.74187  1.000 21.30000 ?  1158 TRP A CD1 1 
ATOM   631  C CD2 . TRP A 1 80  ? -3.67921  7.49557   -0.10264  1.000 19.32000 ?  1158 TRP A CD2 1 
ATOM   632  N NE1 . TRP A 1 80  ? -1.59519  8.09045   0.46017   1.000 17.28000 ?  1158 TRP A NE1 1 
ATOM   633  C CE2 . TRP A 1 80  ? -2.89761  8.13500   0.87975   1.000 21.88000 ?  1158 TRP A CE2 1 
ATOM   634  C CE3 . TRP A 1 80  ? -5.05993  7.40313   0.08996   1.000 23.56000 ?  1158 TRP A CE3 1 
ATOM   635  C CZ2 . TRP A 1 80  ? -3.45370  8.69179   2.03735   1.000 22.80000 ?  1158 TRP A CZ2 1 
ATOM   636  C CZ3 . TRP A 1 80  ? -5.61623  7.97677   1.24383   1.000 21.01000 ?  1158 TRP A CZ3 1 
ATOM   637  C CH2 . TRP A 1 80  ? -4.81231  8.59709   2.19672   1.000 20.89000 ?  1158 TRP A CH2 1 
ATOM   638  N N   . LEU A 1 81  ? -3.55495  3.38506   -4.00058  1.000 15.63000 ?  1159 LEU A N   1 
ATOM   639  C CA  . LEU A 1 81  ? -4.39230  2.48017   -4.78362  1.000 14.69000 ?  1159 LEU A CA  1 
ATOM   640  C C   . LEU A 1 81  ? -4.91907  1.33855   -3.91944  1.000 16.27000 ?  1159 LEU A C   1 
ATOM   641  O O   . LEU A 1 81  ? -6.10556  0.99292   -3.98917  1.000 15.37000 ?  1159 LEU A O   1 
ATOM   642  C CB  . LEU A 1 81  ? -3.61973  1.93249   -5.98691  1.000 19.93000 ?  1159 LEU A CB  1 
ATOM   643  C CG  . LEU A 1 81  ? -4.28337  0.77042   -6.73628  1.000 15.61000 ?  1159 LEU A CG  1 
ATOM   644  C CD1 . LEU A 1 81  ? -5.60202  1.18944   -7.38687  1.000 19.83000 ?  1159 LEU A CD1 1 
ATOM   645  C CD2 . LEU A 1 81  ? -3.30232  0.17691   -7.79617  1.000 21.14000 ?  1159 LEU A CD2 1 
ATOM   646  N N   . MET A 1 82  ? -4.05327  0.75112   -3.08894  1.000 17.66000 ?  1160 MET A N   1 
ATOM   647  C CA  . MET A 1 82  ? -4.47817  -0.25175  -2.11520  1.000 14.20000 ?  1160 MET A CA  1 
ATOM   648  C C   . MET A 1 82  ? -5.57127  0.27137   -1.17521  1.000 16.79000 ?  1160 MET A C   1 
ATOM   649  O O   . MET A 1 82  ? -6.56077  -0.42781  -0.91607  1.000 15.18000 ?  1160 MET A O   1 
ATOM   650  C CB  . MET A 1 82  ? -3.27023  -0.72417  -1.30774  1.000 17.11000 ?  1160 MET A CB  1 
ATOM   651  C CG  . MET A 1 82  ? -3.61568  -1.74732  -0.23950  1.000 17.99000 ?  1160 MET A CG  1 
ATOM   652  S SD  . MET A 1 82  ? -2.15349  -2.26461  0.66476   1.000 16.85000 ?  1160 MET A SD  1 
ATOM   653  C CE  . MET A 1 82  ? -2.12577  -1.06292  1.97114   1.000 20.74000 ?  1160 MET A CE  1 
ATOM   654  N N   . PHE A 1 83  ? -5.40174  1.48008   -0.62549  1.000 15.92000 ?  1161 PHE A N   1 
ATOM   655  C CA  . PHE A 1 83  ? -6.42843  2.02247   0.27265   1.000 15.19000 ?  1161 PHE A CA  1 
ATOM   656  C C   . PHE A 1 83  ? -7.74019  2.24859   -0.47141  1.000 16.92000 ?  1161 PHE A C   1 
ATOM   657  O O   . PHE A 1 83  ? -8.81849  1.90764   0.02582   1.000 15.81000 ?  1161 PHE A O   1 
ATOM   658  C CB  . PHE A 1 83  ? -5.98275  3.34508   0.90375   1.000 14.87000 ?  1161 PHE A CB  1 
ATOM   659  C CG  . PHE A 1 83  ? -4.76357  3.25366   1.76748   1.000 16.52000 ?  1161 PHE A CG  1 
ATOM   660  C CD1 . PHE A 1 83  ? -4.40763  2.07072   2.39524   1.000 16.51000 ?  1161 PHE A CD1 1 
ATOM   661  C CD2 . PHE A 1 83  ? -3.96325  4.37389   1.94884   1.000 16.87000 ?  1161 PHE A CD2 1 
ATOM   662  C CE1 . PHE A 1 83  ? -3.27183  2.01322   3.19289   1.000 19.02000 ?  1161 PHE A CE1 1 
ATOM   663  C CE2 . PHE A 1 83  ? -2.81814  4.32396   2.72888   1.000 18.94000 ?  1161 PHE A CE2 1 
ATOM   664  C CZ  . PHE A 1 83  ? -2.46704  3.13500   3.35389   1.000 17.02000 ?  1161 PHE A CZ  1 
ATOM   665  N N   . ASN A 1 84  ? -7.66649  2.85538   -1.66136  1.000 17.96000 ?  1162 ASN A N   1 
ATOM   666  C CA  . ASN A 1 84  ? -8.87401  3.16419   -2.42170  1.000 19.28000 ?  1162 ASN A CA  1 
ATOM   667  C C   . ASN A 1 84  ? -9.63269  1.90014   -2.80637  1.000 18.78000 ?  1162 ASN A C   1 
ATOM   668  O O   . ASN A 1 84  ? -10.86766 1.89269   -2.82021  1.000 17.44000 ?  1162 ASN A O   1 
ATOM   669  C CB  . ASN A 1 84  ? -8.51930  3.95998   -3.67750  1.000 20.26000 ?  1162 ASN A CB  1 
ATOM   670  C CG  . ASN A 1 84  ? -8.07977  5.36353   -3.36756  1.000 24.66000 ?  1162 ASN A CG  1 
ATOM   671  O OD1 . ASN A 1 84  ? -8.53541  5.96022   -2.39211  1.000 23.46000 ?  1162 ASN A OD1 1 
ATOM   672  N ND2 . ASN A 1 84  ? -7.17242  5.90254   -4.19188  1.000 24.74000 ?  1162 ASN A ND2 1 
ATOM   673  N N   . ASN A 1 85  ? -8.90858  0.83487   -3.16429  1.000 19.18000 ?  1163 ASN A N   1 
ATOM   674  C CA  . ASN A 1 85  ? -9.54664  -0.44606  -3.44157  1.000 16.70000 ?  1163 ASN A CA  1 
ATOM   675  C C   . ASN A 1 85  ? -10.37486 -0.90884  -2.24291  1.000 18.84000 ?  1163 ASN A C   1 
ATOM   676  O O   . ASN A 1 85  ? -11.54666 -1.28459  -2.38695  1.000 17.64000 ?  1163 ASN A O   1 
ATOM   677  C CB  . ASN A 1 85  ? -8.48270  -1.49692  -3.79547  1.000 15.87000 ?  1163 ASN A CB  1 
ATOM   678  C CG  . ASN A 1 85  ? -7.91926  -1.32448  -5.21179  1.000 18.98000 ?  1163 ASN A CG  1 
ATOM   679  O OD1 . ASN A 1 85  ? -8.40323  -0.50425  -5.99518  1.000 18.16000 ?  1163 ASN A OD1 1 
ATOM   680  N ND2 . ASN A 1 85  ? -6.89525  -2.09966  -5.53673  1.000 18.20000 ?  1163 ASN A ND2 1 
ATOM   681  N N   . ALA A 1 86  ? -9.76969  -0.89573  -1.04521  1.000 17.32000 ?  1164 ALA A N   1 
ATOM   682  C CA  . ALA A 1 86  ? -10.45648 -1.39504  0.14924   1.000 16.69000 ?  1164 ALA A CA  1 
ATOM   683  C C   . ALA A 1 86  ? -11.65661 -0.52860  0.51483   1.000 18.06000 ?  1164 ALA A C   1 
ATOM   684  O O   . ALA A 1 86  ? -12.72276 -1.04884  0.87118   1.000 20.49000 ?  1164 ALA A O   1 
ATOM   685  C CB  . ALA A 1 86  ? -9.48187  -1.45300  1.32920   1.000 16.18000 ?  1164 ALA A CB  1 
ATOM   686  N N   . TRP A 1 87  ? -11.49250 0.79276   0.46572   1.000 19.91000 ?  1165 TRP A N   1 
ATOM   687  C CA  . TRP A 1 87  ? -12.62049 1.68151   0.72872   1.000 18.18000 ?  1165 TRP A CA  1 
ATOM   688  C C   . TRP A 1 87  ? -13.71227 1.51193   -0.31106  1.000 21.97000 ?  1165 TRP A C   1 
ATOM   689  O O   . TRP A 1 87  ? -14.89092 1.73169   -0.01729  1.000 24.06000 ?  1165 TRP A O   1 
ATOM   690  C CB  . TRP A 1 87  ? -12.15497 3.13813   0.74406   1.000 20.71000 ?  1165 TRP A CB  1 
ATOM   691  C CG  . TRP A 1 87  ? -11.38686 3.54352   1.94913   1.000 16.31000 ?  1165 TRP A CG  1 
ATOM   692  C CD1 . TRP A 1 87  ? -11.59298 3.13988   3.23315   1.000 20.22000 ?  1165 TRP A CD1 1 
ATOM   693  C CD2 . TRP A 1 87  ? -10.31314 4.47601   1.98793   1.000 16.84000 ?  1165 TRP A CD2 1 
ATOM   694  N NE1 . TRP A 1 87  ? -10.69680 3.74970   4.06549   1.000 17.87000 ?  1165 TRP A NE1 1 
ATOM   695  C CE2 . TRP A 1 87  ? -9.89525  4.57596   3.32401   1.000 17.54000 ?  1165 TRP A CE2 1 
ATOM   696  C CE3 . TRP A 1 87  ? -9.65825  5.23955   1.01384   1.000 19.59000 ?  1165 TRP A CE3 1 
ATOM   697  C CZ2 . TRP A 1 87  ? -8.84948  5.40841   3.72054   1.000 18.77000 ?  1165 TRP A CZ2 1 
ATOM   698  C CZ3 . TRP A 1 87  ? -8.60799  6.05401   1.40576   1.000 18.61000 ?  1165 TRP A CZ3 1 
ATOM   699  C CH2 . TRP A 1 87  ? -8.21997  6.13463   2.75002   1.000 17.63000 ?  1165 TRP A CH2 1 
ATOM   700  N N   . LEU A 1 88  ? -13.34944 1.09691   -1.52390  1.000 22.46000 ?  1166 LEU A N   1 
ATOM   701  C CA  . LEU A 1 88  ? -14.34795 0.90202   -2.56368  1.000 21.99000 ?  1166 LEU A CA  1 
ATOM   702  C C   . LEU A 1 88  ? -15.08809 -0.42038  -2.40469  1.000 21.94000 ?  1166 LEU A C   1 
ATOM   703  O O   . LEU A 1 88  ? -16.31958 -0.45606  -2.48744  1.000 21.52000 ?  1166 LEU A O   1 
ATOM   704  C CB  . LEU A 1 88  ? -13.68621 0.96387   -3.93494  1.000 23.47000 ?  1166 LEU A CB  1 
ATOM   705  C CG  . LEU A 1 88  ? -14.54770 0.52818   -5.11651  1.000 20.31000 ?  1166 LEU A CG  1 
ATOM   706  C CD1 . LEU A 1 88  ? -15.64984 1.54255   -5.33190  1.000 25.86000 ?  1166 LEU A CD1 1 
ATOM   707  C CD2 . LEU A 1 88  ? -13.66431 0.39705   -6.35274  1.000 22.23000 ?  1166 LEU A CD2 1 
ATOM   708  N N   . TYR A 1 89  ? -14.36178 -1.52560  -2.20164  1.000 23.22000 ?  1167 TYR A N   1 
ATOM   709  C CA  . TYR A 1 89  ? -15.03106 -2.82504  -2.21394  1.000 22.52000 ?  1167 TYR A CA  1 
ATOM   710  C C   . TYR A 1 89  ? -15.80726 -3.09397  -0.92779  1.000 24.37000 ?  1167 TYR A C   1 
ATOM   711  O O   . TYR A 1 89  ? -16.86831 -3.72062  -0.96729  1.000 22.40000 ?  1167 TYR A O   1 
ATOM   712  C CB  . TYR A 1 89  ? -14.03776 -3.96698  -2.45331  1.000 19.09000 ?  1167 TYR A CB  1 
ATOM   713  C CG  . TYR A 1 89  ? -14.75522 -5.29193  -2.39710  1.000 23.48000 ?  1167 TYR A CG  1 
ATOM   714  C CD1 . TYR A 1 89  ? -15.63002 -5.65672  -3.41030  1.000 25.03000 ?  1167 TYR A CD1 1 
ATOM   715  C CD2 . TYR A 1 89  ? -14.62220 -6.14853  -1.30014  1.000 23.99000 ?  1167 TYR A CD2 1 
ATOM   716  C CE1 . TYR A 1 89  ? -16.32912 -6.83565  -3.36310  1.000 26.79000 ?  1167 TYR A CE1 1 
ATOM   717  C CE2 . TYR A 1 89  ? -15.31998 -7.34747  -1.24209  1.000 25.25000 ?  1167 TYR A CE2 1 
ATOM   718  C CZ  . TYR A 1 89  ? -16.17505 -7.68182  -2.28376  1.000 29.98000 ?  1167 TYR A CZ  1 
ATOM   719  O OH  . TYR A 1 89  ? -16.89299 -8.85479  -2.26662  1.000 30.79000 ?  1167 TYR A OH  1 
ATOM   720  N N   . ASN A 1 90  ? -15.30165 -2.64235  0.21423   1.000 20.71000 ?  1168 ASN A N   1 
ATOM   721  C CA  . ASN A 1 90  ? -15.84943 -3.01534  1.51140   1.000 19.66000 ?  1168 ASN A CA  1 
ATOM   722  C C   . ASN A 1 90  ? -16.79360 -1.95036  2.05855   1.000 24.29000 ?  1168 ASN A C   1 
ATOM   723  O O   . ASN A 1 90  ? -16.59901 -0.75441  1.84664   1.000 22.19000 ?  1168 ASN A O   1 
ATOM   724  C CB  . ASN A 1 90  ? -14.70981 -3.26520  2.50806   1.000 19.50000 ?  1168 ASN A CB  1 
ATOM   725  C CG  . ASN A 1 90  ? -13.77257 -4.33767  2.03461   1.000 16.90000 ?  1168 ASN A CG  1 
ATOM   726  O OD1 . ASN A 1 90  ? -14.05143 -5.52354  2.21084   1.000 20.17000 ?  1168 ASN A OD1 1 
ATOM   727  N ND2 . ASN A 1 90  ? -12.66231 -3.94145  1.41457   1.000 15.06000 ?  1168 ASN A ND2 1 
ATOM   728  N N   . ARG A 1 91  ? -17.82239 -2.40090  2.77732   1.000 27.92000 ?  1169 ARG A N   1 
ATOM   729  C CA  . ARG A 1 91  ? -18.74156 -1.46549  3.41846   1.000 26.03000 ?  1169 ARG A CA  1 
ATOM   730  C C   . ARG A 1 91  ? -18.01647 -0.62503  4.45728   1.000 23.95000 ?  1169 ARG A C   1 
ATOM   731  O O   . ARG A 1 91  ? -17.03243 -1.05932  5.06885   1.000 22.17000 ?  1169 ARG A O   1 
ATOM   732  C CB  . ARG A 1 91  ? -19.89251 -2.21421  4.08170   1.000 30.82000 ?  1169 ARG A CB  1 
ATOM   733  C CG  . ARG A 1 91  ? -20.91152 -2.74313  3.10054   1.000 35.88000 ?  1169 ARG A CG  1 
ATOM   734  C CD  . ARG A 1 91  ? -22.13184 -3.29396  3.82278   1.000 41.45000 ?  1169 ARG A CD  1 
ATOM   735  N NE  . ARG A 1 91  ? -23.33542 -3.12388  3.00677   1.000 46.15000 ?  1169 ARG A NE  1 
ATOM   736  C CZ  . ARG A 1 91  ? -23.97467 -1.96737  2.83319   1.000 47.40000 ?  1169 ARG A CZ  1 
ATOM   737  N NH1 . ARG A 1 91  ? -23.54910 -0.85753  3.43443   1.000 49.55000 ?  1169 ARG A NH1 1 
ATOM   738  N NH2 . ARG A 1 91  ? -25.05453 -1.92365  2.06544   1.000 51.26000 ?  1169 ARG A NH2 1 
ATOM   739  N N   . LYS A 1 92  ? -18.52932 0.58936   4.67283   1.000 23.76000 ?  1170 LYS A N   1 
ATOM   740  C CA  . LYS A 1 92  ? -17.92188 1.49313   5.64459   1.000 26.70000 ?  1170 LYS A CA  1 
ATOM   741  C C   . LYS A 1 92  ? -17.95043 0.91821   7.05448   1.000 21.84000 ?  1170 LYS A C   1 
ATOM   742  O O   . LYS A 1 92  ? -17.09680 1.25134   7.88224   1.000 25.90000 ?  1170 LYS A O   1 
ATOM   743  C CB  . LYS A 1 92  ? -18.61662 2.84897   5.61450   1.000 28.10000 ?  1170 LYS A CB  1 
ATOM   744  C CG  . LYS A 1 92  ? -17.82380 3.92845   6.30213   1.000 31.84000 ?  1170 LYS A CG  1 
ATOM   745  N N   . THR A 1 93  ? -18.89053 0.03736   7.33987   1.000 24.69000 ?  1171 THR A N   1 
ATOM   746  C CA  . THR A 1 93  ? -18.99951 -0.55365  8.66259   1.000 25.22000 ?  1171 THR A CA  1 
ATOM   747  C C   . THR A 1 93  ? -18.17362 -1.82491  8.81855   1.000 23.54000 ?  1171 THR A C   1 
ATOM   748  O O   . THR A 1 93  ? -18.23189 -2.46106  9.87336   1.000 26.37000 ?  1171 THR A O   1 
ATOM   749  C CB  . THR A 1 93  ? -20.46981 -0.85513  8.95589   1.000 24.23000 ?  1171 THR A CB  1 
ATOM   750  O OG1 . THR A 1 93  ? -21.05137 -1.51204  7.81937   1.000 28.74000 ?  1171 THR A OG1 1 
ATOM   751  C CG2 . THR A 1 93  ? -21.22158 0.44294   9.23581   1.000 26.68000 ?  1171 THR A CG2 1 
ATOM   752  N N   . SER A 1 94  ? -17.41777 -2.21112  7.80496   1.000 21.05000 ?  1172 SER A N   1 
ATOM   753  C CA  . SER A 1 94  ? -16.78800 -3.51809  7.78324   1.000 21.77000 ?  1172 SER A CA  1 
ATOM   754  C C   . SER A 1 94  ? -15.39833 -3.49165  8.41686   1.000 19.86000 ?  1172 SER A C   1 
ATOM   755  O O   . SER A 1 94  ? -14.76749 -2.44520  8.56607   1.000 21.81000 ?  1172 SER A O   1 
ATOM   756  C CB  . SER A 1 94  ? -16.71119 -4.02972  6.34162   1.000 24.27000 ?  1172 SER A CB  1 
ATOM   757  O OG  . SER A 1 94  ? -15.71073 -3.32134  5.62707   1.000 17.79000 ?  1172 SER A OG  1 
ATOM   758  N N   . ARG A 1 95  ? -14.93745 -4.67846  8.80939   1.000 20.29000 ?  1173 ARG A N   1 
ATOM   759  C CA  . ARG A 1 95  ? -13.58690 -4.84735  9.34626   1.000 19.21000 ?  1173 ARG A CA  1 
ATOM   760  C C   . ARG A 1 95  ? -12.52846 -4.20892  8.45578   1.000 20.80000 ?  1173 ARG A C   1 
ATOM   761  O O   . ARG A 1 95  ? -11.66279 -3.45795  8.92633   1.000 17.24000 ?  1173 ARG A O   1 
ATOM   762  C CB  . ARG A 1 95  ? -13.26354 -6.33728  9.48924   1.000 18.60000 ?  1173 ARG A CB  1 
ATOM   763  C CG  . ARG A 1 95  ? -11.78840 -6.55968  9.83681   1.000 18.94000 ?  1173 ARG A CG  1 
ATOM   764  C CD  . ARG A 1 95  ? -11.34893 -8.00801  9.55275   1.000 19.79000 ?  1173 ARG A CD  1 
ATOM   765  N NE  . ARG A 1 95  ? -12.31545 -8.95131  10.09358  1.000 20.15000 ?  1173 ARG A NE  1 
ATOM   766  C CZ  . ARG A 1 95  ? -12.18701 -9.57046  11.26339  1.000 22.74000 ?  1173 ARG A CZ  1 
ATOM   767  N NH1 . ARG A 1 95  ? -11.11621 -9.36094  12.02933  1.000 19.83000 ?  1173 ARG A NH1 1 
ATOM   768  N NH2 . ARG A 1 95  ? -13.13973 -10.40173 11.66171  1.000 22.47000 ?  1173 ARG A NH2 1 
ATOM   769  N N   . VAL A 1 96  ? -12.54336 -4.55875  7.16732   1.000 19.08000 ?  1174 VAL A N   1 
ATOM   770  C CA  . VAL A 1 96  ? -11.43044 -4.19096  6.29429   1.000 16.50000 ?  1174 VAL A CA  1 
ATOM   771  C C   . VAL A 1 96  ? -11.42885 -2.68892  6.02457   1.000 18.53000 ?  1174 VAL A C   1 
ATOM   772  O O   . VAL A 1 96  ? -10.37204 -2.06033  5.91516   1.000 15.28000 ?  1174 VAL A O   1 
ATOM   773  C CB  . VAL A 1 96  ? -11.49946 -5.01152  4.99184   1.000 17.09000 ?  1174 VAL A CB  1 
ATOM   774  C CG1 . VAL A 1 96  ? -10.45440 -4.52632  3.98235   1.000 17.27000 ?  1174 VAL A CG1 1 
ATOM   775  C CG2 . VAL A 1 96  ? -11.30692 -6.48863  5.28686   1.000 17.05000 ?  1174 VAL A CG2 1 
ATOM   776  N N   . TYR A 1 97  ? -12.61291 -2.09043  5.89277   1.000 17.54000 ?  1175 TYR A N   1 
ATOM   777  C CA  . TYR A 1 97  ? -12.68428 -0.64809  5.69417   1.000 17.35000 ?  1175 TYR A CA  1 
ATOM   778  C C   . TYR A 1 97  ? -12.04504 0.08298   6.86295   1.000 15.78000 ?  1175 TYR A C   1 
ATOM   779  O O   . TYR A 1 97  ? -11.24232 0.99814   6.67012   1.000 16.26000 ?  1175 TYR A O   1 
ATOM   780  C CB  . TYR A 1 97  ? -14.14732 -0.22711  5.51329   1.000 17.08000 ?  1175 TYR A CB  1 
ATOM   781  C CG  . TYR A 1 97  ? -14.38044 1.19357   5.02251   1.000 18.79000 ?  1175 TYR A CG  1 
ATOM   782  C CD1 . TYR A 1 97  ? -14.14293 2.27960   5.83684   1.000 20.36000 ?  1175 TYR A CD1 1 
ATOM   783  C CD2 . TYR A 1 97  ? -14.90579 1.43012   3.74898   1.000 25.31000 ?  1175 TYR A CD2 1 
ATOM   784  C CE1 . TYR A 1 97  ? -14.37894 3.58224   5.39115   1.000 24.19000 ?  1175 TYR A CE1 1 
ATOM   785  C CE2 . TYR A 1 97  ? -15.14025 2.71947   3.28704   1.000 20.54000 ?  1175 TYR A CE2 1 
ATOM   786  C CZ  . TYR A 1 97  ? -14.87595 3.78656   4.10872   1.000 22.69000 ?  1175 TYR A CZ  1 
ATOM   787  O OH  . TYR A 1 97  ? -15.11426 5.06062   3.64581   1.000 29.33000 ?  1175 TYR A OH  1 
ATOM   788  N N   . LYS A 1 98  ? -12.40527 -0.30755  8.08891   1.000 18.25000 ?  1176 LYS A N   1 
ATOM   789  C CA  . LYS A 1 98  ? -11.85420 0.32600   9.28173   1.000 20.33000 ?  1176 LYS A CA  1 
ATOM   790  C C   . LYS A 1 98  ? -10.36239 0.07365   9.40628   1.000 17.82000 ?  1176 LYS A C   1 
ATOM   791  O O   . LYS A 1 98  ? -9.60410  0.97853   9.76033   1.000 17.32000 ?  1176 LYS A O   1 
ATOM   792  C CB  . LYS A 1 98  ? -12.58577 -0.18873  10.52322  1.000 17.82000 ?  1176 LYS A CB  1 
ATOM   793  C CG  . LYS A 1 98  ? -14.06357 0.21160   10.56158  1.000 20.76000 ?  1176 LYS A CG  1 
ATOM   794  C CD  . LYS A 1 98  ? -14.81770 -0.57142  11.66703  1.000 20.89000 ?  1176 LYS A CD  1 
ATOM   795  C CE  . LYS A 1 98  ? -16.27595 -0.15975  11.73682  1.000 23.59000 ?  1176 LYS A CE  1 
ATOM   796  N NZ  . LYS A 1 98  ? -16.35820 1.31788   11.86276  1.000 22.47000 ?  1176 LYS A NZ  1 
ATOM   797  N N   . PHE A 1 99  ? -9.92651  -1.15840  9.14134   1.000 18.47000 ?  1177 PHE A N   1 
ATOM   798  C CA  . PHE A 1 99  ? -8.49677  -1.44586  9.14286   1.000 18.10000 ?  1177 PHE A CA  1 
ATOM   799  C C   . PHE A 1 99  ? -7.78030  -0.59106  8.10767   1.000 18.60000 ?  1177 PHE A C   1 
ATOM   800  O O   . PHE A 1 99  ? -6.69200  -0.06307  8.36945   1.000 18.41000 ?  1177 PHE A O   1 
ATOM   801  C CB  . PHE A 1 99  ? -8.25221  -2.93402  8.86491   1.000 16.47000 ?  1177 PHE A CB  1 
ATOM   802  C CG  . PHE A 1 99  ? -8.53510  -3.84230  10.04473  1.000 15.68000 ?  1177 PHE A CG  1 
ATOM   803  C CD1 . PHE A 1 99  ? -9.09552  -3.34059  11.21240  1.000 18.70000 ?  1177 PHE A CD1 1 
ATOM   804  C CD2 . PHE A 1 99  ? -8.21913  -5.19212  9.98547   1.000 20.34000 ?  1177 PHE A CD2 1 
ATOM   805  C CE1 . PHE A 1 99  ? -9.35473  -4.16809  12.29410  1.000 18.44000 ?  1177 PHE A CE1 1 
ATOM   806  C CE2 . PHE A 1 99  ? -8.46097  -6.04013  11.06869  1.000 19.99000 ?  1177 PHE A CE2 1 
ATOM   807  C CZ  . PHE A 1 99  ? -9.03516  -5.53334  12.22547  1.000 21.92000 ?  1177 PHE A CZ  1 
ATOM   808  N N   . CYS A 1 100 ? -8.38196  -0.44441  6.92074   1.000 17.57000 ?  1178 CYS A N   1 
ATOM   809  C CA  . CYS A 1 100 ? -7.79509  0.42055   5.90220   1.000 15.80000 ?  1178 CYS A CA  1 
ATOM   810  C C   . CYS A 1 100 ? -7.64888  1.84987   6.41948   1.000 17.25000 ?  1178 CYS A C   1 
ATOM   811  O O   . CYS A 1 100 ? -6.58426  2.46116   6.29303   1.000 18.53000 ?  1178 CYS A O   1 
ATOM   812  C CB  . CYS A 1 100 ? -8.64625  0.39873   4.63893   1.000 16.33000 ?  1178 CYS A CB  1 
ATOM   813  S SG  . CYS A 1 100 ? -7.98855  1.49320   3.37186   1.000 19.70000 ?  1178 CYS A SG  1 
ATOM   814  N N   . SER A 1 101 ? -8.71221  2.39977   7.00869   1.000 18.08000 ?  1179 SER A N   1 
ATOM   815  C CA  . SER A 1 101 ? -8.63360  3.77319   7.51457   1.000 17.52000 ?  1179 SER A CA  1 
ATOM   816  C C   . SER A 1 101 ? -7.50779  3.93113   8.53153   1.000 19.75000 ?  1179 SER A C   1 
ATOM   817  O O   . SER A 1 101 ? -6.79512  4.94215   8.52354   1.000 22.17000 ?  1179 SER A O   1 
ATOM   818  C CB  . SER A 1 101 ? -9.97367  4.18068   8.12143   1.000 19.31000 ?  1179 SER A CB  1 
ATOM   819  O OG  . SER A 1 101 ? -10.97433 4.16101   7.12570   1.000 17.90000 ?  1179 SER A OG  1 
ATOM   820  N N   . LYS A 1 102 ? -7.31217  2.93801   9.40254   1.000 21.26000 ?  1180 LYS A N   1 
ATOM   821  C CA  . LYS A 1 102 ? -6.19124  2.98874   10.34396  1.000 21.33000 ?  1180 LYS A CA  1 
ATOM   822  C C   . LYS A 1 102 ? -4.84284  2.98967   9.61443   1.000 22.15000 ?  1180 LYS A C   1 
ATOM   823  O O   . LYS A 1 102 ? -3.94391  3.76933   9.95062   1.000 20.90000 ?  1180 LYS A O   1 
ATOM   824  C CB  . LYS A 1 102 ? -6.27839  1.82080   11.33117  1.000 19.69000 ?  1180 LYS A CB  1 
ATOM   825  C CG  . LYS A 1 102 ? -5.12939  1.77500   12.34974  1.000 24.06000 ?  1180 LYS A CG  1 
ATOM   826  C CD  . LYS A 1 102 ? -5.02855  3.10025   13.11286  1.000 25.85000 ?  1180 LYS A CD  1 
ATOM   827  C CE  . LYS A 1 102 ? -3.76268  3.20240   13.95321  1.000 30.72000 ?  1180 LYS A CE  1 
ATOM   828  N NZ  . LYS A 1 102 ? -3.77527  2.23509   15.07566  1.000 31.08000 ?  1180 LYS A NZ  1 
ATOM   829  N N   . LEU A 1 103 ? -4.67580  2.11412   8.61834   1.000 16.97000 ?  1181 LEU A N   1 
ATOM   830  C CA  . LEU A 1 103 ? -3.41964  2.10622   7.87323   1.000 18.53000 ?  1181 LEU A CA  1 
ATOM   831  C C   . LEU A 1 103 ? -3.19109  3.42733   7.15619   1.000 18.67000 ?  1181 LEU A C   1 
ATOM   832  O O   . LEU A 1 103 ? -2.05158  3.89798   7.05210   1.000 16.78000 ?  1181 LEU A O   1 
ATOM   833  C CB  . LEU A 1 103 ? -3.39415  0.96824   6.85804   1.000 15.92000 ?  1181 LEU A CB  1 
ATOM   834  C CG  . LEU A 1 103 ? -3.44736  -0.46789  7.35408   1.000 16.30000 ?  1181 LEU A CG  1 
ATOM   835  C CD1 . LEU A 1 103 ? -3.25385  -1.40717  6.16898   1.000 19.18000 ?  1181 LEU A CD1 1 
ATOM   836  C CD2 . LEU A 1 103 ? -2.39209  -0.69504  8.42410   1.000 20.27000 ?  1181 LEU A CD2 1 
ATOM   837  N N   . ALA A 1 104 ? -4.25568  4.03558   6.63884   1.000 18.74000 ?  1182 ALA A N   1 
ATOM   838  C CA  . ALA A 1 104 ? -4.09158  5.31650   5.96150   1.000 18.61000 ?  1182 ALA A CA  1 
ATOM   839  C C   . ALA A 1 104 ? -3.57850  6.37953   6.91758   1.000 18.37000 ?  1182 ALA A C   1 
ATOM   840  O O   . ALA A 1 104 ? -2.74741  7.20647   6.53862   1.000 18.68000 ?  1182 ALA A O   1 
ATOM   841  C CB  . ALA A 1 104 ? -5.40713  5.75141   5.31549   1.000 14.67000 ?  1182 ALA A CB  1 
ATOM   842  N N   . GLU A 1 105 ? -4.05297  6.37785   8.16763   1.000 22.02000 ?  1183 GLU A N   1 
ATOM   843  C CA  . GLU A 1 105 ? -3.57364  7.37721   9.12392   1.000 21.14000 ?  1183 GLU A CA  1 
ATOM   844  C C   . GLU A 1 105 ? -2.11913  7.13781   9.48781   1.000 20.73000 ?  1183 GLU A C   1 
ATOM   845  O O   . GLU A 1 105 ? -1.32928  8.08624   9.56883   1.000 25.27000 ?  1183 GLU A O   1 
ATOM   846  C CB  . GLU A 1 105 ? -4.42403  7.35819   10.39732  1.000 22.12000 ?  1183 GLU A CB  1 
ATOM   847  C CG  . GLU A 1 105 ? -5.89042  7.60688   10.17961  1.000 24.61000 ?  1183 GLU A CG  1 
ATOM   848  C CD  . GLU A 1 105 ? -6.72348  7.27258   11.42083  1.000 34.00000 ?  1183 GLU A CD  1 
ATOM   849  O OE1 . GLU A 1 105 ? -6.21561  6.56225   12.32554  1.000 30.34000 ?  1183 GLU A OE1 1 
ATOM   850  O OE2 . GLU A 1 105 ? -7.88859  7.71714   11.47856  1.000 35.96000 -1 1183 GLU A OE2 1 
ATOM   851  N N   . VAL A 1 106 ? -1.76013  5.87980   9.75161   1.000 20.40000 ?  1184 VAL A N   1 
ATOM   852  C CA  . VAL A 1 106 ? -0.36948  5.53254   10.03123  1.000 22.53000 ?  1184 VAL A CA  1 
ATOM   853  C C   . VAL A 1 106 ? 0.52293   5.93008   8.86291   1.000 24.22000 ?  1184 VAL A C   1 
ATOM   854  O O   . VAL A 1 106 ? 1.62372   6.45991   9.05283   1.000 23.82000 ?  1184 VAL A O   1 
ATOM   855  C CB  . VAL A 1 106 ? -0.25392  4.02880   10.32705  1.000 21.87000 ?  1184 VAL A CB  1 
ATOM   856  C CG1 . VAL A 1 106 ? 1.19716   3.59876   10.34131  1.000 24.27000 ?  1184 VAL A CG1 1 
ATOM   857  C CG2 . VAL A 1 106 ? -0.94809  3.67395   11.63440  1.000 22.80000 ?  1184 VAL A CG2 1 
ATOM   858  N N   . PHE A 1 107 ? 0.06366   5.68353   7.63658   1.000 22.39000 ?  1185 PHE A N   1 
ATOM   859  C CA  . PHE A 1 107 ? 0.89233   5.97631   6.46730   1.000 20.58000 ?  1185 PHE A CA  1 
ATOM   860  C C   . PHE A 1 107 ? 1.12458   7.47559   6.31338   1.000 24.19000 ?  1185 PHE A C   1 
ATOM   861  O O   . PHE A 1 107 ? 2.25332   7.91284   6.05919   1.000 26.84000 ?  1185 PHE A O   1 
ATOM   862  C CB  . PHE A 1 107 ? 0.25399   5.39884   5.19666   1.000 17.59000 ?  1185 PHE A CB  1 
ATOM   863  C CG  . PHE A 1 107 ? 1.12055   5.56839   3.96726   1.000 18.90000 ?  1185 PHE A CG  1 
ATOM   864  C CD1 . PHE A 1 107 ? 2.20065   4.73049   3.74691   1.000 18.23000 ?  1185 PHE A CD1 1 
ATOM   865  C CD2 . PHE A 1 107 ? 0.86739   6.57727   3.04880   1.000 20.99000 ?  1185 PHE A CD2 1 
ATOM   866  C CE1 . PHE A 1 107 ? 3.01875   4.90076   2.62743   1.000 18.92000 ?  1185 PHE A CE1 1 
ATOM   867  C CE2 . PHE A 1 107 ? 1.68095   6.74973   1.92525   1.000 18.40000 ?  1185 PHE A CE2 1 
ATOM   868  C CZ  . PHE A 1 107 ? 2.75472   5.90883   1.72043   1.000 14.97000 ?  1185 PHE A CZ  1 
ATOM   869  N N   . GLU A 1 108 ? 0.06062   8.27738   6.44081   1.000 22.25000 ?  1186 GLU A N   1 
ATOM   870  C CA  . GLU A 1 108 ? 0.20947   9.72615   6.32497   1.000 28.07000 ?  1186 GLU A CA  1 
ATOM   871  C C   . GLU A 1 108 ? 1.25510   10.25075  7.30876   1.000 29.33000 ?  1186 GLU A C   1 
ATOM   872  O O   . GLU A 1 108 ? 2.07298   11.11152  6.96173   1.000 31.35000 ?  1186 GLU A O   1 
ATOM   873  C CB  . GLU A 1 108 ? -1.13525  10.41840  6.55162   1.000 25.49000 ?  1186 GLU A CB  1 
ATOM   874  C CG  . GLU A 1 108 ? -2.11328  10.39146  5.36347   1.000 29.76000 ?  1186 GLU A CG  1 
ATOM   875  C CD  . GLU A 1 108 ? -1.97872  11.60068  4.43078   1.000 32.93000 ?  1186 GLU A CD  1 
ATOM   876  O OE1 . GLU A 1 108 ? -1.35546  11.47180  3.35961   1.000 36.15000 ?  1186 GLU A OE1 1 
ATOM   877  O OE2 . GLU A 1 108 ? -2.49744  12.68766  4.76043   1.000 35.22000 -1 1186 GLU A OE2 1 
ATOM   878  N N   . GLN A 1 109 ? 1.26199   9.71852   8.53092   1.000 29.88000 ?  1187 GLN A N   1 
ATOM   879  C CA  . GLN A 1 109 ? 2.24632   10.13711  9.52165   1.000 28.14000 ?  1187 GLN A CA  1 
ATOM   880  C C   . GLN A 1 109 ? 3.65841   9.77418   9.08116   1.000 33.29000 ?  1187 GLN A C   1 
ATOM   881  O O   . GLN A 1 109 ? 4.58239   10.58783  9.19160   1.000 32.23000 ?  1187 GLN A O   1 
ATOM   882  C CB  . GLN A 1 109 ? 1.93684   9.49640   10.87645  1.000 25.95000 ?  1187 GLN A CB  1 
ATOM   883  C CG  . GLN A 1 109 ? 0.64388   9.95756   11.50800  1.000 32.36000 ?  1187 GLN A CG  1 
ATOM   884  C CD  . GLN A 1 109 ? 0.49433   9.49206   12.94884  1.000 36.70000 ?  1187 GLN A CD  1 
ATOM   885  N N   . GLU A 1 110 ? 3.85054   8.54508   8.58623   1.000 28.76000 ?  1188 GLU A N   1 
ATOM   886  C CA  . GLU A 1 110 ? 5.20040   8.09669   8.26297   1.000 28.37000 ?  1188 GLU A CA  1 
ATOM   887  C C   . GLU A 1 110 ? 5.73309   8.75078   6.99453   1.000 27.84000 ?  1188 GLU A C   1 
ATOM   888  O O   . GLU A 1 110 ? 6.93922   8.99614   6.88778   1.000 25.08000 ?  1188 GLU A O   1 
ATOM   889  C CB  . GLU A 1 110 ? 5.23164   6.57547   8.11868   1.000 29.73000 ?  1188 GLU A CB  1 
ATOM   890  C CG  . GLU A 1 110 ? 4.69664   5.81902   9.32484   1.000 31.91000 ?  1188 GLU A CG  1 
ATOM   891  C CD  . GLU A 1 110 ? 5.57542   5.99010   10.54007  1.000 43.38000 ?  1188 GLU A CD  1 
ATOM   892  O OE1 . GLU A 1 110 ? 6.69861   5.43729   10.54013  1.000 41.28000 ?  1188 GLU A OE1 1 
ATOM   893  O OE2 . GLU A 1 110 ? 5.14382   6.69259   11.48765  1.000 47.48000 -1 1188 GLU A OE2 1 
ATOM   894  N N   . ILE A 1 111 ? 4.86339   9.04312   6.02864   1.000 26.83000 ?  1189 ILE A N   1 
ATOM   895  C CA  . ILE A 1 111 ? 5.36085   9.42677   4.71375   1.000 23.98000 ?  1189 ILE A CA  1 
ATOM   896  C C   . ILE A 1 111 ? 5.65311   10.91277  4.64194   1.000 27.06000 ?  1189 ILE A C   1 
ATOM   897  O O   . ILE A 1 111 ? 6.57375   11.32126  3.92735   1.000 26.54000 ?  1189 ILE A O   1 
ATOM   898  C CB  . ILE A 1 111 ? 4.37652   9.00048   3.60594   1.000 23.74000 ?  1189 ILE A CB  1 
ATOM   899  C CG1 . ILE A 1 111 ? 5.08409   8.94814   2.25183   1.000 24.43000 ?  1189 ILE A CG1 1 
ATOM   900  C CG2 . ILE A 1 111 ? 3.16800   9.92111   3.53881   1.000 23.26000 ?  1189 ILE A CG2 1 
ATOM   901  C CD1 . ILE A 1 111 ? 6.08909   7.82601   2.14290   1.000 27.27000 ?  1189 ILE A CD1 1 
ATOM   902  N N   . ASP A 1 112 ? 4.89260   11.74160  5.36342   1.000 31.00000 ?  1190 ASP A N   1 
ATOM   903  C CA  . ASP A 1 112 ? 5.06019   13.18445  5.22644   1.000 26.25000 ?  1190 ASP A CA  1 
ATOM   904  C C   . ASP A 1 112 ? 6.48453   13.63968  5.54022   1.000 27.83000 ?  1190 ASP A C   1 
ATOM   905  O O   . ASP A 1 112 ? 7.04242   14.41290  4.73646   1.000 30.61000 ?  1190 ASP A O   1 
ATOM   906  C CB  . ASP A 1 112 ? 4.00928   13.91289  6.08343   1.000 27.75000 ?  1190 ASP A CB  1 
ATOM   907  N N   . PRO A 1 113 ? 7.14181   13.19706  6.61994   1.000 30.53000 ?  1191 PRO A N   1 
ATOM   908  C CA  . PRO A 1 113 ? 8.56111   13.56523  6.81297   1.000 27.46000 ?  1191 PRO A CA  1 
ATOM   909  C C   . PRO A 1 113 ? 9.49769   13.04623  5.73076   1.000 31.53000 ?  1191 PRO A C   1 
ATOM   910  O O   . PRO A 1 113 ? 10.51954  13.68417  5.43969   1.000 28.67000 ?  1191 PRO A O   1 
ATOM   911  C CB  . PRO A 1 113 ? 8.90572   12.95137  8.17528   1.000 29.60000 ?  1191 PRO A CB  1 
ATOM   912  C CG  . PRO A 1 113 ? 7.72231   12.10149  8.56790   1.000 31.04000 ?  1191 PRO A CG  1 
ATOM   913  C CD  . PRO A 1 113 ? 6.54849   12.65810  7.85558   1.000 32.10000 ?  1191 PRO A CD  1 
ATOM   914  N N   . VAL A 1 114 ? 9.19227   11.89526  5.14188   1.000 29.26000 ?  1192 VAL A N   1 
ATOM   915  C CA  . VAL A 1 114 ? 10.07344  11.31616  4.13530   1.000 27.48000 ?  1192 VAL A CA  1 
ATOM   916  C C   . VAL A 1 114 ? 9.92948   12.04531  2.80842   1.000 29.77000 ?  1192 VAL A C   1 
ATOM   917  O O   . VAL A 1 114 ? 10.90325  12.20811  2.06529   1.000 32.91000 ?  1192 VAL A O   1 
ATOM   918  C CB  . VAL A 1 114 ? 9.78649   9.80763   4.00319   1.000 29.67000 ?  1192 VAL A CB  1 
ATOM   919  C CG1 . VAL A 1 114 ? 10.48270  9.22316   2.80144   1.000 27.33000 ?  1192 VAL A CG1 1 
ATOM   920  C CG2 . VAL A 1 114 ? 10.20341  9.07128   5.27084   1.000 28.69000 ?  1192 VAL A CG2 1 
ATOM   921  N N   . MET A 1 115 ? 8.72120   12.49681  2.47603   1.000 28.88000 ?  1193 MET A N   1 
ATOM   922  C CA  . MET A 1 115 ? 8.57012   13.26797  1.24818   1.000 34.29000 ?  1193 MET A CA  1 
ATOM   923  C C   . MET A 1 115 ? 9.29149   14.60529  1.35387   1.000 33.56000 ?  1193 MET A C   1 
ATOM   924  O O   . MET A 1 115 ? 9.88482   15.06780  0.37595   1.000 35.81000 ?  1193 MET A O   1 
ATOM   925  C CB  . MET A 1 115 ? 7.09052   13.46855  0.91030   1.000 29.31000 ?  1193 MET A CB  1 
ATOM   926  C CG  . MET A 1 115 ? 6.33860   12.16510  0.60422   1.000 28.89000 ?  1193 MET A CG  1 
ATOM   927  S SD  . MET A 1 115 ? 7.07396   11.19035  -0.72040  1.000 33.64000 ?  1193 MET A SD  1 
ATOM   928  C CE  . MET A 1 115 ? 7.26677   12.44197  -1.99676  1.000 37.20000 ?  1193 MET A CE  1 
ATOM   929  N N   . GLN A 1 116 ? 9.27534   15.23200  2.53656   1.000 34.64000 ?  1194 GLN A N   1 
ATOM   930  C CA  . GLN A 1 116 ? 10.00923  16.48476  2.71003   1.000 33.72000 ?  1194 GLN A CA  1 
ATOM   931  C C   . GLN A 1 116 ? 11.51795  16.27971  2.56564   1.000 38.23000 ?  1194 GLN A C   1 
ATOM   932  O O   . GLN A 1 116 ? 12.22197  17.16870  2.07198   1.000 41.32000 ?  1194 GLN A O   1 
ATOM   933  C CB  . GLN A 1 116 ? 9.67231   17.11744  4.06428   1.000 33.83000 ?  1194 GLN A CB  1 
ATOM   934  N N   . SER A 1 117 ? 12.03424  15.11300  2.96121   1.000 36.84000 ?  1195 SER A N   1 
ATOM   935  C CA  . SER A 1 117 ? 13.47492  14.90123  2.87557   1.000 35.81000 ?  1195 SER A CA  1 
ATOM   936  C C   . SER A 1 117 ? 13.90305  14.42401  1.49779   1.000 41.49000 ?  1195 SER A C   1 
ATOM   937  O O   . SER A 1 117 ? 15.07005  14.59968  1.12784   1.000 40.11000 ?  1195 SER A O   1 
ATOM   938  C CB  . SER A 1 117 ? 13.93717  13.89767  3.93304   1.000 35.38000 ?  1195 SER A CB  1 
ATOM   939  O OG  . SER A 1 117 ? 13.60717  12.57254  3.55442   1.000 42.38000 ?  1195 SER A OG  1 
ATOM   940  N N   . LEU A 1 118 ? 12.99054  13.82943  0.72893   1.000 39.08000 ?  1196 LEU A N   1 
ATOM   941  C CA  . LEU A 1 118 ? 13.34154  13.26844  -0.57202  1.000 38.86000 ?  1196 LEU A CA  1 
ATOM   942  C C   . LEU A 1 118 ? 13.35041  14.30352  -1.69121  1.000 42.05000 ?  1196 LEU A C   1 
ATOM   943  O O   . LEU A 1 118 ? 14.15634  14.20678  -2.61729  1.000 44.61000 ?  1196 LEU A O   1 
ATOM   944  C CB  . LEU A 1 118 ? 12.38375  12.13701  -0.95656  1.000 38.53000 ?  1196 LEU A CB  1 
ATOM   945  C CG  . LEU A 1 118 ? 12.74617  10.73211  -0.47747  1.000 36.27000 ?  1196 LEU A CG  1 
ATOM   946  C CD1 . LEU A 1 118 ? 11.54436  9.81606   -0.60990  1.000 32.53000 ?  1196 LEU A CD1 1 
ATOM   947  C CD2 . LEU A 1 118 ? 13.93272  10.18793  -1.26656  1.000 35.40000 ?  1196 LEU A CD2 1 
ATOM   948  N N   . GLY A 1 119 ? 12.44959  15.27842  -1.61528  1.000 41.90000 ?  1197 GLY A N   1 
ATOM   949  C CA  . GLY A 1 119 ? 12.35912  16.30865  -2.63491  1.000 40.26000 ?  1197 GLY A CA  1 
HETATM 950  C C10 . LTW B 2 .   ? -9.58105  -8.33020  2.41779   1.000 18.47000 ?  1201 LTW A C10 1 
HETATM 951  C C13 . LTW B 2 .   ? -8.36871  -6.11912  0.86105   1.000 14.63000 ?  1201 LTW A C13 1 
HETATM 952  C C15 . LTW B 2 .   ? -11.80688 -7.84426  1.65154   1.000 22.87000 ?  1201 LTW A C15 1 
HETATM 953  C C17 . LTW B 2 .   ? -11.45216 -9.68809  3.14399   1.000 22.72000 ?  1201 LTW A C17 1 
HETATM 954  C C20 . LTW B 2 .   ? -13.53222 -11.75202 5.30294   1.000 32.46000 ?  1201 LTW A C20 1 
HETATM 955  C C22 . LTW B 2 .   ? -11.79042 -12.23219 6.41679   1.000 31.64000 ?  1201 LTW A C22 1 
HETATM 956  C C24 . LTW B 2 .   ? -12.13133 -12.54408 8.97716   1.000 32.90000 ?  1201 LTW A C24 1 
HETATM 957  C C26 . LTW B 2 .   ? -11.18428 -13.97642 7.83027   1.000 35.02000 ?  1201 LTW A C26 1 
HETATM 958  C C02 . LTW B 2 .   ? -7.86277  -10.37829 10.55425  1.000 26.60000 ?  1201 LTW A C02 1 
HETATM 959  C C04 . LTW B 2 .   ? -7.36220  -11.53206 8.31919   1.000 23.41000 ?  1201 LTW A C04 1 
HETATM 960  C C05 . LTW B 2 .   ? -8.29830  -10.81638 7.58251   1.000 25.07000 ?  1201 LTW A C05 1 
HETATM 961  C C06 . LTW B 2 .   ? -8.32380  -10.94257 6.20314   1.000 23.02000 ?  1201 LTW A C06 1 
HETATM 962  C C07 . LTW B 2 .   ? -9.32461  -10.13417 5.39153   1.000 23.62000 ?  1201 LTW A C07 1 
HETATM 963  C C09 . LTW B 2 .   ? -10.09616 -9.38898  3.15170   1.000 22.00000 ?  1201 LTW A C09 1 
HETATM 964  C C11 . LTW B 2 .   ? -10.44395 -7.56200  1.66824   1.000 18.02000 ?  1201 LTW A C11 1 
HETATM 965  C C12 . LTW B 2 .   ? -9.87535  -6.38793  0.86915   1.000 20.28000 ?  1201 LTW A C12 1 
HETATM 966  C C16 . LTW B 2 .   ? -12.32192 -8.90856  2.39885   1.000 24.87000 ?  1201 LTW A C16 1 
HETATM 967  C C19 . LTW B 2 .   ? -13.16692 -11.30366 3.86523   1.000 27.33000 ?  1201 LTW A C19 1 
HETATM 968  C C23 . LTW B 2 .   ? -12.21296 -12.96008 7.56497   1.000 31.35000 ?  1201 LTW A C23 1 
HETATM 969  C C27 . LTW B 2 .   ? -13.52890 -12.88351 7.02484   1.000 35.36000 ?  1201 LTW A C27 1 
HETATM 970  C C29 . LTW B 2 .   ? -7.43084  -11.77332 5.54387   1.000 24.06000 ?  1201 LTW A C29 1 
HETATM 971  C C30 . LTW B 2 .   ? -6.51942  -12.48593 6.29181   1.000 23.68000 ?  1201 LTW A C30 1 
HETATM 972  C C31 . LTW B 2 .   ? -5.50905  -13.42947 5.65314   1.000 24.25000 ?  1201 LTW A C31 1 
HETATM 973  C C34 . LTW B 2 .   ? -2.59115  -15.47282 5.83163   1.000 33.23000 ?  1201 LTW A C34 1 
HETATM 974  C C35 . LTW B 2 .   ? -4.36719  -14.73226 4.26783   1.000 27.82000 ?  1201 LTW A C35 1 
HETATM 975  C C36 . LTW B 2 .   ? -5.46833  -13.90458 4.35390   1.000 28.02000 ?  1201 LTW A C36 1 
HETATM 976  C C37 . LTW B 2 .   ? -6.48724  -12.37554 7.66776   1.000 24.50000 ?  1201 LTW A C37 1 
HETATM 977  C C38 . LTW B 2 .   ? -7.78268  -10.51654 12.06648  1.000 25.90000 ?  1201 LTW A C38 1 
HETATM 978  C C39 . LTW B 2 .   ? -8.17472  -9.57217  12.99736  1.000 21.62000 ?  1201 LTW A C39 1 
HETATM 979  C C40 . LTW B 2 .   ? -7.94502  -10.13052 14.24803  1.000 24.86000 ?  1201 LTW A C40 1 
HETATM 980  C C41 . LTW B 2 .   ? -7.43056  -11.40474 14.04542  1.000 29.41000 ?  1201 LTW A C41 1 
HETATM 981  N N03 . LTW B 2 .   ? -7.32132  -11.47737 9.77826   1.000 21.78000 ?  1201 LTW A N03 1 
HETATM 982  N N08 . LTW B 2 .   ? -9.18573  -10.16719 3.94649   1.000 20.48000 ?  1201 LTW A N08 1 
HETATM 983  N N21 . LTW B 2 .   ? -12.98937 -12.60248 5.73211   1.000 36.52000 ?  1201 LTW A N21 1 
HETATM 984  N N32 . LTW B 2 .   ? -4.47845  -13.93667 6.32067   1.000 27.07000 ?  1201 LTW A N32 1 
HETATM 985  N N33 . LTW B 2 .   ? -3.78424  -14.74117 5.45195   1.000 29.13000 ?  1201 LTW A N33 1 
HETATM 986  O O01 . LTW B 2 .   ? -8.32393  -9.40630  10.05194  1.000 20.25000 ?  1201 LTW A O01 1 
HETATM 987  O O14 . LTW B 2 .   ? -10.61968 -5.68041  0.27103   1.000 21.51000 ?  1201 LTW A O14 1 
HETATM 988  O O18 . LTW B 2 .   ? -11.85927 -10.77596 3.92500   1.000 25.75000 ?  1201 LTW A O18 1 
HETATM 989  O O25 . LTW B 2 .   ? -11.25995 -13.69474 9.26731   1.000 33.13000 ?  1201 LTW A O25 1 
HETATM 990  O O28 . LTW B 2 .   ? -10.18387 -9.50497  5.93555   1.000 23.44000 ?  1201 LTW A O28 1 
HETATM 991  O O42 . LTW B 2 .   ? -7.34942  -11.60771 12.71679  1.000 28.70000 ?  1201 LTW A O42 1 
HETATM 992  O O   . HOH C 3 .   ? 5.25415   -3.87650  -12.20567 1.000 34.60000 ?  1301 HOH A O   1 
HETATM 993  O O   . HOH C 3 .   ? -19.81031 -6.88119  -3.25524  1.000 30.69000 ?  1302 HOH A O   1 
HETATM 994  O O   . HOH C 3 .   ? 0.79081   12.33526  3.39141   1.000 28.65000 ?  1303 HOH A O   1 
HETATM 995  O O   . HOH C 3 .   ? -3.30557  -13.95302 -1.85971  1.000 26.12000 ?  1304 HOH A O   1 
HETATM 996  O O   . HOH C 3 .   ? -15.65469 6.89867   5.08757   1.000 33.15000 ?  1305 HOH A O   1 
HETATM 997  O O   . HOH C 3 .   ? 4.93272   -9.53775  2.34033   1.000 25.45000 ?  1306 HOH A O   1 
HETATM 998  O O   . HOH C 3 .   ? 2.21233   -9.30039  13.02237  1.000 32.49000 ?  1307 HOH A O   1 
HETATM 999  O O   . HOH C 3 .   ? -16.69895 -2.64986  -11.64140 1.000 29.81000 ?  1308 HOH A O   1 
HETATM 1000 O O   . HOH C 3 .   ? -18.25019 -12.32493 -10.46204 1.000 38.20000 ?  1309 HOH A O   1 
HETATM 1001 O O   . HOH C 3 .   ? -20.38182 -8.81942  -9.42676  1.000 32.77000 ?  1310 HOH A O   1 
HETATM 1002 O O   . HOH C 3 .   ? 13.58431  11.04486  -12.01016 1.000 35.80000 ?  1311 HOH A O   1 
HETATM 1003 O O   . HOH C 3 .   ? -9.02364  8.47476   9.42335   1.000 27.84000 ?  1312 HOH A O   1 
HETATM 1004 O O   . HOH C 3 .   ? 7.76172   -5.34192  -13.12977 1.000 32.52000 ?  1313 HOH A O   1 
HETATM 1005 O O   . HOH C 3 .   ? -13.68470 -11.91905 -8.55045  1.000 29.34000 ?  1314 HOH A O   1 
HETATM 1006 O O   . HOH C 3 .   ? 8.14004   5.13196   8.46843   1.000 34.09000 ?  1315 HOH A O   1 
HETATM 1007 O O   . HOH C 3 .   ? -12.38583 3.92793   -2.99915  1.000 20.21000 ?  1316 HOH A O   1 
HETATM 1008 O O   . HOH C 3 .   ? -0.30087  3.06898   -8.71112  1.000 26.86000 ?  1317 HOH A O   1 
HETATM 1009 O O   . HOH C 3 .   ? 9.55288   -3.20505  11.41205  1.000 44.15000 ?  1318 HOH A O   1 
HETATM 1010 O O   . HOH C 3 .   ? 2.49323   3.51669   -8.94871  1.000 20.21000 ?  1319 HOH A O   1 
HETATM 1011 O O   . HOH C 3 .   ? -9.56152  -4.15529  -1.54448  1.000 17.92000 ?  1320 HOH A O   1 
HETATM 1012 O O   . HOH C 3 .   ? -4.92181  -4.98138  -0.60195  1.000 20.97000 ?  1321 HOH A O   1 
HETATM 1013 O O   . HOH C 3 .   ? -10.52365 2.70138   11.46786  1.000 20.84000 ?  1322 HOH A O   1 
HETATM 1014 O O   . HOH C 3 .   ? -5.92216  5.17785   -6.34659  1.000 28.67000 ?  1323 HOH A O   1 
HETATM 1015 O O   . HOH C 3 .   ? 1.26997   6.08689   -10.34504 1.000 33.52000 ?  1324 HOH A O   1 
HETATM 1016 O O   . HOH C 3 .   ? 12.74708  6.81123   5.71030   1.000 26.17000 ?  1325 HOH A O   1 
HETATM 1017 O O   . HOH C 3 .   ? -15.84536 -6.48869  3.85574   1.000 25.15000 ?  1326 HOH A O   1 
HETATM 1018 O O   . HOH C 3 .   ? 18.55814  -1.61765  -4.98118  1.000 40.20000 ?  1327 HOH A O   1 
HETATM 1019 O O   . HOH C 3 .   ? 13.15421  -2.43876  -12.53738 1.000 34.06000 ?  1328 HOH A O   1 
HETATM 1020 O O   . HOH C 3 .   ? -1.54205  -6.01049  -8.73220  1.000 31.62000 ?  1329 HOH A O   1 
HETATM 1021 O O   . HOH C 3 .   ? 0.68854   -0.07003  -10.00709 1.000 24.19000 ?  1330 HOH A O   1 
HETATM 1022 O O   . HOH C 3 .   ? -20.60561 -4.12349  7.74298   1.000 27.35000 ?  1331 HOH A O   1 
HETATM 1023 O O   . HOH C 3 .   ? 9.25467   13.00217  -7.86226  1.000 34.93000 ?  1332 HOH A O   1 
HETATM 1024 O O   . HOH C 3 .   ? 17.69216  7.06223   0.70927   1.000 24.95000 ?  1333 HOH A O   1 
HETATM 1025 O O   . HOH C 3 .   ? -18.71192 -4.75484  11.13066  1.000 26.03000 ?  1334 HOH A O   1 
HETATM 1026 O O   . HOH C 3 .   ? 4.33025   12.82121  10.61433  1.000 39.49000 ?  1335 HOH A O   1 
HETATM 1027 O O   . HOH C 3 .   ? 1.55833   10.10123  -5.10549  1.000 26.78000 ?  1336 HOH A O   1 
HETATM 1028 O O   . HOH C 3 .   ? -18.64381 -8.72630  -0.25563  1.000 41.19000 ?  1337 HOH A O   1 
HETATM 1029 O O   . HOH C 3 .   ? -15.72818 2.89028   9.48657   1.000 25.70000 ?  1338 HOH A O   1 
HETATM 1030 O O   . HOH C 3 .   ? -13.21021 4.18713   8.58874   1.000 22.03000 ?  1339 HOH A O   1 
HETATM 1031 O O   . HOH C 3 .   ? 14.48600  3.97084   -8.55985  1.000 39.83000 ?  1340 HOH A O   1 
HETATM 1032 O O   . HOH C 3 .   ? 2.51990   -10.65098 -4.19295  1.000 30.34000 ?  1341 HOH A O   1 
HETATM 1033 O O   . HOH C 3 .   ? -2.84052  -3.33205  -10.03511 1.000 29.75000 ?  1342 HOH A O   1 
HETATM 1034 O O   . HOH C 3 .   ? -3.58174  14.99572  3.89596   1.000 18.23000 ?  1343 HOH A O   1 
HETATM 1035 O O   . HOH C 3 .   ? 14.48622  8.60867   -11.02029 1.000 37.24000 ?  1344 HOH A O   1 
HETATM 1036 O O   . HOH C 3 .   ? -19.30482 -11.70958 -3.26002  1.000 35.59000 ?  1345 HOH A O   1 
HETATM 1037 O O   . HOH C 3 .   ? 13.70378  0.82574   -5.13920  1.000 30.08000 ?  1346 HOH A O   1 
HETATM 1038 O O   . HOH C 3 .   ? -17.68523 1.21072   0.32946   1.000 29.06000 ?  1347 HOH A O   1 
HETATM 1039 O O   . HOH C 3 .   ? -5.86117  -13.54165 10.77830  1.000 24.97000 ?  1348 HOH A O   1 
HETATM 1040 O O   . HOH C 3 .   ? -2.56837  -7.33078  -4.93637  1.000 18.81000 ?  1349 HOH A O   1 
HETATM 1041 O O   . HOH C 3 .   ? 12.25699  13.67813  -10.44331 1.000 32.36000 ?  1350 HOH A O   1 
HETATM 1042 O O   . HOH C 3 .   ? 20.32740  1.87452   -6.63392  1.000 33.33000 ?  1351 HOH A O   1 
HETATM 1043 O O   . HOH C 3 .   ? -6.55395  -4.76674  -3.98500  1.000 19.75000 ?  1352 HOH A O   1 
HETATM 1044 O O   . HOH C 3 .   ? -5.63718  -13.21074 -6.33726  1.000 31.35000 ?  1353 HOH A O   1 
HETATM 1045 O O   . HOH C 3 .   ? 9.27142   2.23767   10.27154  1.000 36.14000 ?  1354 HOH A O   1 
HETATM 1046 O O   . HOH C 3 .   ? -22.41817 0.17172   6.15611   1.000 36.16000 ?  1355 HOH A O   1 
HETATM 1047 O O   . HOH C 3 .   ? 15.68350  1.76850   5.08182   1.000 38.75000 ?  1356 HOH A O   1 
HETATM 1048 O O   . HOH C 3 .   ? 7.10339   -8.98545  -1.78921  1.000 23.21000 ?  1357 HOH A O   1 
HETATM 1049 O O   . HOH C 3 .   ? -9.59809  1.91955   -6.45143  1.000 20.15000 ?  1358 HOH A O   1 
HETATM 1050 O O   . HOH C 3 .   ? -11.23979 6.32073   -2.05501  1.000 27.42000 ?  1359 HOH A O   1 
HETATM 1051 O O   . HOH C 3 .   ? 9.07271   8.65007   8.59438   1.000 28.99000 ?  1360 HOH A O   1 
HETATM 1052 O O   . HOH C 3 .   ? -2.11901  -11.60822 6.48032   1.000 22.91000 ?  1361 HOH A O   1 
HETATM 1053 O O   . HOH C 3 .   ? -3.21687  5.87085   -6.54800  1.000 27.23000 ?  1362 HOH A O   1 
HETATM 1054 O O   . HOH C 3 .   ? -2.42228  -6.38432  18.31969  1.000 29.79000 ?  1363 HOH A O   1 
HETATM 1055 O O   . HOH C 3 .   ? -6.94767  -3.18289  -1.12048  1.000 18.32000 ?  1364 HOH A O   1 
HETATM 1056 O O   . HOH C 3 .   ? 10.90571  0.29040   9.66875   1.000 38.46000 ?  1365 HOH A O   1 
HETATM 1057 O O   . HOH C 3 .   ? -16.39417 -5.35133  -14.32254 1.000 33.33000 ?  1366 HOH A O   1 
HETATM 1058 O O   . HOH C 3 .   ? -12.36168 -7.20480  -16.13510 1.000 31.60000 ?  1367 HOH A O   1 
HETATM 1059 O O   . HOH C 3 .   ? -7.83477  7.32698   7.47744   1.000 21.03000 ?  1368 HOH A O   1 
HETATM 1060 O O   . HOH C 3 .   ? -11.75379 -0.72238  -9.72795  1.000 21.88000 ?  1369 HOH A O   1 
HETATM 1061 O O   . HOH C 3 .   ? 3.65305   -5.64573  15.25386  1.000 40.17000 ?  1370 HOH A O   1 
HETATM 1062 O O   . HOH C 3 .   ? -18.11545 -5.65780  0.65766   1.000 34.40000 ?  1371 HOH A O   1 
HETATM 1063 O O   . HOH C 3 .   ? -12.88564 -9.17812  6.76238   1.000 27.32000 ?  1372 HOH A O   1 
HETATM 1064 O O   . HOH C 3 .   ? -5.07728  -7.46986  0.17626   1.000 18.06000 ?  1373 HOH A O   1 
HETATM 1065 O O   . HOH C 3 .   ? 4.03762   1.79965   -10.49630 1.000 27.01000 ?  1374 HOH A O   1 
HETATM 1066 O O   . HOH C 3 .   ? -0.45802  -11.65902 15.50721  1.000 42.25000 ?  1375 HOH A O   1 
HETATM 1067 O O   . HOH C 3 .   ? 15.44574  -1.52082  -5.74991  1.000 36.59000 ?  1376 HOH A O   1 
HETATM 1068 O O   . HOH C 3 .   ? -15.83412 -0.51698  -9.69423  1.000 26.82000 ?  1377 HOH A O   1 
HETATM 1069 O O   . HOH C 3 .   ? -8.46173  1.23361   -10.36770 1.000 25.25000 ?  1378 HOH A O   1 
HETATM 1070 O O   . HOH C 3 .   ? -5.89671  -9.56757  -5.87307  1.000 23.69000 ?  1379 HOH A O   1 
HETATM 1071 O O   . HOH C 3 .   ? 0.06269   -12.37733 8.16992   1.000 29.62000 ?  1380 HOH A O   1 
HETATM 1072 O O   . HOH C 3 .   ? -9.00712  -0.83951  -8.83563  1.000 21.46000 ?  1381 HOH A O   1 
HETATM 1073 O O   . HOH C 3 .   ? 9.60946   -8.71101  -2.11580  1.000 29.20000 ?  1382 HOH A O   1 
HETATM 1074 O O   . HOH C 3 .   ? 11.96203  1.26204   -6.89867  1.000 27.67000 ?  1383 HOH A O   1 
HETATM 1075 O O   . HOH C 3 .   ? 0.63848   11.45814  -7.18061  1.000 33.95000 ?  1384 HOH A O   1 
HETATM 1076 O O   . HOH C 3 .   ? -17.91437 -5.29231  3.50703   1.000 27.74000 ?  1385 HOH A O   1 
HETATM 1077 O O   . HOH C 3 .   ? 7.21296   5.97980   13.52014  1.000 46.60000 ?  1386 HOH A O   1 
HETATM 1078 O O   . HOH C 3 .   ? -8.66252  -0.22627  13.84142  1.000 28.97000 ?  1387 HOH A O   1 
HETATM 1079 O O   . HOH C 3 .   ? -5.15585  -7.52870  -3.96516  1.000 22.94000 ?  1388 HOH A O   1 
HETATM 1080 O O   . HOH C 3 .   ? -2.53617  10.80707  10.07831  1.000 24.01000 ?  1389 HOH A O   1 
HETATM 1081 O O   . HOH C 3 .   ? 20.07367  4.23887   4.63847   1.000 34.03000 ?  1390 HOH A O   1 
HETATM 1082 O O   . HOH C 3 .   ? -20.61460 1.24408   2.56744   1.000 36.03000 ?  1391 HOH A O   1 
HETATM 1083 O O   . HOH C 3 .   ? 22.03411  -1.80609  -3.67999  1.000 43.73000 ?  1392 HOH A O   1 
HETATM 1084 O O   . HOH C 3 .   ? -6.77293  -10.75356 2.17626   1.000 20.73000 ?  1393 HOH A O   1 
HETATM 1085 O O   . HOH C 3 .   ? -18.50411 -2.21969  -3.69816  1.000 35.27000 ?  1394 HOH A O   1 
HETATM 1086 O O   . HOH C 3 .   ? 2.03130   -3.22325  -10.61570 1.000 28.99000 ?  1395 HOH A O   1 
HETATM 1087 O O   . HOH C 3 .   ? -7.40201  8.82144   -3.06465  1.000 28.69000 ?  1396 HOH A O   1 
HETATM 1088 O O   . HOH C 3 .   ? 4.76222   -10.92020 -9.03510  1.000 29.55000 ?  1397 HOH A O   1 
HETATM 1089 O O   . HOH C 3 .   ? -0.10651  -2.63506  15.89943  1.000 28.78000 ?  1398 HOH A O   1 
HETATM 1090 O O   . HOH C 3 .   ? -14.17586 2.19935   13.97622  1.000 31.34000 ?  1399 HOH A O   1 
HETATM 1091 O O   . HOH C 3 .   ? 7.59122   12.39946  -5.54061  1.000 30.29000 ?  1400 HOH A O   1 
HETATM 1092 O O   . HOH C 3 .   ? -6.23073  -12.60009 0.94209   1.000 33.55000 ?  1401 HOH A O   1 
HETATM 1093 O O   . HOH C 3 .   ? 6.18177   -6.80255  -9.26476  1.000 34.08000 ?  1402 HOH A O   1 
HETATM 1094 O O   . HOH C 3 .   ? -6.09651  8.77385   -5.27517  1.000 33.03000 ?  1403 HOH A O   1 
HETATM 1095 O O   . HOH C 3 .   ? 10.63989  9.24892   -14.51444 1.000 44.35000 ?  1404 HOH A O   1 
HETATM 1096 O O   . HOH C 3 .   ? -3.81078  -3.43278  18.33116  1.000 30.64000 ?  1405 HOH A O   1 
HETATM 1097 O O   . HOH C 3 .   ? 13.76000  -4.32584  9.02424   1.000 41.75000 ?  1406 HOH A O   1 
HETATM 1098 O O   . HOH C 3 .   ? 0.18303   -4.92279  17.98513  1.000 34.80000 ?  1407 HOH A O   1 
HETATM 1099 O O   . HOH C 3 .   ? 17.06651  6.74467   3.68820   1.000 36.38000 ?  1408 HOH A O   1 
HETATM 1100 O O   . HOH C 3 .   ? 13.33950  -6.17312  7.69183   1.000 44.02000 ?  1409 HOH A O   1 
HETATM 1101 O O   . HOH C 3 .   ? -7.47465  10.06115  14.08399  1.000 37.04000 ?  1410 HOH A O   1 
HETATM 1102 O O   . HOH C 3 .   ? 18.51675  9.49491   -4.63039  1.000 41.18000 ?  1411 HOH A O   1 
HETATM 1103 O O   . HOH C 3 .   ? -4.63624  -13.87523 13.14102  1.000 30.97000 ?  1412 HOH A O   1 
HETATM 1104 O O   . HOH C 3 .   ? 12.34662  11.05640  7.05212   1.000 39.87000 ?  1413 HOH A O   1 
HETATM 1105 O O   . HOH C 3 .   ? -3.22881  1.15899   -11.77220 1.000 34.76000 ?  1414 HOH A O   1 
HETATM 1106 O O   . HOH C 3 .   ? -16.23014 -10.91692 6.05374   1.000 37.92000 ?  1415 HOH A O   1 
HETATM 1107 O O   . HOH C 3 .   ? -11.35797 7.01103   10.29902  1.000 30.13000 ?  1416 HOH A O   1 
HETATM 1108 O O   . HOH C 3 .   ? 3.82882   -5.25690  -10.80926 1.000 34.61000 ?  1417 HOH A O   1 
HETATM 1109 O O   . HOH C 3 .   ? 2.39840   13.61054  9.75975   1.000 38.27000 ?  1418 HOH A O   1 
HETATM 1110 O O   . HOH C 3 .   ? -8.32338  3.71856   -7.17687  1.000 28.76000 ?  1419 HOH A O   1 
HETATM 1111 O O   . HOH C 3 .   ? 11.48853  14.11255  -13.83094 1.000 48.24000 ?  1420 HOH A O   1 
HETATM 1112 O O   . HOH C 3 .   ? -2.66274  4.44927   -9.07884  1.000 36.81000 ?  1421 HOH A O   1 
HETATM 1113 O O   . HOH C 3 .   ? -6.78178  -15.05264 0.89746   1.000 31.16000 ?  1422 HOH A O   1 
HETATM 1114 O O   . HOH C 3 .   ? -4.60220  -15.93130 -0.23359  1.000 36.00000 ?  1423 HOH A O   1 
HETATM 1115 O O   . HOH C 3 .   ? -14.93565 -15.68153 9.34663   1.000 32.26000 ?  1424 HOH A O   1 
HETATM 1116 O O   . HOH C 3 .   ? -18.10900 -9.68624  -15.92046 0.50  45.44000 ?  1425 HOH A O   1 
HETATM 1117 O O   . HOH C 3 .   ? 7.46685   -9.10846  4.60638   1.000 39.71000 ?  1426 HOH A O   1 
HETATM 1118 O O   . HOH C 3 .   ? 19.93587  5.84812   0.72303   1.000 36.80000 ?  1427 HOH A O   1 
HETATM 1119 O O   . HOH C 3 .   ? -0.79716  12.65427  10.76260  1.000 34.71000 ?  1428 HOH A O   1 
HETATM 1120 O O   . HOH C 3 .   ? -1.69021  -0.94323  -10.82259 1.000 29.31000 ?  1429 HOH A O   1 
HETATM 1121 O O   . HOH C 3 .   ? 10.49975  6.24847   7.89319   1.000 34.02000 ?  1430 HOH A O   1 
HETATM 1122 O O   . HOH C 3 .   ? -2.15526  -16.41818 1.77608   1.000 34.56000 ?  1431 HOH A O   1 
HETATM 1123 O O   . HOH C 3 .   ? 0.31140   -5.14449  -9.97106  1.000 28.56000 ?  1432 HOH A O   1 
HETATM 1124 O O   . HOH C 3 .   ? -10.07143 -15.84166 5.51759   1.000 45.26000 ?  1433 HOH A O   1 
HETATM 1125 O O   . HOH C 3 .   ? -0.90490  -14.79911 -1.28805  1.000 34.09000 ?  1434 HOH A O   1 
HETATM 1126 O O   . HOH C 3 .   ? 1.82509   -2.01052  -13.31729 1.000 31.74000 ?  1435 HOH A O   1 
HETATM 1127 O O   . HOH C 3 .   ? 20.16198  -1.32678  -6.89230  1.000 38.06000 ?  1436 HOH A O   1 
HETATM 1128 O O   . HOH C 3 .   ? -0.94591  -1.10334  -13.47583 1.000 35.24000 ?  1437 HOH A O   1 
HETATM 1129 O O   . HOH C 3 .   ? -8.23542  -16.33829 6.78004   1.000 31.66000 ?  1438 HOH A O   1 
HETATM 1130 O O   . HOH C 3 .   ? 13.94004  11.31661  -15.27210 1.000 41.86000 ?  1439 HOH A O   1 
HETATM 1131 O O   . HOH C 3 .   ? -20.17622 4.74640   8.41243   1.000 39.14000 ?  1440 HOH A O   1 
HETATM 1132 O O   . HOH C 3 .   ? 7.93515   -5.90201  6.14060   1.000 37.00000 ?  1441 HOH A O   1 
HETATM 1133 O O   . HOH C 3 .   ? 5.49199   14.16912  -5.99111  1.000 29.20000 ?  1442 HOH A O   1 
HETATM 1134 O O   . HOH C 3 .   ? 2.17289   15.31234  3.46667   1.000 32.78000 ?  1443 HOH A O   1 
HETATM 1135 O O   . HOH C 3 .   ? -1.71348  -17.95997 -2.23492  1.000 41.85000 ?  1444 HOH A O   1 
HETATM 1136 O O   . HOH C 3 .   ? -18.87281 -17.43109 -9.01108  0.50  39.50000 ?  1445 HOH A O   1 
# 
